data_6WSY
# 
_entry.id   6WSY 
# 
_audit_conform.dict_name       mmcif_pdbx.dic 
_audit_conform.dict_version    5.380 
_audit_conform.dict_location   http://mmcif.pdb.org/dictionaries/ascii/mmcif_pdbx.dic 
# 
loop_
_database_2.database_id 
_database_2.database_code 
_database_2.pdbx_database_accession 
_database_2.pdbx_DOI 
PDB   6WSY         pdb_00006wsy 10.2210/pdb6wsy/pdb 
WWPDB D_1000248890 ?            ?                   
# 
_pdbx_database_status.status_code                     REL 
_pdbx_database_status.status_code_sf                  REL 
_pdbx_database_status.status_code_mr                  ? 
_pdbx_database_status.entry_id                        6WSY 
_pdbx_database_status.recvd_initial_deposition_date   2020-05-01 
_pdbx_database_status.SG_entry                        N 
_pdbx_database_status.deposit_site                    RCSB 
_pdbx_database_status.process_site                    RCSB 
_pdbx_database_status.status_code_cs                  ? 
_pdbx_database_status.status_code_nmr_data            ? 
_pdbx_database_status.methods_development_category    ? 
_pdbx_database_status.pdb_format_compatible           Y 
# 
loop_
_audit_author.name 
_audit_author.pdbx_ordinal 
_audit_author.identifier_ORCID 
'Simmons, C.R.'      1 0000-0002-2290-6132 
'MacCulloch, T.'     2 0000-0001-5875-3361 
'Stephanopoulos, N.' 3 0000-0001-7859-410X 
'Yan, H.'            4 0000-0001-7397-9852 
# 
_citation.abstract                  ? 
_citation.abstract_id_CAS           ? 
_citation.book_id_ISBN              ? 
_citation.book_publisher            ? 
_citation.book_publisher_city       ? 
_citation.book_title                ? 
_citation.coordinate_linkage        ? 
_citation.country                   UK 
_citation.database_id_Medline       ? 
_citation.details                   ? 
_citation.id                        primary 
_citation.journal_abbrev            'Nat Commun' 
_citation.journal_id_ASTM           ? 
_citation.journal_id_CSD            ? 
_citation.journal_id_ISSN           2041-1723 
_citation.journal_full              ? 
_citation.journal_issue             ? 
_citation.journal_volume            13 
_citation.language                  ? 
_citation.page_first                3112 
_citation.page_last                 3112 
_citation.title                     'The influence of Holliday junction sequence and dynamics on DNA crystal self-assembly.' 
_citation.year                      2022 
_citation.database_id_CSD           ? 
_citation.pdbx_database_id_DOI      10.1038/s41467-022-30779-6 
_citation.pdbx_database_id_PubMed   35662248 
_citation.unpublished_flag          ? 
# 
loop_
_citation_author.citation_id 
_citation_author.name 
_citation_author.ordinal 
_citation_author.identifier_ORCID 
primary 'Simmons, C.R.'      1  ?                   
primary 'MacCulloch, T.'     2  ?                   
primary 'Krepl, M.'          3  0000-0002-9833-4281 
primary 'Matthies, M.'       4  ?                   
primary 'Buchberger, A.'     5  ?                   
primary 'Crawford, I.'       6  ?                   
primary 'Sponer, J.'         7  0000-0001-6558-6186 
primary 'Sulc, P.'           8  0000-0003-1565-6769 
primary 'Stephanopoulos, N.' 9  0000-0001-7859-410X 
primary 'Yan, H.'            10 0000-0001-7397-9852 
# 
_cell.angle_alpha                  90.000 
_cell.angle_alpha_esd              ? 
_cell.angle_beta                   90.000 
_cell.angle_beta_esd               ? 
_cell.angle_gamma                  120.000 
_cell.angle_gamma_esd              ? 
_cell.entry_id                     6WSY 
_cell.details                      ? 
_cell.formula_units_Z              ? 
_cell.length_a                     68.458 
_cell.length_a_esd                 ? 
_cell.length_b                     68.458 
_cell.length_b_esd                 ? 
_cell.length_c                     60.214 
_cell.length_c_esd                 ? 
_cell.volume                       ? 
_cell.volume_esd                   ? 
_cell.Z_PDB                        6 
_cell.reciprocal_angle_alpha       ? 
_cell.reciprocal_angle_beta        ? 
_cell.reciprocal_angle_gamma       ? 
_cell.reciprocal_angle_alpha_esd   ? 
_cell.reciprocal_angle_beta_esd    ? 
_cell.reciprocal_angle_gamma_esd   ? 
_cell.reciprocal_length_a          ? 
_cell.reciprocal_length_b          ? 
_cell.reciprocal_length_c          ? 
_cell.reciprocal_length_a_esd      ? 
_cell.reciprocal_length_b_esd      ? 
_cell.reciprocal_length_c_esd      ? 
_cell.pdbx_unique_axis             ? 
# 
_symmetry.entry_id                         6WSY 
_symmetry.cell_setting                     ? 
_symmetry.Int_Tables_number                154 
_symmetry.space_group_name_Hall            ? 
_symmetry.space_group_name_H-M             'P 32 2 1' 
_symmetry.pdbx_full_space_group_name_H-M   ? 
# 
loop_
_entity.id 
_entity.type 
_entity.src_method 
_entity.pdbx_description 
_entity.formula_weight 
_entity.pdbx_number_of_molecules 
_entity.pdbx_ec 
_entity.pdbx_mutation 
_entity.pdbx_fragment 
_entity.details 
1 polymer     syn 
;DNA (5'-D(*GP*AP*GP*CP*AP*GP*AP*CP*CP*TP*GP*AP*CP*AP*CP*CP*AP*CP*TP*CP*A)-3')
;
6386.152 1 ? ? ? ? 
2 polymer     syn 
;DNA (5'-D(P*TP*GP*TP*CP*A)-3')
;
1495.023 1 ? ? ? ? 
3 polymer     syn 
;DNA (5'-D(*TP*CP*TP*GP*AP*GP*TP*GP*G)-3')
;
2786.833 1 ? ? ? ? 
4 polymer     syn 
;DNA (5'-D(P*GP*GP*TP*CP*TP*GP*C)-3')
;
2129.409 1 ? ? ? ? 
5 non-polymer syn 'CACODYLATE ION'                                                                136.989  2 ? ? ? ? 
# 
loop_
_entity_poly.entity_id 
_entity_poly.type 
_entity_poly.nstd_linkage 
_entity_poly.nstd_monomer 
_entity_poly.pdbx_seq_one_letter_code 
_entity_poly.pdbx_seq_one_letter_code_can 
_entity_poly.pdbx_strand_id 
_entity_poly.pdbx_target_identifier 
1 polydeoxyribonucleotide no no 
;(DG)(DA)(DG)(DC)(DA)(DG)(DA)(DC)(DC)(DT)(DG)(DA)(DC)(DA)(DC)(DC)(DA)(DC)(DT)(DC)
(DA)
;
GAGCAGACCTGACACCACTCA A ? 
2 polydeoxyribonucleotide no no '(DT)(DG)(DT)(DC)(DA)'                                                                  TGTCA B ? 
3 polydeoxyribonucleotide no no '(DT)(DC)(DT)(DG)(DA)(DG)(DT)(DG)(DG)'                                                  TCTGAGTGG 
C ? 
4 polydeoxyribonucleotide no no '(DG)(DG)(DT)(DC)(DT)(DG)(DC)'                                                          GGTCTGC D 
? 
# 
loop_
_entity_poly_seq.entity_id 
_entity_poly_seq.num 
_entity_poly_seq.mon_id 
_entity_poly_seq.hetero 
1 1  DG n 
1 2  DA n 
1 3  DG n 
1 4  DC n 
1 5  DA n 
1 6  DG n 
1 7  DA n 
1 8  DC n 
1 9  DC n 
1 10 DT n 
1 11 DG n 
1 12 DA n 
1 13 DC n 
1 14 DA n 
1 15 DC n 
1 16 DC n 
1 17 DA n 
1 18 DC n 
1 19 DT n 
1 20 DC n 
1 21 DA n 
2 1  DT n 
2 2  DG n 
2 3  DT n 
2 4  DC n 
2 5  DA n 
3 1  DT n 
3 2  DC n 
3 3  DT n 
3 4  DG n 
3 5  DA n 
3 6  DG n 
3 7  DT n 
3 8  DG n 
3 9  DG n 
4 1  DG n 
4 2  DG n 
4 3  DT n 
4 4  DC n 
4 5  DT n 
4 6  DG n 
4 7  DC n 
# 
loop_
_pdbx_entity_src_syn.entity_id 
_pdbx_entity_src_syn.pdbx_src_id 
_pdbx_entity_src_syn.pdbx_alt_source_flag 
_pdbx_entity_src_syn.pdbx_beg_seq_num 
_pdbx_entity_src_syn.pdbx_end_seq_num 
_pdbx_entity_src_syn.organism_scientific 
_pdbx_entity_src_syn.organism_common_name 
_pdbx_entity_src_syn.ncbi_taxonomy_id 
_pdbx_entity_src_syn.details 
1 1 sample 1 21 'synthetic construct' ? 32630 ? 
2 1 sample 1 5  'synthetic construct' ? 32630 ? 
3 1 sample 1 9  'synthetic construct' ? 32630 ? 
4 1 sample 1 7  'synthetic construct' ? 32630 ? 
# 
loop_
_struct_ref.id 
_struct_ref.db_name 
_struct_ref.db_code 
_struct_ref.pdbx_db_accession 
_struct_ref.pdbx_db_isoform 
_struct_ref.entity_id 
_struct_ref.pdbx_seq_one_letter_code 
_struct_ref.pdbx_align_begin 
1 PDB 6WSY 6WSY ? 1 ? 1 
2 PDB 6WSY 6WSY ? 2 ? 1 
3 PDB 6WSY 6WSY ? 3 ? 1 
4 PDB 6WSY 6WSY ? 4 ? 1 
# 
loop_
_struct_ref_seq.align_id 
_struct_ref_seq.ref_id 
_struct_ref_seq.pdbx_PDB_id_code 
_struct_ref_seq.pdbx_strand_id 
_struct_ref_seq.seq_align_beg 
_struct_ref_seq.pdbx_seq_align_beg_ins_code 
_struct_ref_seq.seq_align_end 
_struct_ref_seq.pdbx_seq_align_end_ins_code 
_struct_ref_seq.pdbx_db_accession 
_struct_ref_seq.db_align_beg 
_struct_ref_seq.pdbx_db_align_beg_ins_code 
_struct_ref_seq.db_align_end 
_struct_ref_seq.pdbx_db_align_end_ins_code 
_struct_ref_seq.pdbx_auth_seq_align_beg 
_struct_ref_seq.pdbx_auth_seq_align_end 
1 1 6WSY A 1 ? 21 ? 6WSY 1  ? 21 ? 1  21 
2 2 6WSY B 1 ? 5  ? 6WSY 1  ? 5  ? 1  5  
3 3 6WSY C 1 ? 9  ? 6WSY 1  ? 9  ? 1  9  
4 4 6WSY D 1 ? 7  ? 6WSY 10 ? 16 ? 10 16 
# 
loop_
_chem_comp.id 
_chem_comp.type 
_chem_comp.mon_nstd_flag 
_chem_comp.name 
_chem_comp.pdbx_synonyms 
_chem_comp.formula 
_chem_comp.formula_weight 
CAC non-polymer   . 'CACODYLATE ION'                     dimethylarsinate 'C2 H6 As O2 -1'  136.989 
DA  'DNA linking' y "2'-DEOXYADENOSINE-5'-MONOPHOSPHATE" ?                'C10 H14 N5 O6 P' 331.222 
DC  'DNA linking' y "2'-DEOXYCYTIDINE-5'-MONOPHOSPHATE"  ?                'C9 H14 N3 O7 P'  307.197 
DG  'DNA linking' y "2'-DEOXYGUANOSINE-5'-MONOPHOSPHATE" ?                'C10 H14 N5 O7 P' 347.221 
DT  'DNA linking' y "THYMIDINE-5'-MONOPHOSPHATE"         ?                'C10 H15 N2 O8 P' 322.208 
# 
_exptl.absorpt_coefficient_mu     ? 
_exptl.absorpt_correction_T_max   ? 
_exptl.absorpt_correction_T_min   ? 
_exptl.absorpt_correction_type    ? 
_exptl.absorpt_process_details    ? 
_exptl.entry_id                   6WSY 
_exptl.crystals_number            1 
_exptl.details                    ? 
_exptl.method                     'X-RAY DIFFRACTION' 
_exptl.method_details             ? 
# 
_exptl_crystal.colour                      ? 
_exptl_crystal.density_diffrn              ? 
_exptl_crystal.density_Matthews            3.18 
_exptl_crystal.density_method              ? 
_exptl_crystal.density_percent_sol         61.35 
_exptl_crystal.description                 ? 
_exptl_crystal.F_000                       ? 
_exptl_crystal.id                          1 
_exptl_crystal.preparation                 ? 
_exptl_crystal.size_max                    ? 
_exptl_crystal.size_mid                    ? 
_exptl_crystal.size_min                    ? 
_exptl_crystal.size_rad                    ? 
_exptl_crystal.colour_lustre               ? 
_exptl_crystal.colour_modifier             ? 
_exptl_crystal.colour_primary              ? 
_exptl_crystal.density_meas                ? 
_exptl_crystal.density_meas_esd            ? 
_exptl_crystal.density_meas_gt             ? 
_exptl_crystal.density_meas_lt             ? 
_exptl_crystal.density_meas_temp           ? 
_exptl_crystal.density_meas_temp_esd       ? 
_exptl_crystal.density_meas_temp_gt        ? 
_exptl_crystal.density_meas_temp_lt        ? 
_exptl_crystal.pdbx_crystal_image_url      ? 
_exptl_crystal.pdbx_crystal_image_format   ? 
_exptl_crystal.pdbx_mosaicity              ? 
_exptl_crystal.pdbx_mosaicity_esd          ? 
# 
_exptl_crystal_grow.apparatus       ? 
_exptl_crystal_grow.atmosphere      ? 
_exptl_crystal_grow.crystal_id      1 
_exptl_crystal_grow.details         ? 
_exptl_crystal_grow.method          'VAPOR DIFFUSION, SITTING DROP' 
_exptl_crystal_grow.method_ref      ? 
_exptl_crystal_grow.pH              ? 
_exptl_crystal_grow.pressure        ? 
_exptl_crystal_grow.pressure_esd    ? 
_exptl_crystal_grow.seeding         ? 
_exptl_crystal_grow.seeding_ref     ? 
_exptl_crystal_grow.temp            298 
_exptl_crystal_grow.temp_details    'temperature gradient generated from 60 to 25 C at 0.3 degrees per hour' 
_exptl_crystal_grow.temp_esd        ? 
_exptl_crystal_grow.time            ? 
_exptl_crystal_grow.pdbx_details    
;0.5 mL of 0.05 M Cacodylate pH 6.5, 36 mM MgCl2, 2.25 mM spermine, and 5% PEG 400 was added to the reservoir with 2 uL added to the drop containing 4 uL of DNA stock
;
_exptl_crystal_grow.pdbx_pH_range   ? 
# 
_diffrn.ambient_environment              ? 
_diffrn.ambient_temp                     100 
_diffrn.ambient_temp_details             ? 
_diffrn.ambient_temp_esd                 ? 
_diffrn.crystal_id                       1 
_diffrn.crystal_support                  ? 
_diffrn.crystal_treatment                ? 
_diffrn.details                          ? 
_diffrn.id                               1 
_diffrn.ambient_pressure                 ? 
_diffrn.ambient_pressure_esd             ? 
_diffrn.ambient_pressure_gt              ? 
_diffrn.ambient_pressure_lt              ? 
_diffrn.ambient_temp_gt                  ? 
_diffrn.ambient_temp_lt                  ? 
_diffrn.pdbx_serial_crystal_experiment   N 
# 
_diffrn_detector.details                      ? 
_diffrn_detector.detector                     PIXEL 
_diffrn_detector.diffrn_id                    1 
_diffrn_detector.type                         'DECTRIS PILATUS3 6M' 
_diffrn_detector.area_resol_mean              ? 
_diffrn_detector.dtime                        ? 
_diffrn_detector.pdbx_frames_total            ? 
_diffrn_detector.pdbx_collection_time_total   ? 
_diffrn_detector.pdbx_collection_date         2018-05-15 
_diffrn_detector.pdbx_frequency               ? 
# 
_diffrn_radiation.collimation                      ? 
_diffrn_radiation.diffrn_id                        1 
_diffrn_radiation.filter_edge                      ? 
_diffrn_radiation.inhomogeneity                    ? 
_diffrn_radiation.monochromator                    ? 
_diffrn_radiation.polarisn_norm                    ? 
_diffrn_radiation.polarisn_ratio                   ? 
_diffrn_radiation.probe                            ? 
_diffrn_radiation.type                             ? 
_diffrn_radiation.xray_symbol                      ? 
_diffrn_radiation.wavelength_id                    1 
_diffrn_radiation.pdbx_monochromatic_or_laue_m_l   M 
_diffrn_radiation.pdbx_wavelength_list             ? 
_diffrn_radiation.pdbx_wavelength                  ? 
_diffrn_radiation.pdbx_diffrn_protocol             'SINGLE WAVELENGTH' 
_diffrn_radiation.pdbx_analyzer                    ? 
_diffrn_radiation.pdbx_scattering_type             x-ray 
# 
_diffrn_radiation_wavelength.id           1 
_diffrn_radiation_wavelength.wavelength   1.0 
_diffrn_radiation_wavelength.wt           1.0 
# 
_diffrn_source.current                     ? 
_diffrn_source.details                     ? 
_diffrn_source.diffrn_id                   1 
_diffrn_source.power                       ? 
_diffrn_source.size                        ? 
_diffrn_source.source                      SYNCHROTRON 
_diffrn_source.target                      ? 
_diffrn_source.type                        'ALS BEAMLINE 5.0.2' 
_diffrn_source.voltage                     ? 
_diffrn_source.take-off_angle              ? 
_diffrn_source.pdbx_wavelength_list        1.0 
_diffrn_source.pdbx_wavelength             ? 
_diffrn_source.pdbx_synchrotron_beamline   5.0.2 
_diffrn_source.pdbx_synchrotron_site       ALS 
# 
_reflns.B_iso_Wilson_estimate            86.960 
_reflns.entry_id                         6WSY 
_reflns.data_reduction_details           ? 
_reflns.data_reduction_method            ? 
_reflns.d_resolution_high                3.050 
_reflns.d_resolution_low                 50.000 
_reflns.details                          ? 
_reflns.limit_h_max                      ? 
_reflns.limit_h_min                      ? 
_reflns.limit_k_max                      ? 
_reflns.limit_k_min                      ? 
_reflns.limit_l_max                      ? 
_reflns.limit_l_min                      ? 
_reflns.number_all                       ? 
_reflns.number_obs                       3313 
_reflns.observed_criterion               ? 
_reflns.observed_criterion_F_max         ? 
_reflns.observed_criterion_F_min         ? 
_reflns.observed_criterion_I_max         ? 
_reflns.observed_criterion_I_min         ? 
_reflns.observed_criterion_sigma_F       ? 
_reflns.observed_criterion_sigma_I       ? 
_reflns.percent_possible_obs             99.900 
_reflns.R_free_details                   ? 
_reflns.Rmerge_F_all                     ? 
_reflns.Rmerge_F_obs                     ? 
_reflns.Friedel_coverage                 ? 
_reflns.number_gt                        ? 
_reflns.threshold_expression             ? 
_reflns.pdbx_redundancy                  18.700 
_reflns.pdbx_Rmerge_I_obs                0.054 
_reflns.pdbx_Rmerge_I_all                ? 
_reflns.pdbx_Rsym_value                  ? 
_reflns.pdbx_netI_over_av_sigmaI         ? 
_reflns.pdbx_netI_over_sigmaI            7.300 
_reflns.pdbx_res_netI_over_av_sigmaI_2   ? 
_reflns.pdbx_res_netI_over_sigmaI_2      ? 
_reflns.pdbx_chi_squared                 0.597 
_reflns.pdbx_scaling_rejects             ? 
_reflns.pdbx_d_res_high_opt              ? 
_reflns.pdbx_d_res_low_opt               ? 
_reflns.pdbx_d_res_opt_method            ? 
_reflns.phase_calculation_details        ? 
_reflns.pdbx_Rrim_I_all                  0.056 
_reflns.pdbx_Rpim_I_all                  0.013 
_reflns.pdbx_d_opt                       ? 
_reflns.pdbx_number_measured_all         61900 
_reflns.pdbx_diffrn_id                   1 
_reflns.pdbx_ordinal                     1 
_reflns.pdbx_CC_half                     ? 
_reflns.pdbx_CC_star                     ? 
_reflns.pdbx_R_split                     ? 
# 
loop_
_reflns_shell.d_res_high 
_reflns_shell.d_res_low 
_reflns_shell.meanI_over_sigI_all 
_reflns_shell.meanI_over_sigI_obs 
_reflns_shell.number_measured_all 
_reflns_shell.number_measured_obs 
_reflns_shell.number_possible 
_reflns_shell.number_unique_all 
_reflns_shell.number_unique_obs 
_reflns_shell.percent_possible_all 
_reflns_shell.percent_possible_obs 
_reflns_shell.Rmerge_F_all 
_reflns_shell.Rmerge_F_obs 
_reflns_shell.Rmerge_I_all 
_reflns_shell.Rmerge_I_obs 
_reflns_shell.meanI_over_sigI_gt 
_reflns_shell.meanI_over_uI_all 
_reflns_shell.meanI_over_uI_gt 
_reflns_shell.number_measured_gt 
_reflns_shell.number_unique_gt 
_reflns_shell.percent_possible_gt 
_reflns_shell.Rmerge_F_gt 
_reflns_shell.Rmerge_I_gt 
_reflns_shell.pdbx_redundancy 
_reflns_shell.pdbx_Rsym_value 
_reflns_shell.pdbx_chi_squared 
_reflns_shell.pdbx_netI_over_sigmaI_all 
_reflns_shell.pdbx_netI_over_sigmaI_obs 
_reflns_shell.pdbx_Rrim_I_all 
_reflns_shell.pdbx_Rpim_I_all 
_reflns_shell.pdbx_rejects 
_reflns_shell.pdbx_ordinal 
_reflns_shell.pdbx_diffrn_id 
_reflns_shell.pdbx_CC_half 
_reflns_shell.pdbx_CC_star 
_reflns_shell.pdbx_R_split 
3.050 3.100  ? ? ? ? ? ? 164 99.400  ? ? ? ? 0.920 ? ? ? ? ? ? ? ? 15.900 ? 0.425 ? ? 0.950 0.232 ? 1  1 0.905 ? ? 
3.100 3.160  ? ? ? ? ? ? 154 100.000 ? ? ? ? 0.561 ? ? ? ? ? ? ? ? 16.600 ? 0.431 ? ? 0.579 0.139 ? 2  1 0.979 ? ? 
3.160 3.220  ? ? ? ? ? ? 166 100.000 ? ? ? ? 0.203 ? ? ? ? ? ? ? ? 18.000 ? 0.460 ? ? 0.209 0.048 ? 3  1 0.998 ? ? 
3.220 3.290  ? ? ? ? ? ? 159 100.000 ? ? ? ? 0.146 ? ? ? ? ? ? ? ? 19.100 ? 0.506 ? ? 0.150 0.033 ? 4  1 0.999 ? ? 
3.290 3.360  ? ? ? ? ? ? 160 100.000 ? ? ? ? 0.214 ? ? ? ? ? ? ? ? 19.900 ? 0.481 ? ? 0.219 0.048 ? 5  1 0.997 ? ? 
3.360 3.430  ? ? ? ? ? ? 158 100.000 ? ? ? ? 0.191 ? ? ? ? ? ? ? ? 20.200 ? 0.482 ? ? 0.196 0.043 ? 6  1 0.998 ? ? 
3.430 3.520  ? ? ? ? ? ? 171 100.000 ? ? ? ? 0.193 ? ? ? ? ? ? ? ? 19.700 ? 0.503 ? ? 0.198 0.044 ? 7  1 0.998 ? ? 
3.520 3.620  ? ? ? ? ? ? 158 100.000 ? ? ? ? 0.166 ? ? ? ? ? ? ? ? 20.100 ? 0.525 ? ? 0.170 0.037 ? 8  1 0.998 ? ? 
3.620 3.720  ? ? ? ? ? ? 161 100.000 ? ? ? ? 0.190 ? ? ? ? ? ? ? ? 19.000 ? 0.506 ? ? 0.195 0.044 ? 9  1 0.994 ? ? 
3.720 3.840  ? ? ? ? ? ? 167 100.000 ? ? ? ? 0.140 ? ? ? ? ? ? ? ? 18.000 ? 0.498 ? ? 0.144 0.034 ? 10 1 0.997 ? ? 
3.840 3.980  ? ? ? ? ? ? 161 100.000 ? ? ? ? 0.121 ? ? ? ? ? ? ? ? 18.900 ? 0.556 ? ? 0.124 0.029 ? 11 1 0.998 ? ? 
3.980 4.140  ? ? ? ? ? ? 161 100.000 ? ? ? ? 0.099 ? ? ? ? ? ? ? ? 19.600 ? 0.620 ? ? 0.102 0.023 ? 12 1 0.998 ? ? 
4.140 4.330  ? ? ? ? ? ? 174 100.000 ? ? ? ? 0.083 ? ? ? ? ? ? ? ? 19.400 ? 0.625 ? ? 0.085 0.019 ? 13 1 0.998 ? ? 
4.330 4.560  ? ? ? ? ? ? 167 100.000 ? ? ? ? 0.077 ? ? ? ? ? ? ? ? 20.100 ? 0.601 ? ? 0.078 0.017 ? 14 1 0.999 ? ? 
4.560 4.840  ? ? ? ? ? ? 156 100.000 ? ? ? ? 0.069 ? ? ? ? ? ? ? ? 19.000 ? 0.647 ? ? 0.071 0.016 ? 15 1 0.999 ? ? 
4.840 5.210  ? ? ? ? ? ? 164 100.000 ? ? ? ? 0.053 ? ? ? ? ? ? ? ? 18.400 ? 0.731 ? ? 0.054 0.013 ? 16 1 0.999 ? ? 
5.210 5.740  ? ? ? ? ? ? 173 100.000 ? ? ? ? 0.045 ? ? ? ? ? ? ? ? 19.100 ? 0.835 ? ? 0.046 0.010 ? 17 1 0.999 ? ? 
5.740 6.570  ? ? ? ? ? ? 174 100.000 ? ? ? ? 0.044 ? ? ? ? ? ? ? ? 19.100 ? 0.770 ? ? 0.045 0.010 ? 18 1 1.000 ? ? 
6.570 8.270  ? ? ? ? ? ? 176 100.000 ? ? ? ? 0.038 ? ? ? ? ? ? ? ? 17.500 ? 0.849 ? ? 0.039 0.010 ? 19 1 1.000 ? ? 
8.270 50.000 ? ? ? ? ? ? 189 99.000  ? ? ? ? 0.030 ? ? ? ? ? ? ? ? 16.400 ? 0.815 ? ? 0.032 0.009 ? 20 1 1.000 ? ? 
# 
_refine.aniso_B[1][1]                            ? 
_refine.aniso_B[1][2]                            ? 
_refine.aniso_B[1][3]                            ? 
_refine.aniso_B[2][2]                            ? 
_refine.aniso_B[2][3]                            ? 
_refine.aniso_B[3][3]                            ? 
_refine.B_iso_max                                176.240 
_refine.B_iso_mean                               97.7909 
_refine.B_iso_min                                49.320 
_refine.correlation_coeff_Fo_to_Fc               ? 
_refine.correlation_coeff_Fo_to_Fc_free          ? 
_refine.details                                  ? 
_refine.diff_density_max                         ? 
_refine.diff_density_max_esd                     ? 
_refine.diff_density_min                         ? 
_refine.diff_density_min_esd                     ? 
_refine.diff_density_rms                         ? 
_refine.diff_density_rms_esd                     ? 
_refine.entry_id                                 6WSY 
_refine.pdbx_refine_id                           'X-RAY DIFFRACTION' 
_refine.ls_abs_structure_details                 ? 
_refine.ls_abs_structure_Flack                   ? 
_refine.ls_abs_structure_Flack_esd               ? 
_refine.ls_abs_structure_Rogers                  ? 
_refine.ls_abs_structure_Rogers_esd              ? 
_refine.ls_d_res_high                            3.0530 
_refine.ls_d_res_low                             42.2460 
_refine.ls_extinction_coef                       ? 
_refine.ls_extinction_coef_esd                   ? 
_refine.ls_extinction_expression                 ? 
_refine.ls_extinction_method                     ? 
_refine.ls_goodness_of_fit_all                   ? 
_refine.ls_goodness_of_fit_all_esd               ? 
_refine.ls_goodness_of_fit_obs                   ? 
_refine.ls_goodness_of_fit_obs_esd               ? 
_refine.ls_hydrogen_treatment                    ? 
_refine.ls_matrix_type                           ? 
_refine.ls_number_constraints                    ? 
_refine.ls_number_parameters                     ? 
_refine.ls_number_reflns_all                     ? 
_refine.ls_number_reflns_obs                     3254 
_refine.ls_number_reflns_R_free                  161 
_refine.ls_number_reflns_R_work                  3093 
_refine.ls_number_restraints                     ? 
_refine.ls_percent_reflns_obs                    98.4900 
_refine.ls_percent_reflns_R_free                 4.9500 
_refine.ls_R_factor_all                          ? 
_refine.ls_R_factor_obs                          0.2200 
_refine.ls_R_factor_R_free                       0.2545 
_refine.ls_R_factor_R_free_error                 ? 
_refine.ls_R_factor_R_free_error_details         ? 
_refine.ls_R_factor_R_work                       0.2178 
_refine.ls_R_Fsqd_factor_obs                     ? 
_refine.ls_R_I_factor_obs                        ? 
_refine.ls_redundancy_reflns_all                 ? 
_refine.ls_redundancy_reflns_obs                 ? 
_refine.ls_restrained_S_all                      ? 
_refine.ls_restrained_S_obs                      ? 
_refine.ls_shift_over_esd_max                    ? 
_refine.ls_shift_over_esd_mean                   ? 
_refine.ls_structure_factor_coef                 ? 
_refine.ls_weighting_details                     ? 
_refine.ls_weighting_scheme                      ? 
_refine.ls_wR_factor_all                         ? 
_refine.ls_wR_factor_obs                         ? 
_refine.ls_wR_factor_R_free                      ? 
_refine.ls_wR_factor_R_work                      ? 
_refine.occupancy_max                            ? 
_refine.occupancy_min                            ? 
_refine.solvent_model_details                    'FLAT BULK SOLVENT MODEL' 
_refine.solvent_model_param_bsol                 ? 
_refine.solvent_model_param_ksol                 ? 
_refine.pdbx_R_complete                          ? 
_refine.ls_R_factor_gt                           ? 
_refine.ls_goodness_of_fit_gt                    ? 
_refine.ls_goodness_of_fit_ref                   ? 
_refine.ls_shift_over_su_max                     ? 
_refine.ls_shift_over_su_max_lt                  ? 
_refine.ls_shift_over_su_mean                    ? 
_refine.ls_shift_over_su_mean_lt                 ? 
_refine.pdbx_ls_sigma_I                          ? 
_refine.pdbx_ls_sigma_F                          2.070 
_refine.pdbx_ls_sigma_Fsqd                       ? 
_refine.pdbx_data_cutoff_high_absF               ? 
_refine.pdbx_data_cutoff_high_rms_absF           ? 
_refine.pdbx_data_cutoff_low_absF                ? 
_refine.pdbx_isotropic_thermal_model             ? 
_refine.pdbx_ls_cross_valid_method               THROUGHOUT 
_refine.pdbx_method_to_determine_struct          'MOLECULAR REPLACEMENT' 
_refine.pdbx_starting_model                      5KEK 
_refine.pdbx_stereochemistry_target_values       ML 
_refine.pdbx_R_Free_selection_details            ? 
_refine.pdbx_stereochem_target_val_spec_case     ? 
_refine.pdbx_overall_ESU_R                       ? 
_refine.pdbx_overall_ESU_R_Free                  ? 
_refine.pdbx_solvent_vdw_probe_radii             1.1100 
_refine.pdbx_solvent_ion_probe_radii             ? 
_refine.pdbx_solvent_shrinkage_radii             0.9000 
_refine.pdbx_real_space_R                        ? 
_refine.pdbx_density_correlation                 ? 
_refine.pdbx_pd_number_of_powder_patterns        ? 
_refine.pdbx_pd_number_of_points                 ? 
_refine.pdbx_pd_meas_number_of_points            ? 
_refine.pdbx_pd_proc_ls_prof_R_factor            ? 
_refine.pdbx_pd_proc_ls_prof_wR_factor           ? 
_refine.pdbx_pd_Marquardt_correlation_coeff      ? 
_refine.pdbx_pd_Fsqrd_R_factor                   ? 
_refine.pdbx_pd_ls_matrix_band_width             ? 
_refine.pdbx_overall_phase_error                 23.6600 
_refine.pdbx_overall_SU_R_free_Cruickshank_DPI   ? 
_refine.pdbx_overall_SU_R_free_Blow_DPI          ? 
_refine.pdbx_overall_SU_R_Blow_DPI               ? 
_refine.pdbx_TLS_residual_ADP_flag               ? 
_refine.pdbx_diffrn_id                           1 
_refine.overall_SU_B                             ? 
_refine.overall_SU_ML                            0.1800 
_refine.overall_SU_R_Cruickshank_DPI             ? 
_refine.overall_SU_R_free                        ? 
_refine.overall_FOM_free_R_set                   ? 
_refine.overall_FOM_work_R_set                   ? 
_refine.pdbx_average_fsc_overall                 ? 
_refine.pdbx_average_fsc_work                    ? 
_refine.pdbx_average_fsc_free                    ? 
# 
_refine_hist.pdbx_refine_id                   'X-RAY DIFFRACTION' 
_refine_hist.cycle_id                         final 
_refine_hist.details                          ? 
_refine_hist.d_res_high                       3.0530 
_refine_hist.d_res_low                        42.2460 
_refine_hist.number_atoms_solvent             0 
_refine_hist.number_atoms_total               857 
_refine_hist.number_reflns_all                ? 
_refine_hist.number_reflns_obs                ? 
_refine_hist.number_reflns_R_free             ? 
_refine_hist.number_reflns_R_work             ? 
_refine_hist.R_factor_all                     ? 
_refine_hist.R_factor_obs                     ? 
_refine_hist.R_factor_R_free                  ? 
_refine_hist.R_factor_R_work                  ? 
_refine_hist.pdbx_number_residues_total       42 
_refine_hist.pdbx_B_iso_mean_ligand           166.33 
_refine_hist.pdbx_B_iso_mean_solvent          ? 
_refine_hist.pdbx_number_atoms_protein        0 
_refine_hist.pdbx_number_atoms_nucleic_acid   855 
_refine_hist.pdbx_number_atoms_ligand         2 
_refine_hist.pdbx_number_atoms_lipid          ? 
_refine_hist.pdbx_number_atoms_carb           ? 
_refine_hist.pdbx_pseudo_atom_details         ? 
# 
loop_
_refine_ls_restr.pdbx_refine_id 
_refine_ls_restr.criterion 
_refine_ls_restr.dev_ideal 
_refine_ls_restr.dev_ideal_target 
_refine_ls_restr.number 
_refine_ls_restr.rejects 
_refine_ls_restr.type 
_refine_ls_restr.weight 
_refine_ls_restr.pdbx_restraint_function 
'X-RAY DIFFRACTION' ? 0.007  ? 956  ? f_bond_d           ? ? 
'X-RAY DIFFRACTION' ? 0.753  ? 1467 ? f_angle_d          ? ? 
'X-RAY DIFFRACTION' ? 0.039  ? 166  ? f_chiral_restr     ? ? 
'X-RAY DIFFRACTION' ? 0.005  ? 42   ? f_plane_restr      ? ? 
'X-RAY DIFFRACTION' ? 34.383 ? 406  ? f_dihedral_angle_d ? ? 
# 
_refine_ls_shell.pdbx_refine_id                   'X-RAY DIFFRACTION' 
_refine_ls_shell.d_res_high                       3.053 
_refine_ls_shell.d_res_low                        42.2460 
_refine_ls_shell.number_reflns_all                ? 
_refine_ls_shell.number_reflns_obs                ? 
_refine_ls_shell.number_reflns_R_free             161 
_refine_ls_shell.number_reflns_R_work             3093 
_refine_ls_shell.percent_reflns_obs               98.0000 
_refine_ls_shell.percent_reflns_R_free            ? 
_refine_ls_shell.R_factor_all                     ? 
_refine_ls_shell.R_factor_obs                     ? 
_refine_ls_shell.R_factor_R_free                  0.2545 
_refine_ls_shell.R_factor_R_free_error            0.0000 
_refine_ls_shell.R_factor_R_work                  0.2178 
_refine_ls_shell.redundancy_reflns_all            ? 
_refine_ls_shell.redundancy_reflns_obs            ? 
_refine_ls_shell.wR_factor_all                    ? 
_refine_ls_shell.wR_factor_obs                    ? 
_refine_ls_shell.wR_factor_R_free                 ? 
_refine_ls_shell.wR_factor_R_work                 ? 
_refine_ls_shell.pdbx_R_complete                  ? 
_refine_ls_shell.pdbx_total_number_of_bins_used   ? 
_refine_ls_shell.pdbx_phase_error                 ? 
_refine_ls_shell.pdbx_fsc_work                    ? 
_refine_ls_shell.pdbx_fsc_free                    ? 
# 
_struct.entry_id                     6WSY 
_struct.title                        
'Self-assembly of a 3D DNA crystal lattice (4x5 duplex version) containing the J23 immobile Holliday junction' 
_struct.pdbx_model_details           ? 
_struct.pdbx_formula_weight          ? 
_struct.pdbx_formula_weight_method   ? 
_struct.pdbx_model_type_details      ? 
_struct.pdbx_CASP_flag               N 
# 
_struct_keywords.entry_id        6WSY 
_struct_keywords.text            
'Structural DNA nanotechnology, immobile Holliday junctions, 3D DNA self-assembly, designer DNA crystals, DNA' 
_struct_keywords.pdbx_keywords   DNA 
# 
loop_
_struct_asym.id 
_struct_asym.pdbx_blank_PDB_chainid_flag 
_struct_asym.pdbx_modified 
_struct_asym.entity_id 
_struct_asym.details 
A N N 1 ? 
B N N 2 ? 
C N N 3 ? 
D N N 4 ? 
E N N 5 ? 
F N N 5 ? 
# 
loop_
_struct_conn.id 
_struct_conn.conn_type_id 
_struct_conn.pdbx_leaving_atom_flag 
_struct_conn.pdbx_PDB_id 
_struct_conn.ptnr1_label_asym_id 
_struct_conn.ptnr1_label_comp_id 
_struct_conn.ptnr1_label_seq_id 
_struct_conn.ptnr1_label_atom_id 
_struct_conn.pdbx_ptnr1_label_alt_id 
_struct_conn.pdbx_ptnr1_PDB_ins_code 
_struct_conn.pdbx_ptnr1_standard_comp_id 
_struct_conn.ptnr1_symmetry 
_struct_conn.ptnr2_label_asym_id 
_struct_conn.ptnr2_label_comp_id 
_struct_conn.ptnr2_label_seq_id 
_struct_conn.ptnr2_label_atom_id 
_struct_conn.pdbx_ptnr2_label_alt_id 
_struct_conn.pdbx_ptnr2_PDB_ins_code 
_struct_conn.ptnr1_auth_asym_id 
_struct_conn.ptnr1_auth_comp_id 
_struct_conn.ptnr1_auth_seq_id 
_struct_conn.ptnr2_auth_asym_id 
_struct_conn.ptnr2_auth_comp_id 
_struct_conn.ptnr2_auth_seq_id 
_struct_conn.ptnr2_symmetry 
_struct_conn.pdbx_ptnr3_label_atom_id 
_struct_conn.pdbx_ptnr3_label_seq_id 
_struct_conn.pdbx_ptnr3_label_comp_id 
_struct_conn.pdbx_ptnr3_label_asym_id 
_struct_conn.pdbx_ptnr3_label_alt_id 
_struct_conn.pdbx_ptnr3_PDB_ins_code 
_struct_conn.details 
_struct_conn.pdbx_dist_value 
_struct_conn.pdbx_value_order 
_struct_conn.pdbx_role 
hydrog1  hydrog ? ? A DG 3  N1 ? ? ? 1_555 D DC 7 N3 ? ? A DG 3  D DC 16 1_555 ? ? ? ? ? ? WATSON-CRICK ? ? ? 
hydrog2  hydrog ? ? A DG 3  N2 ? ? ? 1_555 D DC 7 O2 ? ? A DG 3  D DC 16 1_555 ? ? ? ? ? ? WATSON-CRICK ? ? ? 
hydrog3  hydrog ? ? A DG 3  O6 ? ? ? 1_555 D DC 7 N4 ? ? A DG 3  D DC 16 1_555 ? ? ? ? ? ? WATSON-CRICK ? ? ? 
hydrog4  hydrog ? ? A DC 4  N3 ? ? ? 1_555 D DG 6 N2 ? ? A DC 4  D DG 15 1_555 ? ? ? ? ? ? 'DC-DG PAIR' ? ? ? 
hydrog5  hydrog ? ? A DA 5  N1 ? ? ? 1_555 D DT 5 N3 ? ? A DA 5  D DT 14 1_555 ? ? ? ? ? ? WATSON-CRICK ? ? ? 
hydrog6  hydrog ? ? A DA 5  N6 ? ? ? 1_555 D DT 5 O4 ? ? A DA 5  D DT 14 1_555 ? ? ? ? ? ? WATSON-CRICK ? ? ? 
hydrog7  hydrog ? ? A DG 6  N1 ? ? ? 1_555 D DC 4 N3 ? ? A DG 6  D DC 13 1_555 ? ? ? ? ? ? WATSON-CRICK ? ? ? 
hydrog8  hydrog ? ? A DG 6  N2 ? ? ? 1_555 D DC 4 O2 ? ? A DG 6  D DC 13 1_555 ? ? ? ? ? ? WATSON-CRICK ? ? ? 
hydrog9  hydrog ? ? A DG 6  O6 ? ? ? 1_555 D DC 4 N4 ? ? A DG 6  D DC 13 1_555 ? ? ? ? ? ? WATSON-CRICK ? ? ? 
hydrog10 hydrog ? ? A DA 7  N1 ? ? ? 1_555 D DT 3 N3 ? ? A DA 7  D DT 12 1_555 ? ? ? ? ? ? WATSON-CRICK ? ? ? 
hydrog11 hydrog ? ? A DA 7  N6 ? ? ? 1_555 D DT 3 O4 ? ? A DA 7  D DT 12 1_555 ? ? ? ? ? ? WATSON-CRICK ? ? ? 
hydrog12 hydrog ? ? A DC 8  N3 ? ? ? 1_555 D DG 2 N1 ? ? A DC 8  D DG 11 1_555 ? ? ? ? ? ? WATSON-CRICK ? ? ? 
hydrog13 hydrog ? ? A DC 8  N4 ? ? ? 1_555 D DG 2 O6 ? ? A DC 8  D DG 11 1_555 ? ? ? ? ? ? WATSON-CRICK ? ? ? 
hydrog14 hydrog ? ? A DC 8  O2 ? ? ? 1_555 D DG 2 N2 ? ? A DC 8  D DG 11 1_555 ? ? ? ? ? ? WATSON-CRICK ? ? ? 
hydrog15 hydrog ? ? A DC 9  N3 ? ? ? 1_555 D DG 1 N1 ? ? A DC 9  D DG 10 1_555 ? ? ? ? ? ? WATSON-CRICK ? ? ? 
hydrog16 hydrog ? ? A DC 9  N4 ? ? ? 1_555 D DG 1 O6 ? ? A DC 9  D DG 10 1_555 ? ? ? ? ? ? WATSON-CRICK ? ? ? 
hydrog17 hydrog ? ? A DC 9  O2 ? ? ? 1_555 D DG 1 N2 ? ? A DC 9  D DG 10 1_555 ? ? ? ? ? ? WATSON-CRICK ? ? ? 
hydrog18 hydrog ? ? A DT 10 N3 ? ? ? 1_555 B DA 5 N1 ? ? A DT 10 B DA 5  1_555 ? ? ? ? ? ? WATSON-CRICK ? ? ? 
hydrog19 hydrog ? ? A DT 10 O4 ? ? ? 1_555 B DA 5 N6 ? ? A DT 10 B DA 5  1_555 ? ? ? ? ? ? WATSON-CRICK ? ? ? 
hydrog20 hydrog ? ? A DG 11 N1 ? ? ? 1_555 B DC 4 N3 ? ? A DG 11 B DC 4  1_555 ? ? ? ? ? ? WATSON-CRICK ? ? ? 
hydrog21 hydrog ? ? A DG 11 N2 ? ? ? 1_555 B DC 4 O2 ? ? A DG 11 B DC 4  1_555 ? ? ? ? ? ? WATSON-CRICK ? ? ? 
hydrog22 hydrog ? ? A DG 11 O6 ? ? ? 1_555 B DC 4 N4 ? ? A DG 11 B DC 4  1_555 ? ? ? ? ? ? WATSON-CRICK ? ? ? 
hydrog23 hydrog ? ? A DA 12 N1 ? ? ? 1_555 B DT 3 N3 ? ? A DA 12 B DT 3  1_555 ? ? ? ? ? ? WATSON-CRICK ? ? ? 
hydrog24 hydrog ? ? A DA 12 N6 ? ? ? 1_555 B DT 3 O4 ? ? A DA 12 B DT 3  1_555 ? ? ? ? ? ? WATSON-CRICK ? ? ? 
hydrog25 hydrog ? ? A DC 13 N3 ? ? ? 1_555 B DG 2 N1 ? ? A DC 13 B DG 2  1_555 ? ? ? ? ? ? WATSON-CRICK ? ? ? 
hydrog26 hydrog ? ? A DC 13 N4 ? ? ? 1_555 B DG 2 O6 ? ? A DC 13 B DG 2  1_555 ? ? ? ? ? ? WATSON-CRICK ? ? ? 
hydrog27 hydrog ? ? A DC 13 O2 ? ? ? 1_555 B DG 2 N2 ? ? A DC 13 B DG 2  1_555 ? ? ? ? ? ? WATSON-CRICK ? ? ? 
hydrog28 hydrog ? ? A DA 14 N1 ? ? ? 1_555 B DT 1 N3 ? ? A DA 14 B DT 1  1_555 ? ? ? ? ? ? WATSON-CRICK ? ? ? 
hydrog29 hydrog ? ? A DA 14 N6 ? ? ? 1_555 B DT 1 O4 ? ? A DA 14 B DT 1  1_555 ? ? ? ? ? ? WATSON-CRICK ? ? ? 
hydrog30 hydrog ? ? A DC 15 N3 ? ? ? 1_555 C DG 9 N1 ? ? A DC 15 C DG 9  1_555 ? ? ? ? ? ? WATSON-CRICK ? ? ? 
hydrog31 hydrog ? ? A DC 15 N4 ? ? ? 1_555 C DG 9 O6 ? ? A DC 15 C DG 9  1_555 ? ? ? ? ? ? WATSON-CRICK ? ? ? 
hydrog32 hydrog ? ? A DC 15 O2 ? ? ? 1_555 C DG 9 N2 ? ? A DC 15 C DG 9  1_555 ? ? ? ? ? ? WATSON-CRICK ? ? ? 
hydrog33 hydrog ? ? A DC 16 N3 ? ? ? 1_555 C DG 8 N1 ? ? A DC 16 C DG 8  1_555 ? ? ? ? ? ? WATSON-CRICK ? ? ? 
hydrog34 hydrog ? ? A DC 16 N4 ? ? ? 1_555 C DG 8 O6 ? ? A DC 16 C DG 8  1_555 ? ? ? ? ? ? WATSON-CRICK ? ? ? 
hydrog35 hydrog ? ? A DC 16 O2 ? ? ? 1_555 C DG 8 N2 ? ? A DC 16 C DG 8  1_555 ? ? ? ? ? ? WATSON-CRICK ? ? ? 
hydrog36 hydrog ? ? A DA 17 N1 ? ? ? 1_555 C DT 7 N3 ? ? A DA 17 C DT 7  1_555 ? ? ? ? ? ? WATSON-CRICK ? ? ? 
hydrog37 hydrog ? ? A DA 17 N6 ? ? ? 1_555 C DT 7 O4 ? ? A DA 17 C DT 7  1_555 ? ? ? ? ? ? WATSON-CRICK ? ? ? 
hydrog38 hydrog ? ? A DC 18 N3 ? ? ? 1_555 C DG 6 N1 ? ? A DC 18 C DG 6  1_555 ? ? ? ? ? ? WATSON-CRICK ? ? ? 
hydrog39 hydrog ? ? A DC 18 N4 ? ? ? 1_555 C DG 6 O6 ? ? A DC 18 C DG 6  1_555 ? ? ? ? ? ? WATSON-CRICK ? ? ? 
hydrog40 hydrog ? ? A DC 18 O2 ? ? ? 1_555 C DG 6 N2 ? ? A DC 18 C DG 6  1_555 ? ? ? ? ? ? WATSON-CRICK ? ? ? 
hydrog41 hydrog ? ? A DT 19 N3 ? ? ? 1_555 C DA 5 N1 ? ? A DT 19 C DA 5  1_555 ? ? ? ? ? ? WATSON-CRICK ? ? ? 
hydrog42 hydrog ? ? A DT 19 O4 ? ? ? 1_555 C DA 5 N6 ? ? A DT 19 C DA 5  1_555 ? ? ? ? ? ? WATSON-CRICK ? ? ? 
hydrog43 hydrog ? ? A DC 20 N3 ? ? ? 1_555 C DG 4 N1 ? ? A DC 20 C DG 4  1_555 ? ? ? ? ? ? WATSON-CRICK ? ? ? 
hydrog44 hydrog ? ? A DC 20 N4 ? ? ? 1_555 C DG 4 O6 ? ? A DC 20 C DG 4  1_555 ? ? ? ? ? ? WATSON-CRICK ? ? ? 
hydrog45 hydrog ? ? A DC 20 O2 ? ? ? 1_555 C DG 4 N2 ? ? A DC 20 C DG 4  1_555 ? ? ? ? ? ? WATSON-CRICK ? ? ? 
hydrog46 hydrog ? ? A DA 21 N1 ? ? ? 1_555 C DT 3 N3 ? ? A DA 21 C DT 3  1_555 ? ? ? ? ? ? WATSON-CRICK ? ? ? 
hydrog47 hydrog ? ? A DA 21 N6 ? ? ? 1_555 C DT 3 O4 ? ? A DA 21 C DT 3  1_555 ? ? ? ? ? ? WATSON-CRICK ? ? ? 
# 
_struct_conn_type.id          hydrog 
_struct_conn_type.criteria    ? 
_struct_conn_type.reference   ? 
# 
_atom_sites.entry_id                    6WSY 
_atom_sites.Cartn_transf_matrix[1][1]   ? 
_atom_sites.Cartn_transf_matrix[1][2]   ? 
_atom_sites.Cartn_transf_matrix[1][3]   ? 
_atom_sites.Cartn_transf_matrix[2][1]   ? 
_atom_sites.Cartn_transf_matrix[2][2]   ? 
_atom_sites.Cartn_transf_matrix[2][3]   ? 
_atom_sites.Cartn_transf_matrix[3][1]   ? 
_atom_sites.Cartn_transf_matrix[3][2]   ? 
_atom_sites.Cartn_transf_matrix[3][3]   ? 
_atom_sites.Cartn_transf_vector[1]      ? 
_atom_sites.Cartn_transf_vector[2]      ? 
_atom_sites.Cartn_transf_vector[3]      ? 
_atom_sites.fract_transf_matrix[1][1]   -0.00170092 
_atom_sites.fract_transf_matrix[1][2]   -0.01660762 
_atom_sites.fract_transf_matrix[1][3]   0.00240635 
_atom_sites.fract_transf_matrix[2][1]   -0.00178753 
_atom_sites.fract_transf_matrix[2][2]   -0.00612004 
_atom_sites.fract_transf_matrix[2][3]   0.01561555 
_atom_sites.fract_transf_matrix[3][1]   -0.01648796 
_atom_sites.fract_transf_matrix[3][2]   0.00150039 
_atom_sites.fract_transf_matrix[3][3]   -0.00129936 
_atom_sites.fract_transf_vector[1]      -1.261489 
_atom_sites.fract_transf_vector[2]      -0.632374 
_atom_sites.fract_transf_vector[3]      2.325941 
_atom_sites.solution_primary            ? 
_atom_sites.solution_secondary          ? 
_atom_sites.solution_hydrogens          ? 
_atom_sites.special_details             ? 
# 
loop_
_atom_type.symbol 
AS 
C  
N  
O  
P  
# 
loop_
_atom_site.group_PDB 
_atom_site.id 
_atom_site.type_symbol 
_atom_site.label_atom_id 
_atom_site.label_alt_id 
_atom_site.label_comp_id 
_atom_site.label_asym_id 
_atom_site.label_entity_id 
_atom_site.label_seq_id 
_atom_site.pdbx_PDB_ins_code 
_atom_site.Cartn_x 
_atom_site.Cartn_y 
_atom_site.Cartn_z 
_atom_site.occupancy 
_atom_site.B_iso_or_equiv 
_atom_site.pdbx_formal_charge 
_atom_site.auth_seq_id 
_atom_site.auth_comp_id 
_atom_site.auth_asym_id 
_atom_site.auth_atom_id 
_atom_site.pdbx_PDB_model_num 
ATOM   1   O  "O5'" . DG  A 1 1  ? -5.170  13.754  32.438  1.00 116.90 ? 1   DG  A "O5'" 1 
ATOM   2   C  "C5'" . DG  A 1 1  ? -4.082  14.473  33.006  1.00 114.71 ? 1   DG  A "C5'" 1 
ATOM   3   C  "C4'" . DG  A 1 1  ? -2.970  13.529  33.423  1.00 113.45 ? 1   DG  A "C4'" 1 
ATOM   4   O  "O4'" . DG  A 1 1  ? -3.489  12.565  34.353  1.00 109.82 ? 1   DG  A "O4'" 1 
ATOM   5   C  "C3'" . DG  A 1 1  ? -2.392  12.690  32.303  1.00 118.59 ? 1   DG  A "C3'" 1 
ATOM   6   O  "O3'" . DG  A 1 1  ? -1.376  13.413  31.637  1.00 130.71 ? 1   DG  A "O3'" 1 
ATOM   7   C  "C2'" . DG  A 1 1  ? -1.816  11.491  33.049  1.00 106.89 ? 1   DG  A "C2'" 1 
ATOM   8   C  "C1'" . DG  A 1 1  ? -2.722  11.377  34.270  1.00 108.12 ? 1   DG  A "C1'" 1 
ATOM   9   N  N9    . DG  A 1 1  ? -3.632  10.240  34.237  1.00 99.69  ? 1   DG  A N9    1 
ATOM   10  C  C8    . DG  A 1 1  ? -4.988  10.278  34.028  1.00 95.90  ? 1   DG  A C8    1 
ATOM   11  N  N7    . DG  A 1 1  ? -5.555  9.107   34.082  1.00 92.41  ? 1   DG  A N7    1 
ATOM   12  C  C5    . DG  A 1 1  ? -4.509  8.235   34.350  1.00 92.79  ? 1   DG  A C5    1 
ATOM   13  C  C6    . DG  A 1 1  ? -4.520  6.833   34.516  1.00 92.82  ? 1   DG  A C6    1 
ATOM   14  O  O6    . DG  A 1 1  ? -5.485  6.064   34.459  1.00 93.12  ? 1   DG  A O6    1 
ATOM   15  N  N1    . DG  A 1 1  ? -3.245  6.332   34.775  1.00 95.13  ? 1   DG  A N1    1 
ATOM   16  C  C2    . DG  A 1 1  ? -2.106  7.096   34.862  1.00 104.62 ? 1   DG  A C2    1 
ATOM   17  N  N2    . DG  A 1 1  ? -0.968  6.434   35.119  1.00 107.10 ? 1   DG  A N2    1 
ATOM   18  N  N3    . DG  A 1 1  ? -2.081  8.420   34.708  1.00 100.04 ? 1   DG  A N3    1 
ATOM   19  C  C4    . DG  A 1 1  ? -3.318  8.917   34.451  1.00 96.22  ? 1   DG  A C4    1 
ATOM   20  P  P     . DA  A 1 2  ? -0.869  12.930  30.192  1.00 140.58 ? 2   DA  A P     1 
ATOM   21  O  OP1   . DA  A 1 2  ? -0.061  14.029  29.617  1.00 135.39 ? 2   DA  A OP1   1 
ATOM   22  O  OP2   . DA  A 1 2  ? -2.060  12.414  29.475  1.00 130.75 ? 2   DA  A OP2   1 
ATOM   23  O  "O5'" . DA  A 1 2  ? 0.095   11.691  30.511  1.00 116.79 ? 2   DA  A "O5'" 1 
ATOM   24  C  "C5'" . DA  A 1 2  ? 1.228   11.870  31.352  1.00 119.74 ? 2   DA  A "C5'" 1 
ATOM   25  C  "C4'" . DA  A 1 2  ? 1.860   10.536  31.702  1.00 121.95 ? 2   DA  A "C4'" 1 
ATOM   26  O  "O4'" . DA  A 1 2  ? 0.846   9.646   32.248  1.00 124.06 ? 2   DA  A "O4'" 1 
ATOM   27  C  "C3'" . DA  A 1 2  ? 2.475   9.792   30.524  1.00 121.50 ? 2   DA  A "C3'" 1 
ATOM   28  O  "O3'" . DA  A 1 2  ? 3.621   9.065   30.950  1.00 122.95 ? 2   DA  A "O3'" 1 
ATOM   29  C  "C2'" . DA  A 1 2  ? 1.346   8.863   30.094  1.00 119.68 ? 2   DA  A "C2'" 1 
ATOM   30  C  "C1'" . DA  A 1 2  ? 0.729   8.494   31.434  1.00 117.62 ? 2   DA  A "C1'" 1 
ATOM   31  N  N9    . DA  A 1 2  ? -0.682  8.142   31.326  1.00 109.65 ? 2   DA  A N9    1 
ATOM   32  C  C8    . DA  A 1 2  ? -1.711  8.980   31.006  1.00 105.06 ? 2   DA  A C8    1 
ATOM   33  N  N7    . DA  A 1 2  ? -2.881  8.391   30.970  1.00 104.36 ? 2   DA  A N7    1 
ATOM   34  C  C5    . DA  A 1 2  ? -2.600  7.069   31.272  1.00 99.74  ? 2   DA  A C5    1 
ATOM   35  C  C6    . DA  A 1 2  ? -3.418  5.930   31.390  1.00 96.17  ? 2   DA  A C6    1 
ATOM   36  N  N6    . DA  A 1 2  ? -4.740  5.959   31.205  1.00 97.09  ? 2   DA  A N6    1 
ATOM   37  N  N1    . DA  A 1 2  ? -2.825  4.758   31.705  1.00 91.05  ? 2   DA  A N1    1 
ATOM   38  C  C2    . DA  A 1 2  ? -1.504  4.739   31.893  1.00 101.96 ? 2   DA  A C2    1 
ATOM   39  N  N3    . DA  A 1 2  ? -0.630  5.746   31.807  1.00 114.18 ? 2   DA  A N3    1 
ATOM   40  C  C4    . DA  A 1 2  ? -1.250  6.895   31.494  1.00 106.24 ? 2   DA  A C4    1 
ATOM   41  P  P     . DG  A 1 3  ? 4.276   7.952   29.994  1.00 130.16 ? 3   DG  A P     1 
ATOM   42  O  OP1   . DG  A 1 3  ? 5.651   7.662   30.465  1.00 123.24 ? 3   DG  A OP1   1 
ATOM   43  O  OP2   . DG  A 1 3  ? 4.052   8.380   28.594  1.00 131.58 ? 3   DG  A OP2   1 
ATOM   44  O  "O5'" . DG  A 1 3  ? 3.386   6.660   30.257  1.00 109.02 ? 3   DG  A "O5'" 1 
ATOM   45  C  "C5'" . DG  A 1 3  ? 3.804   5.695   31.185  1.00 107.69 ? 3   DG  A "C5'" 1 
ATOM   46  C  "C4'" . DG  A 1 3  ? 3.443   4.310   30.693  1.00 113.30 ? 3   DG  A "C4'" 1 
ATOM   47  O  "O4'" . DG  A 1 3  ? 1.994   4.178   30.610  1.00 124.76 ? 3   DG  A "O4'" 1 
ATOM   48  C  "C3'" . DG  A 1 3  ? 3.962   3.966   29.302  1.00 108.85 ? 3   DG  A "C3'" 1 
ATOM   49  O  "O3'" . DG  A 1 3  ? 4.210   2.591   29.243  1.00 110.69 ? 3   DG  A "O3'" 1 
ATOM   50  C  "C2'" . DG  A 1 3  ? 2.781   4.337   28.412  1.00 120.58 ? 3   DG  A "C2'" 1 
ATOM   51  C  "C1'" . DG  A 1 3  ? 1.625   3.859   29.280  1.00 120.99 ? 3   DG  A "C1'" 1 
ATOM   52  N  N9    . DG  A 1 3  ? 0.338   4.492   28.979  1.00 108.49 ? 3   DG  A N9    1 
ATOM   53  C  C8    . DG  A 1 3  ? 0.100   5.829   28.750  1.00 111.00 ? 3   DG  A C8    1 
ATOM   54  N  N7    . DG  A 1 3  ? -1.156  6.101   28.517  1.00 102.34 ? 3   DG  A N7    1 
ATOM   55  C  C5    . DG  A 1 3  ? -1.789  4.868   28.599  1.00 105.65 ? 3   DG  A C5    1 
ATOM   56  C  C6    . DG  A 1 3  ? -3.151  4.533   28.439  1.00 104.84 ? 3   DG  A C6    1 
ATOM   57  O  O6    . DG  A 1 3  ? -4.098  5.285   28.182  1.00 105.69 ? 3   DG  A O6    1 
ATOM   58  N  N1    . DG  A 1 3  ? -3.370  3.168   28.602  1.00 99.45  ? 3   DG  A N1    1 
ATOM   59  C  C2    . DG  A 1 3  ? -2.392  2.243   28.888  1.00 102.76 ? 3   DG  A C2    1 
ATOM   60  N  N2    . DG  A 1 3  ? -2.788  0.967   29.006  1.00 104.01 ? 3   DG  A N2    1 
ATOM   61  N  N3    . DG  A 1 3  ? -1.111  2.546   29.041  1.00 99.72  ? 3   DG  A N3    1 
ATOM   62  C  C4    . DG  A 1 3  ? -0.884  3.871   28.884  1.00 102.34 ? 3   DG  A C4    1 
ATOM   63  P  P     . DC  A 1 4  ? 5.436   2.023   28.384  1.00 127.85 ? 4   DC  A P     1 
ATOM   64  O  OP1   . DC  A 1 4  ? 6.602   1.916   29.291  1.00 132.48 ? 4   DC  A OP1   1 
ATOM   65  O  OP2   . DC  A 1 4  ? 5.539   2.832   27.149  1.00 132.01 ? 4   DC  A OP2   1 
ATOM   66  O  "O5'" . DC  A 1 4  ? 4.954   0.558   27.992  1.00 108.14 ? 4   DC  A "O5'" 1 
ATOM   67  C  "C5'" . DC  A 1 4  ? 4.385   -0.274  28.980  1.00 107.26 ? 4   DC  A "C5'" 1 
ATOM   68  C  "C4'" . DC  A 1 4  ? 3.414   -1.245  28.351  1.00 109.43 ? 4   DC  A "C4'" 1 
ATOM   69  O  "O4'" . DC  A 1 4  ? 2.098   -0.631  28.249  1.00 112.41 ? 4   DC  A "O4'" 1 
ATOM   70  C  "C3'" . DC  A 1 4  ? 3.788   -1.688  26.941  1.00 109.89 ? 4   DC  A "C3'" 1 
ATOM   71  O  "O3'" . DC  A 1 4  ? 3.640   -3.098  26.834  1.00 115.29 ? 4   DC  A "O3'" 1 
ATOM   72  C  "C2'" . DC  A 1 4  ? 2.789   -0.930  26.061  1.00 114.04 ? 4   DC  A "C2'" 1 
ATOM   73  C  "C1'" . DC  A 1 4  ? 1.576   -0.873  26.965  1.00 105.90 ? 4   DC  A "C1'" 1 
ATOM   74  N  N1    . DC  A 1 4  ? 0.628   0.229   26.613  1.00 106.92 ? 4   DC  A N1    1 
ATOM   75  C  C2    . DC  A 1 4  ? -0.714  -0.061  26.324  1.00 110.37 ? 4   DC  A C2    1 
ATOM   76  O  O2    . DC  A 1 4  ? -1.104  -1.236  26.374  1.00 115.83 ? 4   DC  A O2    1 
ATOM   77  N  N3    . DC  A 1 4  ? -1.553  0.959   25.998  1.00 103.22 ? 4   DC  A N3    1 
ATOM   78  C  C4    . DC  A 1 4  ? -1.094  2.212   25.953  1.00 100.12 ? 4   DC  A C4    1 
ATOM   79  N  N4    . DC  A 1 4  ? -1.950  3.184   25.627  1.00 95.81  ? 4   DC  A N4    1 
ATOM   80  C  C5    . DC  A 1 4  ? 0.267   2.522   26.238  1.00 108.92 ? 4   DC  A C5    1 
ATOM   81  C  C6    . DC  A 1 4  ? 1.082   1.511   26.560  1.00 113.48 ? 4   DC  A C6    1 
ATOM   82  P  P     . DA  A 1 5  ? 3.384   -3.801  25.412  1.00 131.16 ? 5   DA  A P     1 
ATOM   83  O  OP1   . DA  A 1 5  ? 3.648   -5.249  25.583  1.00 126.95 ? 5   DA  A OP1   1 
ATOM   84  O  OP2   . DA  A 1 5  ? 4.099   -3.043  24.358  1.00 116.13 ? 5   DA  A OP2   1 
ATOM   85  O  "O5'" . DA  A 1 5  ? 1.817   -3.628  25.190  1.00 112.10 ? 5   DA  A "O5'" 1 
ATOM   86  C  "C5'" . DA  A 1 5  ? 0.925   -4.506  25.821  1.00 109.99 ? 5   DA  A "C5'" 1 
ATOM   87  C  "C4'" . DA  A 1 5  ? 0.142   -5.290  24.792  1.00 116.64 ? 5   DA  A "C4'" 1 
ATOM   88  O  "O4'" . DA  A 1 5  ? -0.840  -4.431  24.176  1.00 119.70 ? 5   DA  A "O4'" 1 
ATOM   89  C  "C3'" . DA  A 1 5  ? 0.963   -5.864  23.648  1.00 115.17 ? 5   DA  A "C3'" 1 
ATOM   90  O  "O3'" . DA  A 1 5  ? 0.388   -7.100  23.226  1.00 122.89 ? 5   DA  A "O3'" 1 
ATOM   91  C  "C2'" . DA  A 1 5  ? 0.885   -4.778  22.568  1.00 112.85 ? 5   DA  A "C2'" 1 
ATOM   92  C  "C1'" . DA  A 1 5  ? -0.418  -4.042  22.884  1.00 110.01 ? 5   DA  A "C1'" 1 
ATOM   93  N  N9    . DA  A 1 5  ? -0.287  -2.584  22.861  1.00 107.29 ? 5   DA  A N9    1 
ATOM   94  C  C8    . DA  A 1 5  ? 0.847   -1.845  23.060  1.00 106.03 ? 5   DA  A C8    1 
ATOM   95  N  N7    . DA  A 1 5  ? 0.655   -0.546  22.982  1.00 99.13  ? 5   DA  A N7    1 
ATOM   96  C  C5    . DA  A 1 5  ? -0.698  -0.429  22.712  1.00 100.90 ? 5   DA  A C5    1 
ATOM   97  C  C6    . DA  A 1 5  ? -1.539  0.686   22.512  1.00 100.84 ? 5   DA  A C6    1 
ATOM   98  N  N6    . DA  A 1 5  ? -1.115  1.953   22.557  1.00 105.34 ? 5   DA  A N6    1 
ATOM   99  N  N1    . DA  A 1 5  ? -2.843  0.447   22.263  1.00 105.69 ? 5   DA  A N1    1 
ATOM   100 C  C2    . DA  A 1 5  ? -3.267  -0.819  22.219  1.00 110.75 ? 5   DA  A C2    1 
ATOM   101 N  N3    . DA  A 1 5  ? -2.578  -1.942  22.390  1.00 113.50 ? 5   DA  A N3    1 
ATOM   102 C  C4    . DA  A 1 5  ? -1.289  -1.676  22.636  1.00 108.36 ? 5   DA  A C4    1 
ATOM   103 P  P     . DG  A 1 6  ? 0.627   -7.679  21.745  1.00 137.53 ? 6   DG  A P     1 
ATOM   104 O  OP1   . DG  A 1 6  ? 0.391   -9.137  21.839  1.00 133.42 ? 6   DG  A OP1   1 
ATOM   105 O  OP2   . DG  A 1 6  ? 1.904   -7.191  21.174  1.00 127.33 ? 6   DG  A OP2   1 
ATOM   106 O  "O5'" . DG  A 1 6  ? -0.575  -7.053  20.917  1.00 120.59 ? 6   DG  A "O5'" 1 
ATOM   107 C  "C5'" . DG  A 1 6  ? -1.884  -7.197  21.409  1.00 119.06 ? 6   DG  A "C5'" 1 
ATOM   108 C  "C4'" . DG  A 1 6  ? -2.876  -6.527  20.490  1.00 117.94 ? 6   DG  A "C4'" 1 
ATOM   109 O  "O4'" . DG  A 1 6  ? -2.723  -5.096  20.578  1.00 113.78 ? 6   DG  A "O4'" 1 
ATOM   110 C  "C3'" . DG  A 1 6  ? -2.737  -6.895  19.016  1.00 108.80 ? 6   DG  A "C3'" 1 
ATOM   111 O  "O3'" . DG  A 1 6  ? -3.996  -7.360  18.546  1.00 107.94 ? 6   DG  A "O3'" 1 
ATOM   112 C  "C2'" . DG  A 1 6  ? -2.285  -5.586  18.342  1.00 111.98 ? 6   DG  A "C2'" 1 
ATOM   113 C  "C1'" . DG  A 1 6  ? -2.805  -4.528  19.299  1.00 109.81 ? 6   DG  A "C1'" 1 
ATOM   114 N  N9    . DG  A 1 6  ? -2.022  -3.299  19.334  1.00 99.51  ? 6   DG  A N9    1 
ATOM   115 C  C8    . DG  A 1 6  ? -0.678  -3.182  19.574  1.00 98.26  ? 6   DG  A C8    1 
ATOM   116 N  N7    . DG  A 1 6  ? -0.259  -1.948  19.588  1.00 99.44  ? 6   DG  A N7    1 
ATOM   117 C  C5    . DG  A 1 6  ? -1.403  -1.198  19.361  1.00 100.83 ? 6   DG  A C5    1 
ATOM   118 C  C6    . DG  A 1 6  ? -1.575  0.205   19.270  1.00 99.72  ? 6   DG  A C6    1 
ATOM   119 O  O6    . DG  A 1 6  ? -0.721  1.095   19.371  1.00 96.17  ? 6   DG  A O6    1 
ATOM   120 N  N1    . DG  A 1 6  ? -2.902  0.544   19.032  1.00 100.38 ? 6   DG  A N1    1 
ATOM   121 C  C2    . DG  A 1 6  ? -3.933  -0.354  18.904  1.00 104.22 ? 6   DG  A C2    1 
ATOM   122 N  N2    . DG  A 1 6  ? -5.150  0.156   18.673  1.00 105.78 ? 6   DG  A N2    1 
ATOM   123 N  N3    . DG  A 1 6  ? -3.784  -1.669  18.984  1.00 104.95 ? 6   DG  A N3    1 
ATOM   124 C  C4    . DG  A 1 6  ? -2.498  -2.017  19.216  1.00 101.66 ? 6   DG  A C4    1 
ATOM   125 P  P     . DA  A 1 7  ? -4.303  -7.528  16.978  1.00 133.82 ? 7   DA  A P     1 
ATOM   126 O  OP1   . DA  A 1 7  ? -5.393  -8.523  16.876  1.00 131.38 ? 7   DA  A OP1   1 
ATOM   127 O  OP2   . DA  A 1 7  ? -3.039  -7.758  16.239  1.00 128.32 ? 7   DA  A OP2   1 
ATOM   128 O  "O5'" . DA  A 1 7  ? -4.912  -6.108  16.578  1.00 128.72 ? 7   DA  A "O5'" 1 
ATOM   129 C  "C5'" . DA  A 1 7  ? -5.840  -5.487  17.459  1.00 136.39 ? 7   DA  A "C5'" 1 
ATOM   130 C  "C4'" . DA  A 1 7  ? -6.571  -4.345  16.784  1.00 131.45 ? 7   DA  A "C4'" 1 
ATOM   131 O  "O4'" . DA  A 1 7  ? -5.851  -3.106  17.002  1.00 127.15 ? 7   DA  A "O4'" 1 
ATOM   132 C  "C3'" . DA  A 1 7  ? -6.748  -4.483  15.280  1.00 126.22 ? 7   DA  A "C3'" 1 
ATOM   133 O  "O3'" . DA  A 1 7  ? -8.017  -3.985  14.906  1.00 132.18 ? 7   DA  A "O3'" 1 
ATOM   134 C  "C2'" . DA  A 1 7  ? -5.617  -3.630  14.714  1.00 120.00 ? 7   DA  A "C2'" 1 
ATOM   135 C  "C1'" . DA  A 1 7  ? -5.458  -2.542  15.771  1.00 118.75 ? 7   DA  A "C1'" 1 
ATOM   136 N  N9    . DA  A 1 7  ? -4.082  -2.080  15.914  1.00 109.86 ? 7   DA  A N9    1 
ATOM   137 C  C8    . DA  A 1 7  ? -2.978  -2.854  16.119  1.00 106.97 ? 7   DA  A C8    1 
ATOM   138 N  N7    . DA  A 1 7  ? -1.864  -2.170  16.213  1.00 106.84 ? 7   DA  A N7    1 
ATOM   139 C  C5    . DA  A 1 7  ? -2.265  -0.856  16.063  1.00 97.09  ? 7   DA  A C5    1 
ATOM   140 C  C6    . DA  A 1 7  ? -1.554  0.358   16.064  1.00 94.57  ? 7   DA  A C6    1 
ATOM   141 N  N6    . DA  A 1 7  ? -0.234  0.435   16.232  1.00 89.04  ? 7   DA  A N6    1 
ATOM   142 N  N1    . DA  A 1 7  ? -2.255  1.492   15.891  1.00 100.28 ? 7   DA  A N1    1 
ATOM   143 C  C2    . DA  A 1 7  ? -3.581  1.413   15.726  1.00 103.49 ? 7   DA  A C2    1 
ATOM   144 N  N3    . DA  A 1 7  ? -4.358  0.332   15.702  1.00 103.23 ? 7   DA  A N3    1 
ATOM   145 C  C4    . DA  A 1 7  ? -3.631  -0.780  15.878  1.00 101.68 ? 7   DA  A C4    1 
ATOM   146 P  P     . DC  A 1 8  ? -8.494  -4.037  13.375  1.00 141.14 ? 8   DC  A P     1 
ATOM   147 O  OP1   . DC  A 1 8  ? -9.966  -4.185  13.383  1.00 141.03 ? 8   DC  A OP1   1 
ATOM   148 O  OP2   . DC  A 1 8  ? -7.649  -5.012  12.644  1.00 130.38 ? 8   DC  A OP2   1 
ATOM   149 O  "O5'" . DC  A 1 8  ? -8.161  -2.576  12.839  1.00 126.24 ? 8   DC  A "O5'" 1 
ATOM   150 C  "C5'" . DC  A 1 8  ? -8.610  -1.447  13.560  1.00 115.42 ? 8   DC  A "C5'" 1 
ATOM   151 C  "C4'" . DC  A 1 8  ? -7.962  -0.197  13.017  1.00 116.21 ? 8   DC  A "C4'" 1 
ATOM   152 O  "O4'" . DC  A 1 8  ? -6.580  -0.139  13.456  1.00 123.95 ? 8   DC  A "O4'" 1 
ATOM   153 C  "C3'" . DC  A 1 8  ? -7.924  -0.118  11.486  1.00 119.83 ? 8   DC  A "C3'" 1 
ATOM   154 O  "O3'" . DC  A 1 8  ? -8.521  1.091   11.041  1.00 126.37 ? 8   DC  A "O3'" 1 
ATOM   155 C  "C2'" . DC  A 1 8  ? -6.433  -0.165  11.151  1.00 121.87 ? 8   DC  A "C2'" 1 
ATOM   156 C  "C1'" . DC  A 1 8  ? -5.814  0.399   12.412  1.00 114.40 ? 8   DC  A "C1'" 1 
ATOM   157 N  N1    . DC  A 1 8  ? -4.392  0.008   12.579  1.00 102.07 ? 8   DC  A N1    1 
ATOM   158 C  C2    . DC  A 1 8  ? -3.409  0.991   12.530  1.00 99.13  ? 8   DC  A C2    1 
ATOM   159 O  O2    . DC  A 1 8  ? -3.754  2.165   12.378  1.00 98.66  ? 8   DC  A O2    1 
ATOM   160 N  N3    . DC  A 1 8  ? -2.113  0.630   12.652  1.00 93.44  ? 8   DC  A N3    1 
ATOM   161 C  C4    . DC  A 1 8  ? -1.793  -0.649  12.813  1.00 97.06  ? 8   DC  A C4    1 
ATOM   162 N  N4    . DC  A 1 8  ? -0.502  -0.958  12.937  1.00 101.67 ? 8   DC  A N4    1 
ATOM   163 C  C5    . DC  A 1 8  ? -2.782  -1.671  12.855  1.00 104.55 ? 8   DC  A C5    1 
ATOM   164 C  C6    . DC  A 1 8  ? -4.057  -1.300  12.725  1.00 105.61 ? 8   DC  A C6    1 
ATOM   165 P  P     . DC  A 1 9  ? -8.342  1.572   9.516   1.00 137.98 ? 9   DC  A P     1 
ATOM   166 O  OP1   . DC  A 1 9  ? -9.509  2.428   9.199   1.00 129.48 ? 9   DC  A OP1   1 
ATOM   167 O  OP2   . DC  A 1 9  ? -8.038  0.388   8.671   1.00 122.32 ? 9   DC  A OP2   1 
ATOM   168 O  "O5'" . DC  A 1 9  ? -7.055  2.512   9.569   1.00 98.17  ? 9   DC  A "O5'" 1 
ATOM   169 C  "C5'" . DC  A 1 9  ? -7.038  3.613   10.440  1.00 94.22  ? 9   DC  A "C5'" 1 
ATOM   170 C  "C4'" . DC  A 1 9  ? -6.034  4.647   9.978   1.00 100.99 ? 9   DC  A "C4'" 1 
ATOM   171 O  "O4'" . DC  A 1 9  ? -4.686  4.203   10.291  1.00 100.05 ? 9   DC  A "O4'" 1 
ATOM   172 C  "C3'" . DC  A 1 9  ? -6.035  4.930   8.480   1.00 99.28  ? 9   DC  A "C3'" 1 
ATOM   173 O  "O3'" . DC  A 1 9  ? -5.711  6.299   8.276   1.00 103.73 ? 9   DC  A "O3'" 1 
ATOM   174 C  "C2'" . DC  A 1 9  ? -4.923  4.008   7.978   1.00 99.48  ? 9   DC  A "C2'" 1 
ATOM   175 C  "C1'" . DC  A 1 9  ? -3.916  4.167   9.105   1.00 99.13  ? 9   DC  A "C1'" 1 
ATOM   176 N  N1    . DC  A 1 9  ? -2.919  3.059   9.225   1.00 92.10  ? 9   DC  A N1    1 
ATOM   177 C  C2    . DC  A 1 9  ? -1.550  3.357   9.213   1.00 88.49  ? 9   DC  A C2    1 
ATOM   178 O  O2    . DC  A 1 9  ? -1.190  4.534   9.075   1.00 90.82  ? 9   DC  A O2    1 
ATOM   179 N  N3    . DC  A 1 9  ? -0.658  2.343   9.341   1.00 81.43  ? 9   DC  A N3    1 
ATOM   180 C  C4    . DC  A 1 9  ? -1.092  1.091   9.487   1.00 88.23  ? 9   DC  A C4    1 
ATOM   181 N  N4    . DC  A 1 9  ? -0.181  0.123   9.614   1.00 89.05  ? 9   DC  A N4    1 
ATOM   182 C  C5    . DC  A 1 9  ? -2.480  0.772   9.501   1.00 92.39  ? 9   DC  A C5    1 
ATOM   183 C  C6    . DC  A 1 9  ? -3.349  1.777   9.375   1.00 91.42  ? 9   DC  A C6    1 
ATOM   184 P  P     . DT  A 1 10 ? -5.343  6.851   6.815   1.00 107.54 ? 10  DT  A P     1 
ATOM   185 O  OP1   . DT  A 1 10 ? -5.449  8.328   6.855   1.00 96.71  ? 10  DT  A OP1   1 
ATOM   186 O  OP2   . DT  A 1 10 ? -6.144  6.061   5.852   1.00 108.99 ? 10  DT  A OP2   1 
ATOM   187 O  "O5'" . DT  A 1 10 ? -3.796  6.471   6.623   1.00 100.94 ? 10  DT  A "O5'" 1 
ATOM   188 C  "C5'" . DT  A 1 10 ? -2.796  7.046   7.469   1.00 99.79  ? 10  DT  A "C5'" 1 
ATOM   189 C  "C4'" . DT  A 1 10 ? -1.926  8.018   6.695   1.00 98.10  ? 10  DT  A "C4'" 1 
ATOM   190 O  "O4'" . DT  A 1 10 ? -0.581  7.498   6.582   1.00 97.48  ? 10  DT  A "O4'" 1 
ATOM   191 C  "C3'" . DT  A 1 10 ? -2.365  8.264   5.273   1.00 104.03 ? 10  DT  A "C3'" 1 
ATOM   192 O  "O3'" . DT  A 1 10 ? -1.911  9.532   4.856   1.00 110.25 ? 10  DT  A "O3'" 1 
ATOM   193 C  "C2'" . DT  A 1 10 ? -1.676  7.130   4.507   1.00 106.09 ? 10  DT  A "C2'" 1 
ATOM   194 C  "C1'" . DT  A 1 10 ? -0.402  6.883   5.318   1.00 96.56  ? 10  DT  A "C1'" 1 
ATOM   195 N  N1    . DT  A 1 10 ? -0.110  5.436   5.555   1.00 85.07  ? 10  DT  A N1    1 
ATOM   196 C  C2    . DT  A 1 10 ? 1.195   5.025   5.671   1.00 85.80  ? 10  DT  A C2    1 
ATOM   197 O  O2    . DT  A 1 10 ? 2.147   5.785   5.575   1.00 89.79  ? 10  DT  A O2    1 
ATOM   198 N  N3    . DT  A 1 10 ? 1.347   3.681   5.900   1.00 77.34  ? 10  DT  A N3    1 
ATOM   199 C  C4    . DT  A 1 10 ? 0.361   2.735   6.027   1.00 82.14  ? 10  DT  A C4    1 
ATOM   200 O  O4    . DT  A 1 10 ? 0.607   1.550   6.235   1.00 85.81  ? 10  DT  A O4    1 
ATOM   201 C  C5    . DT  A 1 10 ? -0.981  3.232   5.904   1.00 82.35  ? 10  DT  A C5    1 
ATOM   202 C  C7    . DT  A 1 10 ? -2.138  2.290   6.028   1.00 81.95  ? 10  DT  A C7    1 
ATOM   203 C  C6    . DT  A 1 10 ? -1.152  4.544   5.678   1.00 79.93  ? 10  DT  A C6    1 
ATOM   204 P  P     . DG  A 1 11 ? -2.239  10.059  3.377   1.00 131.20 ? 11  DG  A P     1 
ATOM   205 O  OP1   . DG  A 1 11 ? -2.575  11.497  3.502   1.00 120.95 ? 11  DG  A OP1   1 
ATOM   206 O  OP2   . DG  A 1 11 ? -3.181  9.130   2.711   1.00 108.35 ? 11  DG  A OP2   1 
ATOM   207 O  "O5'" . DG  A 1 11 ? -0.837  9.943   2.646   1.00 107.19 ? 11  DG  A "O5'" 1 
ATOM   208 C  "C5'" . DG  A 1 11 ? 0.253   10.669  3.157   1.00 117.72 ? 11  DG  A "C5'" 1 
ATOM   209 C  "C4'" . DG  A 1 11 ? 1.490   10.415  2.331   1.00 122.63 ? 11  DG  A "C4'" 1 
ATOM   210 O  "O4'" . DG  A 1 11 ? 1.986   9.080   2.598   1.00 119.27 ? 11  DG  A "O4'" 1 
ATOM   211 C  "C3'" . DG  A 1 11 ? 1.284   10.511  0.827   1.00 115.62 ? 11  DG  A "C3'" 1 
ATOM   212 O  "O3'" . DG  A 1 11 ? 2.393   11.191  0.246   1.00 118.92 ? 11  DG  A "O3'" 1 
ATOM   213 C  "C2'" . DG  A 1 11 ? 1.179   9.046   0.385   1.00 106.95 ? 11  DG  A "C2'" 1 
ATOM   214 C  "C1'" . DG  A 1 11 ? 2.032   8.318   1.414   1.00 101.96 ? 11  DG  A "C1'" 1 
ATOM   215 N  N9    . DG  A 1 11 ? 1.547   6.976   1.733   1.00 95.89  ? 11  DG  A N9    1 
ATOM   216 C  C8    . DG  A 1 11 ? 0.238   6.567   1.812   1.00 93.95  ? 11  DG  A C8    1 
ATOM   217 N  N7    . DG  A 1 11 ? 0.107   5.309   2.133   1.00 77.98  ? 11  DG  A N7    1 
ATOM   218 C  C5    . DG  A 1 11 ? 1.411   4.860   2.280   1.00 75.67  ? 11  DG  A C5    1 
ATOM   219 C  C6    . DG  A 1 11 ? 1.897   3.579   2.625   1.00 83.76  ? 11  DG  A C6    1 
ATOM   220 O  O6    . DG  A 1 11 ? 1.245   2.550   2.876   1.00 88.11  ? 11  DG  A O6    1 
ATOM   221 N  N1    . DG  A 1 11 ? 3.292   3.552   2.668   1.00 71.38  ? 11  DG  A N1    1 
ATOM   222 C  C2    . DG  A 1 11 ? 4.103   4.626   2.412   1.00 78.82  ? 11  DG  A C2    1 
ATOM   223 N  N2    . DG  A 1 11 ? 5.420   4.418   2.502   1.00 86.69  ? 11  DG  A N2    1 
ATOM   224 N  N3    . DG  A 1 11 ? 3.657   5.832   2.088   1.00 84.93  ? 11  DG  A N3    1 
ATOM   225 C  C4    . DG  A 1 11 ? 2.306   5.873   2.042   1.00 83.41  ? 11  DG  A C4    1 
ATOM   226 P  P     . DA  A 1 12 ? 2.664   11.145  -1.335  1.00 131.13 ? 12  DA  A P     1 
ATOM   227 O  OP1   . DA  A 1 12 ? 3.317   12.426  -1.680  1.00 140.30 ? 12  DA  A OP1   1 
ATOM   228 O  OP2   . DA  A 1 12 ? 1.441   10.729  -2.059  1.00 110.96 ? 12  DA  A OP2   1 
ATOM   229 O  "O5'" . DA  A 1 12 ? 3.762   10.004  -1.470  1.00 114.27 ? 12  DA  A "O5'" 1 
ATOM   230 C  "C5'" . DA  A 1 12 ? 4.865   10.014  -0.586  1.00 113.82 ? 12  DA  A "C5'" 1 
ATOM   231 C  "C4'" . DA  A 1 12 ? 5.917   9.025   -1.030  1.00 110.46 ? 12  DA  A "C4'" 1 
ATOM   232 O  "O4'" . DA  A 1 12 ? 5.553   7.697   -0.581  1.00 106.10 ? 12  DA  A "O4'" 1 
ATOM   233 C  "C3'" . DA  A 1 12 ? 6.105   8.931   -2.535  1.00 103.35 ? 12  DA  A "C3'" 1 
ATOM   234 O  "O3'" . DA  A 1 12 ? 7.467   8.737   -2.839  1.00 112.46 ? 12  DA  A "O3'" 1 
ATOM   235 C  "C2'" . DA  A 1 12 ? 5.264   7.718   -2.918  1.00 99.87  ? 12  DA  A "C2'" 1 
ATOM   236 C  "C1'" . DA  A 1 12 ? 5.387   6.835   -1.683  1.00 95.03  ? 12  DA  A "C1'" 1 
ATOM   237 N  N9    . DA  A 1 12 ? 4.201   6.029   -1.438  1.00 86.25  ? 12  DA  A N9    1 
ATOM   238 C  C8    . DA  A 1 12 ? 2.904   6.456   -1.445  1.00 89.15  ? 12  DA  A C8    1 
ATOM   239 N  N7    . DA  A 1 12 ? 2.037   5.508   -1.187  1.00 86.17  ? 12  DA  A N7    1 
ATOM   240 C  C5    . DA  A 1 12 ? 2.823   4.384   -0.989  1.00 79.03  ? 12  DA  A C5    1 
ATOM   241 C  C6    . DA  A 1 12 ? 2.506   3.051   -0.680  1.00 75.47  ? 12  DA  A C6    1 
ATOM   242 N  N6    . DA  A 1 12 ? 1.255   2.619   -0.508  1.00 73.07  ? 12  DA  A N6    1 
ATOM   243 N  N1    . DA  A 1 12 ? 3.527   2.175   -0.555  1.00 71.84  ? 12  DA  A N1    1 
ATOM   244 C  C2    . DA  A 1 12 ? 4.778   2.615   -0.728  1.00 77.60  ? 12  DA  A C2    1 
ATOM   245 N  N3    . DA  A 1 12 ? 5.197   3.846   -1.021  1.00 79.28  ? 12  DA  A N3    1 
ATOM   246 C  C4    . DA  A 1 12 ? 4.159   4.690   -1.137  1.00 77.73  ? 12  DA  A C4    1 
ATOM   247 P  P     . DC  A 1 13 ? 7.966   8.860   -4.359  1.00 132.11 ? 13  DC  A P     1 
ATOM   248 O  OP1   . DC  A 1 13 ? 9.395   9.250   -4.318  1.00 118.98 ? 13  DC  A OP1   1 
ATOM   249 O  OP2   . DC  A 1 13 ? 6.983   9.688   -5.094  1.00 116.31 ? 13  DC  A OP2   1 
ATOM   250 O  "O5'" . DC  A 1 13 ? 7.883   7.361   -4.899  1.00 111.32 ? 13  DC  A "O5'" 1 
ATOM   251 C  "C5'" . DC  A 1 13 ? 8.912   6.465   -4.560  1.00 104.01 ? 13  DC  A "C5'" 1 
ATOM   252 C  "C4'" . DC  A 1 13 ? 8.396   5.047   -4.441  1.00 95.56  ? 13  DC  A "C4'" 1 
ATOM   253 O  "O4'" . DC  A 1 13 ? 7.015   5.031   -4.046  1.00 85.16  ? 13  DC  A "O4'" 1 
ATOM   254 C  "C3'" . DC  A 1 13 ? 8.442   4.218   -5.726  1.00 98.72  ? 13  DC  A "C3'" 1 
ATOM   255 O  "O3'" . DC  A 1 13 ? 9.552   3.344   -5.684  1.00 96.80  ? 13  DC  A "O3'" 1 
ATOM   256 C  "C2'" . DC  A 1 13 ? 7.112   3.438   -5.712  1.00 92.42  ? 13  DC  A "C2'" 1 
ATOM   257 C  "C1'" . DC  A 1 13 ? 6.574   3.733   -4.326  1.00 85.97  ? 13  DC  A "C1'" 1 
ATOM   258 N  N1    . DC  A 1 13 ? 5.094   3.650   -4.228  1.00 79.18  ? 13  DC  A N1    1 
ATOM   259 C  C2    . DC  A 1 13 ? 4.498   2.407   -3.999  1.00 75.64  ? 13  DC  A C2    1 
ATOM   260 O  O2    . DC  A 1 13 ? 5.224   1.415   -3.881  1.00 79.81  ? 13  DC  A O2    1 
ATOM   261 N  N3    . DC  A 1 13 ? 3.155   2.327   -3.907  1.00 69.26  ? 13  DC  A N3    1 
ATOM   262 C  C4    . DC  A 1 13 ? 2.418   3.429   -4.037  1.00 77.72  ? 13  DC  A C4    1 
ATOM   263 N  N4    . DC  A 1 13 ? 1.088   3.309   -3.939  1.00 84.89  ? 13  DC  A N4    1 
ATOM   264 C  C5    . DC  A 1 13 ? 3.009   4.705   -4.273  1.00 79.62  ? 13  DC  A C5    1 
ATOM   265 C  C6    . DC  A 1 13 ? 4.337   4.766   -4.365  1.00 77.72  ? 13  DC  A C6    1 
ATOM   266 P  P     . DA  A 1 14 ? 9.973   2.493   -6.980  1.00 117.83 ? 14  DA  A P     1 
ATOM   267 O  OP1   . DA  A 1 14 ? 11.324  2.949   -7.370  1.00 119.54 ? 14  DA  A OP1   1 
ATOM   268 O  OP2   . DA  A 1 14 ? 8.880   2.506   -7.981  1.00 107.57 ? 14  DA  A OP2   1 
ATOM   269 O  "O5'" . DA  A 1 14 ? 10.066  1.007   -6.420  1.00 98.75  ? 14  DA  A "O5'" 1 
ATOM   270 C  "C5'" . DA  A 1 14 ? 9.028   0.511   -5.622  1.00 92.54  ? 14  DA  A "C5'" 1 
ATOM   271 C  "C4'" . DA  A 1 14 ? 9.038   -0.994  -5.638  1.00 109.03 ? 14  DA  A "C4'" 1 
ATOM   272 O  "O4'" . DA  A 1 14 ? 7.699   -1.484  -5.424  1.00 116.81 ? 14  DA  A "O4'" 1 
ATOM   273 C  "C3'" . DA  A 1 14 ? 9.433   -1.604  -6.959  1.00 107.05 ? 14  DA  A "C3'" 1 
ATOM   274 O  "O3'" . DA  A 1 14 ? 9.771   -2.964  -6.734  1.00 113.74 ? 14  DA  A "O3'" 1 
ATOM   275 C  "C2'" . DA  A 1 14 ? 8.136   -1.452  -7.762  1.00 99.20  ? 14  DA  A "C2'" 1 
ATOM   276 C  "C1'" . DA  A 1 14 ? 7.065   -1.681  -6.682  1.00 103.61 ? 14  DA  A "C1'" 1 
ATOM   277 N  N9    . DA  A 1 14 ? 5.912   -0.772  -6.755  1.00 87.65  ? 14  DA  A N9    1 
ATOM   278 C  C8    . DA  A 1 14 ? 5.937   0.583   -6.930  1.00 83.24  ? 14  DA  A C8    1 
ATOM   279 N  N7    . DA  A 1 14 ? 4.750   1.140   -6.927  1.00 72.58  ? 14  DA  A N7    1 
ATOM   280 C  C5    . DA  A 1 14 ? 3.888   0.083   -6.726  1.00 62.36  ? 14  DA  A C5    1 
ATOM   281 C  C6    . DA  A 1 14 ? 2.487   0.012   -6.620  1.00 67.03  ? 14  DA  A C6    1 
ATOM   282 N  N6    . DA  A 1 14 ? 1.695   1.089   -6.710  1.00 63.73  ? 14  DA  A N6    1 
ATOM   283 N  N1    . DA  A 1 14 ? 1.928   -1.202  -6.420  1.00 61.87  ? 14  DA  A N1    1 
ATOM   284 C  C2    . DA  A 1 14 ? 2.731   -2.274  -6.329  1.00 69.58  ? 14  DA  A C2    1 
ATOM   285 N  N3    . DA  A 1 14 ? 4.066   -2.329  -6.409  1.00 71.43  ? 14  DA  A N3    1 
ATOM   286 C  C4    . DA  A 1 14 ? 4.584   -1.107  -6.606  1.00 68.75  ? 14  DA  A C4    1 
ATOM   287 P  P     . DC  A 1 15 ? 10.106  -3.948  -7.954  1.00 128.84 ? 15  DC  A P     1 
ATOM   288 O  OP1   . DC  A 1 15 ? 10.998  -5.005  -7.425  1.00 112.43 ? 15  DC  A OP1   1 
ATOM   289 O  OP2   . DC  A 1 15 ? 10.522  -3.128  -9.117  1.00 115.70 ? 15  DC  A OP2   1 
ATOM   290 O  "O5'" . DC  A 1 15 ? 8.695   -4.620  -8.268  1.00 119.82 ? 15  DC  A "O5'" 1 
ATOM   291 C  "C5'" . DC  A 1 15 ? 7.878   -5.072  -7.191  1.00 110.62 ? 15  DC  A "C5'" 1 
ATOM   292 C  "C4'" . DC  A 1 15 ? 6.768   -5.956  -7.711  1.00 103.47 ? 15  DC  A "C4'" 1 
ATOM   293 O  "O4'" . DC  A 1 15 ? 5.525   -5.204  -7.781  1.00 104.70 ? 15  DC  A "O4'" 1 
ATOM   294 C  "C3'" . DC  A 1 15 ? 7.008   -6.499  -9.108  1.00 108.91 ? 15  DC  A "C3'" 1 
ATOM   295 O  "O3'" . DC  A 1 15 ? 6.490   -7.808  -9.195  1.00 115.10 ? 15  DC  A "O3'" 1 
ATOM   296 C  "C2'" . DC  A 1 15 ? 6.235   -5.519  -9.995  1.00 104.47 ? 15  DC  A "C2'" 1 
ATOM   297 C  "C1'" . DC  A 1 15 ? 5.039   -5.191  -9.113  1.00 94.05  ? 15  DC  A "C1'" 1 
ATOM   298 N  N1    . DC  A 1 15 ? 4.437   -3.845  -9.369  1.00 75.54  ? 15  DC  A N1    1 
ATOM   299 C  C2    . DC  A 1 15 ? 3.045   -3.700  -9.393  1.00 69.95  ? 15  DC  A C2    1 
ATOM   300 O  O2    . DC  A 1 15 ? 2.338   -4.698  -9.221  1.00 71.86  ? 15  DC  A O2    1 
ATOM   301 N  N3    . DC  A 1 15 ? 2.516   -2.469  -9.608  1.00 57.57  ? 15  DC  A N3    1 
ATOM   302 C  C4    . DC  A 1 15 ? 3.322   -1.420  -9.779  1.00 66.64  ? 15  DC  A C4    1 
ATOM   303 N  N4    . DC  A 1 15 ? 2.764   -0.222  -9.986  1.00 65.98  ? 15  DC  A N4    1 
ATOM   304 C  C5    . DC  A 1 15 ? 4.741   -1.549  -9.752  1.00 70.27  ? 15  DC  A C5    1 
ATOM   305 C  C6    . DC  A 1 15 ? 5.249   -2.767  -9.540  1.00 73.81  ? 15  DC  A C6    1 
ATOM   306 P  P     . DC  A 1 16 ? 6.970   -8.782  -10.374 1.00 129.36 ? 16  DC  A P     1 
ATOM   307 O  OP1   . DC  A 1 16 ? 7.513   -10.010 -9.744  1.00 118.49 ? 16  DC  A OP1   1 
ATOM   308 O  OP2   . DC  A 1 16 ? 7.797   -7.974  -11.306 1.00 110.54 ? 16  DC  A OP2   1 
ATOM   309 O  "O5'" . DC  A 1 16 ? 5.610   -9.158  -11.115 1.00 110.14 ? 16  DC  A "O5'" 1 
ATOM   310 C  "C5'" . DC  A 1 16 ? 4.491   -9.572  -10.354 1.00 108.48 ? 16  DC  A "C5'" 1 
ATOM   311 C  "C4'" . DC  A 1 16 ? 3.225   -9.476  -11.180 1.00 103.74 ? 16  DC  A "C4'" 1 
ATOM   312 O  "O4'" . DC  A 1 16 ? 2.758   -8.099  -11.229 1.00 100.83 ? 16  DC  A "O4'" 1 
ATOM   313 C  "C3'" . DC  A 1 16 ? 3.378   -9.905  -12.634 1.00 102.95 ? 16  DC  A "C3'" 1 
ATOM   314 O  "O3'" . DC  A 1 16 ? 2.214   -10.571 -13.027 1.00 110.76 ? 16  DC  A "O3'" 1 
ATOM   315 C  "C2'" . DC  A 1 16 ? 3.518   -8.570  -13.364 1.00 97.15  ? 16  DC  A "C2'" 1 
ATOM   316 C  "C1'" . DC  A 1 16 ? 2.526   -7.744  -12.573 1.00 94.47  ? 16  DC  A "C1'" 1 
ATOM   317 N  N1    . DC  A 1 16 ? 2.696   -6.279  -12.713 1.00 74.71  ? 16  DC  A N1    1 
ATOM   318 C  C2    . DC  A 1 16 ? 1.562   -5.466  -12.794 1.00 73.95  ? 16  DC  A C2    1 
ATOM   319 O  O2    . DC  A 1 16 ? 0.445   -5.994  -12.753 1.00 72.74  ? 16  DC  A O2    1 
ATOM   320 N  N3    . DC  A 1 16 ? 1.721   -4.123  -12.914 1.00 70.65  ? 16  DC  A N3    1 
ATOM   321 C  C4    . DC  A 1 16 ? 2.949   -3.602  -12.949 1.00 69.97  ? 16  DC  A C4    1 
ATOM   322 N  N4    . DC  A 1 16 ? 3.065   -2.271  -13.065 1.00 66.60  ? 16  DC  A N4    1 
ATOM   323 C  C5    . DC  A 1 16 ? 4.113   -4.420  -12.866 1.00 70.73  ? 16  DC  A C5    1 
ATOM   324 C  C6    . DC  A 1 16 ? 3.939   -5.741  -12.750 1.00 75.76  ? 16  DC  A C6    1 
ATOM   325 P  P     . DA  A 1 17 ? 2.280   -11.679 -14.176 1.00 121.16 ? 17  DA  A P     1 
ATOM   326 O  OP1   . DA  A 1 17 ? 2.695   -12.954 -13.547 1.00 111.64 ? 17  DA  A OP1   1 
ATOM   327 O  OP2   . DA  A 1 17 ? 3.070   -11.081 -15.278 1.00 119.07 ? 17  DA  A OP2   1 
ATOM   328 O  "O5'" . DA  A 1 17 ? 0.762   -11.816 -14.653 1.00 110.52 ? 17  DA  A "O5'" 1 
ATOM   329 C  "C5'" . DA  A 1 17 ? -0.270  -11.868 -13.693 1.00 99.91  ? 17  DA  A "C5'" 1 
ATOM   330 C  "C4'" . DA  A 1 17 ? -1.471  -11.076 -14.167 1.00 110.66 ? 17  DA  A "C4'" 1 
ATOM   331 O  "O4'" . DA  A 1 17 ? -1.158  -9.659  -14.183 1.00 113.17 ? 17  DA  A "O4'" 1 
ATOM   332 C  "C3'" . DA  A 1 17 ? -1.954  -11.421 -15.564 1.00 106.16 ? 17  DA  A "C3'" 1 
ATOM   333 O  "O3'" . DA  A 1 17 ? -3.363  -11.441 -15.570 1.00 108.41 ? 17  DA  A "O3'" 1 
ATOM   334 C  "C2'" . DA  A 1 17 ? -1.385  -10.294 -16.440 1.00 92.74  ? 17  DA  A "C2'" 1 
ATOM   335 C  "C1'" . DA  A 1 17 ? -1.341  -9.118  -15.478 1.00 93.20  ? 17  DA  A "C1'" 1 
ATOM   336 N  N9    . DA  A 1 17 ? -0.234  -8.198  -15.716 1.00 84.03  ? 17  DA  A N9    1 
ATOM   337 C  C8    . DA  A 1 17 ? 1.090   -8.519  -15.794 1.00 84.04  ? 17  DA  A C8    1 
ATOM   338 N  N7    . DA  A 1 17 ? 1.876   -7.482  -15.981 1.00 83.67  ? 17  DA  A N7    1 
ATOM   339 C  C5    . DA  A 1 17 ? 1.006   -6.403  -16.012 1.00 70.79  ? 17  DA  A C5    1 
ATOM   340 C  C6    . DA  A 1 17 ? 1.217   -5.017  -16.172 1.00 70.37  ? 17  DA  A C6    1 
ATOM   341 N  N6    . DA  A 1 17 ? 2.424   -4.475  -16.347 1.00 66.97  ? 17  DA  A N6    1 
ATOM   342 N  N1    . DA  A 1 17 ? 0.136   -4.210  -16.150 1.00 68.00  ? 17  DA  A N1    1 
ATOM   343 C  C2    . DA  A 1 17 ? -1.075  -4.759  -15.972 1.00 75.96  ? 17  DA  A C2    1 
ATOM   344 N  N3    . DA  A 1 17 ? -1.398  -6.048  -15.812 1.00 79.49  ? 17  DA  A N3    1 
ATOM   345 C  C4    . DA  A 1 17 ? -0.300  -6.824  -15.842 1.00 77.63  ? 17  DA  A C4    1 
ATOM   346 P  P     . DC  A 1 18 ? -4.157  -11.957 -16.860 1.00 120.35 ? 18  DC  A P     1 
ATOM   347 O  OP1   . DC  A 1 18 ? -5.497  -12.388 -16.398 1.00 112.75 ? 18  DC  A OP1   1 
ATOM   348 O  OP2   . DC  A 1 18 ? -3.288  -12.916 -17.574 1.00 115.97 ? 18  DC  A OP2   1 
ATOM   349 O  "O5'" . DC  A 1 18 ? -4.325  -10.626 -17.734 1.00 110.35 ? 18  DC  A "O5'" 1 
ATOM   350 C  "C5'" . DC  A 1 18 ? -5.022  -9.531  -17.166 1.00 111.93 ? 18  DC  A "C5'" 1 
ATOM   351 C  "C4'" . DC  A 1 18 ? -4.871  -8.271  -17.995 1.00 103.53 ? 18  DC  A "C4'" 1 
ATOM   352 O  "O4'" . DC  A 1 18 ? -3.538  -7.755  -17.885 1.00 101.43 ? 18  DC  A "O4'" 1 
ATOM   353 C  "C3'" . DC  A 1 18 ? -5.106  -8.431  -19.492 1.00 97.11  ? 18  DC  A "C3'" 1 
ATOM   354 O  "O3'" . DC  A 1 18 ? -6.417  -7.987  -19.820 1.00 101.59 ? 18  DC  A "O3'" 1 
ATOM   355 C  "C2'" . DC  A 1 18 ? -4.026  -7.534  -20.132 1.00 103.64 ? 18  DC  A "C2'" 1 
ATOM   356 C  "C1'" . DC  A 1 18 ? -3.386  -6.849  -18.934 1.00 91.38  ? 18  DC  A "C1'" 1 
ATOM   357 N  N1    . DC  A 1 18 ? -1.945  -6.553  -19.102 1.00 80.94  ? 18  DC  A N1    1 
ATOM   358 C  C2    . DC  A 1 18 ? -1.524  -5.225  -19.257 1.00 84.46  ? 18  DC  A C2    1 
ATOM   359 O  O2    . DC  A 1 18 ? -2.372  -4.322  -19.254 1.00 84.05  ? 18  DC  A O2    1 
ATOM   360 N  N3    . DC  A 1 18 ? -0.196  -4.967  -19.407 1.00 76.84  ? 18  DC  A N3    1 
ATOM   361 C  C4    . DC  A 1 18 ? 0.680   -5.971  -19.396 1.00 81.23  ? 18  DC  A C4    1 
ATOM   362 N  N4    . DC  A 1 18 ? 1.976   -5.678  -19.548 1.00 77.67  ? 18  DC  A N4    1 
ATOM   363 C  C5    . DC  A 1 18 ? 0.266   -7.328  -19.238 1.00 81.19  ? 18  DC  A C5    1 
ATOM   364 C  C6    . DC  A 1 18 ? -1.042  -7.569  -19.096 1.00 80.98  ? 18  DC  A C6    1 
ATOM   365 P  P     . DT  A 1 19 ? -6.867  -7.819  -21.357 1.00 131.10 ? 19  DT  A P     1 
ATOM   366 O  OP1   . DT  A 1 19 ? -8.340  -7.945  -21.402 1.00 117.81 ? 19  DT  A OP1   1 
ATOM   367 O  OP2   . DT  A 1 19 ? -6.014  -8.686  -22.209 1.00 120.23 ? 19  DT  A OP2   1 
ATOM   368 O  "O5'" . DT  A 1 19 ? -6.509  -6.303  -21.691 1.00 113.28 ? 19  DT  A "O5'" 1 
ATOM   369 C  "C5'" . DT  A 1 19 ? -6.836  -5.290  -20.761 1.00 110.40 ? 19  DT  A "C5'" 1 
ATOM   370 C  "C4'" . DT  A 1 19 ? -6.517  -3.924  -21.330 1.00 115.06 ? 19  DT  A "C4'" 1 
ATOM   371 O  "O4'" . DT  A 1 19 ? -5.085  -3.686  -21.285 1.00 115.67 ? 19  DT  A "O4'" 1 
ATOM   372 C  "C3'" . DT  A 1 19 ? -6.926  -3.720  -22.780 1.00 121.51 ? 19  DT  A "C3'" 1 
ATOM   373 O  "O3'" . DT  A 1 19 ? -7.360  -2.388  -22.938 1.00 127.33 ? 19  DT  A "O3'" 1 
ATOM   374 C  "C2'" . DT  A 1 19 ? -5.622  -3.997  -23.547 1.00 114.58 ? 19  DT  A "C2'" 1 
ATOM   375 C  "C1'" . DT  A 1 19 ? -4.595  -3.416  -22.587 1.00 109.13 ? 19  DT  A "C1'" 1 
ATOM   376 N  N1    . DT  A 1 19 ? -3.204  -4.000  -22.684 1.00 92.17  ? 19  DT  A N1    1 
ATOM   377 C  C2    . DT  A 1 19 ? -2.124  -3.141  -22.743 1.00 93.29  ? 19  DT  A C2    1 
ATOM   378 O  O2    . DT  A 1 19 ? -2.234  -1.922  -22.766 1.00 92.58  ? 19  DT  A O2    1 
ATOM   379 N  N3    . DT  A 1 19 ? -0.901  -3.761  -22.788 1.00 82.09  ? 19  DT  A N3    1 
ATOM   380 C  C4    . DT  A 1 19 ? -0.649  -5.118  -22.768 1.00 84.03  ? 19  DT  A C4    1 
ATOM   381 O  O4    . DT  A 1 19 ? 0.491   -5.575  -22.816 1.00 90.85  ? 19  DT  A O4    1 
ATOM   382 C  C5    . DT  A 1 19 ? -1.812  -5.963  -22.690 1.00 84.85  ? 19  DT  A C5    1 
ATOM   383 C  C7    . DT  A 1 19 ? -1.646  -7.454  -22.665 1.00 73.95  ? 19  DT  A C7    1 
ATOM   384 C  C6    . DT  A 1 19 ? -3.025  -5.371  -22.645 1.00 86.70  ? 19  DT  A C6    1 
ATOM   385 P  P     . DC  A 1 20 ? -8.188  -1.961  -24.238 1.00 131.88 ? 20  DC  A P     1 
ATOM   386 O  OP1   . DC  A 1 20 ? -9.284  -1.068  -23.801 1.00 119.39 ? 20  DC  A OP1   1 
ATOM   387 O  OP2   . DC  A 1 20 ? -8.486  -3.209  -24.979 1.00 126.75 ? 20  DC  A OP2   1 
ATOM   388 O  "O5'" . DC  A 1 20 ? -7.138  -1.087  -25.066 1.00 127.46 ? 20  DC  A "O5'" 1 
ATOM   389 C  "C5'" . DC  A 1 20 ? -6.521  0.029   -24.445 1.00 133.05 ? 20  DC  A "C5'" 1 
ATOM   390 C  "C4'" . DC  A 1 20 ? -5.466  0.644   -25.346 1.00 143.67 ? 20  DC  A "C4'" 1 
ATOM   391 O  "O4'" . DC  A 1 20 ? -4.225  -0.105  -25.246 1.00 149.01 ? 20  DC  A "O4'" 1 
ATOM   392 C  "C3'" . DC  A 1 20 ? -5.817  0.678   -26.832 1.00 145.27 ? 20  DC  A "C3'" 1 
ATOM   393 O  "O3'" . DC  A 1 20 ? -5.387  1.911   -27.379 1.00 142.79 ? 20  DC  A "O3'" 1 
ATOM   394 C  "C2'" . DC  A 1 20 ? -5.018  -0.497  -27.397 1.00 138.14 ? 20  DC  A "C2'" 1 
ATOM   395 C  "C1'" . DC  A 1 20 ? -3.766  -0.421  -26.542 1.00 125.09 ? 20  DC  A "C1'" 1 
ATOM   396 N  N1    . DC  A 1 20 ? -3.005  -1.693  -26.470 1.00 106.95 ? 20  DC  A N1    1 
ATOM   397 C  C2    . DC  A 1 20 ? -1.605  -1.653  -26.415 1.00 101.27 ? 20  DC  A C2    1 
ATOM   398 O  O2    . DC  A 1 20 ? -1.034  -0.551  -26.439 1.00 98.57  ? 20  DC  A O2    1 
ATOM   399 N  N3    . DC  A 1 20 ? -0.918  -2.824  -26.338 1.00 100.75 ? 20  DC  A N3    1 
ATOM   400 C  C4    . DC  A 1 20 ? -1.582  -3.990  -26.313 1.00 99.33  ? 20  DC  A C4    1 
ATOM   401 N  N4    . DC  A 1 20 ? -0.865  -5.119  -26.234 1.00 96.35  ? 20  DC  A N4    1 
ATOM   402 C  C5    . DC  A 1 20 ? -3.010  -4.045  -26.366 1.00 94.78  ? 20  DC  A C5    1 
ATOM   403 C  C6    . DC  A 1 20 ? -3.672  -2.885  -26.442 1.00 105.29 ? 20  DC  A C6    1 
ATOM   404 P  P     . DA  A 1 21 ? -5.867  2.369   -28.839 1.00 153.24 ? 21  DA  A P     1 
ATOM   405 O  OP1   . DA  A 1 21 ? -6.708  3.576   -28.651 1.00 157.51 ? 21  DA  A OP1   1 
ATOM   406 O  OP2   . DA  A 1 21 ? -6.414  1.180   -29.540 1.00 133.71 ? 21  DA  A OP2   1 
ATOM   407 O  "O5'" . DA  A 1 21 ? -4.502  2.806   -29.558 1.00 139.12 ? 21  DA  A "O5'" 1 
ATOM   408 C  "C5'" . DA  A 1 21 ? -3.723  3.875   -29.017 1.00 138.79 ? 21  DA  A "C5'" 1 
ATOM   409 C  "C4'" . DA  A 1 21 ? -2.266  3.768   -29.443 1.00 135.13 ? 21  DA  A "C4'" 1 
ATOM   410 O  "O4'" . DA  A 1 21 ? -1.767  2.438   -29.145 1.00 127.19 ? 21  DA  A "O4'" 1 
ATOM   411 C  "C3'" . DA  A 1 21 ? -2.000  3.984   -30.931 1.00 126.72 ? 21  DA  A "C3'" 1 
ATOM   412 O  "O3'" . DA  A 1 21 ? -0.732  4.605   -31.109 1.00 130.41 ? 21  DA  A "O3'" 1 
ATOM   413 C  "C2'" . DA  A 1 21 ? -2.001  2.561   -31.475 1.00 114.95 ? 21  DA  A "C2'" 1 
ATOM   414 C  "C1'" . DA  A 1 21 ? -1.343  1.807   -30.335 1.00 103.18 ? 21  DA  A "C1'" 1 
ATOM   415 N  N9    . DA  A 1 21 ? -1.729  0.409   -30.261 1.00 97.86  ? 21  DA  A N9    1 
ATOM   416 C  C8    . DA  A 1 21 ? -2.993  -0.107  -30.296 1.00 100.56 ? 21  DA  A C8    1 
ATOM   417 N  N7    . DA  A 1 21 ? -3.030  -1.417  -30.197 1.00 100.96 ? 21  DA  A N7    1 
ATOM   418 C  C5    . DA  A 1 21 ? -1.696  -1.778  -30.085 1.00 99.27  ? 21  DA  A C5    1 
ATOM   419 C  C6    . DA  A 1 21 ? -1.049  -3.026  -29.945 1.00 100.67 ? 21  DA  A C6    1 
ATOM   420 N  N6    . DA  A 1 21 ? -1.697  -4.196  -29.894 1.00 101.31 ? 21  DA  A N6    1 
ATOM   421 N  N1    . DA  A 1 21 ? 0.299   -3.022  -29.857 1.00 98.06  ? 21  DA  A N1    1 
ATOM   422 C  C2    . DA  A 1 21 ? 0.944   -1.852  -29.908 1.00 100.60 ? 21  DA  A C2    1 
ATOM   423 N  N3    . DA  A 1 21 ? 0.450   -0.626  -30.036 1.00 98.10  ? 21  DA  A N3    1 
ATOM   424 C  C4    . DA  A 1 21 ? -0.885  -0.659  -30.120 1.00 97.66  ? 21  DA  A C4    1 
ATOM   425 P  P     . DT  B 2 1  ? -7.324  -2.861  -2.689  1.00 95.98  ? 1   DT  B P     1 
ATOM   426 O  OP1   . DT  B 2 1  ? -8.664  -3.144  -3.256  1.00 69.46  ? 1   DT  B OP1   1 
ATOM   427 O  OP2   . DT  B 2 1  ? -6.929  -1.461  -2.417  1.00 79.18  ? 1   DT  B OP2   1 
ATOM   428 O  "O5'" . DT  B 2 1  ? -6.198  -3.439  -3.673  1.00 85.31  ? 1   DT  B "O5'" 1 
ATOM   429 C  "C5'" . DT  B 2 1  ? -6.442  -4.617  -4.434  1.00 73.00  ? 1   DT  B "C5'" 1 
ATOM   430 C  "C4'" . DT  B 2 1  ? -5.139  -5.196  -4.929  1.00 66.76  ? 1   DT  B "C4'" 1 
ATOM   431 O  "O4'" . DT  B 2 1  ? -4.548  -4.275  -5.859  1.00 66.55  ? 1   DT  B "O4'" 1 
ATOM   432 C  "C3'" . DT  B 2 1  ? -4.091  -5.371  -3.853  1.00 67.42  ? 1   DT  B "C3'" 1 
ATOM   433 O  "O3'" . DT  B 2 1  ? -4.248  -6.615  -3.231  1.00 69.95  ? 1   DT  B "O3'" 1 
ATOM   434 C  "C2'" . DT  B 2 1  ? -2.776  -5.287  -4.622  1.00 56.16  ? 1   DT  B "C2'" 1 
ATOM   435 C  "C1'" . DT  B 2 1  ? -3.140  -4.402  -5.818  1.00 61.34  ? 1   DT  B "C1'" 1 
ATOM   436 N  N1    . DT  B 2 1  ? -2.557  -3.039  -5.802  1.00 49.32  ? 1   DT  B N1    1 
ATOM   437 C  C2    . DT  B 2 1  ? -1.206  -2.885  -5.910  1.00 58.33  ? 1   DT  B C2    1 
ATOM   438 O  O2    . DT  B 2 1  ? -0.433  -3.824  -5.966  1.00 72.13  ? 1   DT  B O2    1 
ATOM   439 N  N3    . DT  B 2 1  ? -0.776  -1.590  -5.936  1.00 55.74  ? 1   DT  B N3    1 
ATOM   440 C  C4    . DT  B 2 1  ? -1.552  -0.452  -5.881  1.00 59.42  ? 1   DT  B C4    1 
ATOM   441 O  O4    . DT  B 2 1  ? -1.072  0.679   -5.901  1.00 64.42  ? 1   DT  B O4    1 
ATOM   442 C  C5    . DT  B 2 1  ? -2.964  -0.681  -5.786  1.00 57.74  ? 1   DT  B C5    1 
ATOM   443 C  C7    . DT  B 2 1  ? -3.906  0.486   -5.717  1.00 74.15  ? 1   DT  B C7    1 
ATOM   444 C  C6    . DT  B 2 1  ? -3.396  -1.951  -5.758  1.00 56.45  ? 1   DT  B C6    1 
ATOM   445 P  P     . DG  B 2 2  ? -4.005  -6.737  -1.649  1.00 93.63  ? 2   DG  B P     1 
ATOM   446 O  OP1   . DG  B 2 2  ? -4.253  -8.145  -1.260  1.00 82.59  ? 2   DG  B OP1   1 
ATOM   447 O  OP2   . DG  B 2 2  ? -4.798  -5.663  -1.002  1.00 75.20  ? 2   DG  B OP2   1 
ATOM   448 O  "O5'" . DG  B 2 2  ? -2.436  -6.432  -1.494  1.00 77.40  ? 2   DG  B "O5'" 1 
ATOM   449 C  "C5'" . DG  B 2 2  ? -1.506  -7.519  -1.532  1.00 78.55  ? 2   DG  B "C5'" 1 
ATOM   450 C  "C4'" . DG  B 2 2  ? -0.100  -7.030  -1.820  1.00 81.07  ? 2   DG  B "C4'" 1 
ATOM   451 O  "O4'" . DG  B 2 2  ? -0.170  -5.912  -2.712  1.00 72.56  ? 2   DG  B "O4'" 1 
ATOM   452 C  "C3'" . DG  B 2 2  ? 0.661   -6.513  -0.615  1.00 90.02  ? 2   DG  B "C3'" 1 
ATOM   453 O  "O3'" . DG  B 2 2  ? 1.354   -7.587  0.018   1.00 105.62 ? 2   DG  B "O3'" 1 
ATOM   454 C  "C2'" . DG  B 2 2  ? 1.637   -5.503  -1.227  1.00 78.93  ? 2   DG  B "C2'" 1 
ATOM   455 C  "C1'" . DG  B 2 2  ? 0.948   -5.071  -2.516  1.00 68.14  ? 2   DG  B "C1'" 1 
ATOM   456 N  N9    . DG  B 2 2  ? 0.467   -3.696  -2.519  1.00 66.49  ? 2   DG  B N9    1 
ATOM   457 C  C8    . DG  B 2 2  ? -0.839  -3.290  -2.417  1.00 68.92  ? 2   DG  B C8    1 
ATOM   458 N  N7    . DG  B 2 2  ? -0.988  -1.998  -2.491  1.00 66.35  ? 2   DG  B N7    1 
ATOM   459 C  C5    . DG  B 2 2  ? 0.300   -1.519  -2.655  1.00 53.18  ? 2   DG  B C5    1 
ATOM   460 C  C6    . DG  B 2 2  ? 0.753   -0.200  -2.787  1.00 60.47  ? 2   DG  B C6    1 
ATOM   461 O  O6    . DG  B 2 2  ? 0.080   0.838   -2.784  1.00 72.11  ? 2   DG  B O6    1 
ATOM   462 N  N1    . DG  B 2 2  ? 2.133   -0.137  -2.931  1.00 59.75  ? 2   DG  B N1    1 
ATOM   463 C  C2    . DG  B 2 2  ? 2.967   -1.223  -2.948  1.00 64.88  ? 2   DG  B C2    1 
ATOM   464 N  N2    . DG  B 2 2  ? 4.270   -0.968  -3.101  1.00 64.12  ? 2   DG  B N2    1 
ATOM   465 N  N3    . DG  B 2 2  ? 2.551   -2.479  -2.827  1.00 64.00  ? 2   DG  B N3    1 
ATOM   466 C  C4    . DG  B 2 2  ? 1.210   -2.548  -2.683  1.00 58.11  ? 2   DG  B C4    1 
ATOM   467 P  P     . DT  B 2 3  ? 1.876   -7.427  1.530   1.00 122.09 ? 3   DT  B P     1 
ATOM   468 O  OP1   . DT  B 2 3  ? 2.245   -8.770  2.038   1.00 112.00 ? 3   DT  B OP1   1 
ATOM   469 O  OP2   . DT  B 2 3  ? 0.847   -6.624  2.240   1.00 94.20  ? 3   DT  B OP2   1 
ATOM   470 O  "O5'" . DT  B 2 3  ? 3.215   -6.554  1.380   1.00 95.62  ? 3   DT  B "O5'" 1 
ATOM   471 C  "C5'" . DT  B 2 3  ? 4.210   -6.941  0.432   1.00 88.12  ? 3   DT  B "C5'" 1 
ATOM   472 C  "C4'" . DT  B 2 3  ? 5.316   -5.898  0.334   1.00 96.53  ? 3   DT  B "C4'" 1 
ATOM   473 O  "O4'" . DT  B 2 3  ? 4.800   -4.655  -0.218  1.00 89.60  ? 3   DT  B "O4'" 1 
ATOM   474 C  "C3'" . DT  B 2 3  ? 5.987   -5.534  1.654   1.00 94.02  ? 3   DT  B "C3'" 1 
ATOM   475 O  "O3'" . DT  B 2 3  ? 7.380   -5.436  1.456   1.00 95.37  ? 3   DT  B "O3'" 1 
ATOM   476 C  "C2'" . DT  B 2 3  ? 5.372   -4.181  1.999   1.00 88.76  ? 3   DT  B "C2'" 1 
ATOM   477 C  "C1'" . DT  B 2 3  ? 5.157   -3.575  0.619   1.00 80.49  ? 3   DT  B "C1'" 1 
ATOM   478 N  N1    . DT  B 2 3  ? 4.045   -2.578  0.574   1.00 69.03  ? 3   DT  B N1    1 
ATOM   479 C  C2    . DT  B 2 3  ? 4.320   -1.258  0.298   1.00 69.67  ? 3   DT  B C2    1 
ATOM   480 O  O2    . DT  B 2 3  ? 5.446   -0.833  0.096   1.00 73.54  ? 3   DT  B O2    1 
ATOM   481 N  N3    . DT  B 2 3  ? 3.216   -0.444  0.278   1.00 66.59  ? 3   DT  B N3    1 
ATOM   482 C  C4    . DT  B 2 3  ? 1.900   -0.810  0.490   1.00 69.12  ? 3   DT  B C4    1 
ATOM   483 O  O4    . DT  B 2 3  ? 0.971   -0.002  0.453   1.00 67.06  ? 3   DT  B O4    1 
ATOM   484 C  C5    . DT  B 2 3  ? 1.689   -2.207  0.769   1.00 63.59  ? 3   DT  B C5    1 
ATOM   485 C  C7    . DT  B 2 3  ? 0.304   -2.725  1.021   1.00 61.93  ? 3   DT  B C7    1 
ATOM   486 C  C6    . DT  B 2 3  ? 2.758   -3.009  0.800   1.00 68.65  ? 3   DT  B C6    1 
ATOM   487 P  P     . DC  B 2 4  ? 8.380   -5.458  2.708   1.00 110.53 ? 4   DC  B P     1 
ATOM   488 O  OP1   . DC  B 2 4  ? 9.588   -6.195  2.274   1.00 114.87 ? 4   DC  B OP1   1 
ATOM   489 O  OP2   . DC  B 2 4  ? 7.636   -5.860  3.930   1.00 96.36  ? 4   DC  B OP2   1 
ATOM   490 O  "O5'" . DC  B 2 4  ? 8.773   -3.931  2.865   1.00 92.59  ? 4   DC  B "O5'" 1 
ATOM   491 C  "C5'" . DC  B 2 4  ? 9.053   -3.174  1.718   1.00 84.80  ? 4   DC  B "C5'" 1 
ATOM   492 C  "C4'" . DC  B 2 4  ? 9.396   -1.757  2.106   1.00 93.39  ? 4   DC  B "C4'" 1 
ATOM   493 O  "O4'" . DC  B 2 4  ? 8.208   -0.920  2.045   1.00 93.50  ? 4   DC  B "O4'" 1 
ATOM   494 C  "C3'" . DC  B 2 4  ? 9.936   -1.596  3.519   1.00 87.13  ? 4   DC  B "C3'" 1 
ATOM   495 O  "O3'" . DC  B 2 4  ? 10.892  -0.569  3.512   1.00 86.37  ? 4   DC  B "O3'" 1 
ATOM   496 C  "C2'" . DC  B 2 4  ? 8.686   -1.198  4.312   1.00 86.01  ? 4   DC  B "C2'" 1 
ATOM   497 C  "C1'" . DC  B 2 4  ? 7.983   -0.307  3.303   1.00 79.09  ? 4   DC  B "C1'" 1 
ATOM   498 N  N1    . DC  B 2 4  ? 6.526   -0.217  3.476   1.00 69.55  ? 4   DC  B N1    1 
ATOM   499 C  C2    . DC  B 2 4  ? 5.879   0.998   3.226   1.00 72.22  ? 4   DC  B C2    1 
ATOM   500 O  O2    . DC  B 2 4  ? 6.558   1.980   2.914   1.00 68.96  ? 4   DC  B O2    1 
ATOM   501 N  N3    . DC  B 2 4  ? 4.528   1.061   3.349   1.00 69.73  ? 4   DC  B N3    1 
ATOM   502 C  C4    . DC  B 2 4  ? 3.840   -0.038  3.688   1.00 74.18  ? 4   DC  B C4    1 
ATOM   503 N  N4    . DC  B 2 4  ? 2.507   0.056   3.801   1.00 69.36  ? 4   DC  B N4    1 
ATOM   504 C  C5    . DC  B 2 4  ? 4.491   -1.284  3.929   1.00 73.64  ? 4   DC  B C5    1 
ATOM   505 C  C6    . DC  B 2 4  ? 5.821   -1.325  3.807   1.00 71.04  ? 4   DC  B C6    1 
ATOM   506 P  P     . DA  B 2 5  ? 12.143  -0.622  4.503   1.00 85.20  ? 5   DA  B P     1 
ATOM   507 O  OP1   . DA  B 2 5  ? 13.358  -0.306  3.715   1.00 86.47  ? 5   DA  B OP1   1 
ATOM   508 O  OP2   . DA  B 2 5  ? 12.064  -1.875  5.295   1.00 88.82  ? 5   DA  B OP2   1 
ATOM   509 O  "O5'" . DA  B 2 5  ? 11.856  0.594   5.476   1.00 71.22  ? 5   DA  B "O5'" 1 
ATOM   510 C  "C5'" . DA  B 2 5  ? 11.678  1.878   4.948   1.00 75.44  ? 5   DA  B "C5'" 1 
ATOM   511 C  "C4'" . DA  B 2 5  ? 10.960  2.726   5.955   1.00 75.30  ? 5   DA  B "C4'" 1 
ATOM   512 O  "O4'" . DA  B 2 5  ? 9.553   2.611   5.737   1.00 82.63  ? 5   DA  B "O4'" 1 
ATOM   513 C  "C3'" . DA  B 2 5  ? 11.138  2.245   7.371   1.00 85.97  ? 5   DA  B "C3'" 1 
ATOM   514 O  "O3'" . DA  B 2 5  ? 12.319  2.788   7.911   1.00 86.39  ? 5   DA  B "O3'" 1 
ATOM   515 C  "C2'" . DA  B 2 5  ? 9.889   2.765   8.082   1.00 76.94  ? 5   DA  B "C2'" 1 
ATOM   516 C  "C1'" . DA  B 2 5  ? 8.885   2.918   6.939   1.00 77.35  ? 5   DA  B "C1'" 1 
ATOM   517 N  N9    . DA  B 2 5  ? 7.709   2.069   7.057   1.00 68.39  ? 5   DA  B N9    1 
ATOM   518 C  C8    . DA  B 2 5  ? 7.646   0.755   7.430   1.00 72.89  ? 5   DA  B C8    1 
ATOM   519 N  N7    . DA  B 2 5  ? 6.420   0.269   7.429   1.00 71.44  ? 5   DA  B N7    1 
ATOM   520 C  C5    . DA  B 2 5  ? 5.647   1.345   7.029   1.00 68.44  ? 5   DA  B C5    1 
ATOM   521 C  C6    . DA  B 2 5  ? 4.268   1.507   6.824   1.00 66.81  ? 5   DA  B C6    1 
ATOM   522 N  N6    . DA  B 2 5  ? 3.380   0.539   7.011   1.00 70.45  ? 5   DA  B N6    1 
ATOM   523 N  N1    . DA  B 2 5  ? 3.832   2.717   6.422   1.00 72.53  ? 5   DA  B N1    1 
ATOM   524 C  C2    . DA  B 2 5  ? 4.723   3.683   6.242   1.00 79.17  ? 5   DA  B C2    1 
ATOM   525 N  N3    . DA  B 2 5  ? 6.035   3.651   6.401   1.00 77.63  ? 5   DA  B N3    1 
ATOM   526 C  C4    . DA  B 2 5  ? 6.434   2.449   6.800   1.00 69.34  ? 5   DA  B C4    1 
ATOM   527 O  "O5'" . DT  C 3 1  ? -2.784  -12.906 -33.687 1.00 145.50 ? 1   DT  C "O5'" 1 
ATOM   528 C  "C5'" . DT  C 3 1  ? -2.387  -13.873 -34.658 1.00 137.70 ? 1   DT  C "C5'" 1 
ATOM   529 C  "C4'" . DT  C 3 1  ? -0.918  -13.718 -35.012 1.00 128.08 ? 1   DT  C "C4'" 1 
ATOM   530 O  "O4'" . DT  C 3 1  ? -0.714  -12.464 -35.713 1.00 118.68 ? 1   DT  C "O4'" 1 
ATOM   531 C  "C3'" . DT  C 3 1  ? 0.034   -13.699 -33.815 1.00 129.54 ? 1   DT  C "C3'" 1 
ATOM   532 O  "O3'" . DT  C 3 1  ? 1.195   -14.460 -34.105 1.00 142.47 ? 1   DT  C "O3'" 1 
ATOM   533 C  "C2'" . DT  C 3 1  ? 0.360   -12.218 -33.643 1.00 116.06 ? 1   DT  C "C2'" 1 
ATOM   534 C  "C1'" . DT  C 3 1  ? 0.300   -11.716 -35.077 1.00 112.98 ? 1   DT  C "C1'" 1 
ATOM   535 N  N1    . DT  C 3 1  ? -0.049  -10.276 -35.179 1.00 110.63 ? 1   DT  C N1    1 
ATOM   536 C  C2    . DT  C 3 1  ? 0.955   -9.343  -35.342 1.00 108.59 ? 1   DT  C C2    1 
ATOM   537 O  O2    . DT  C 3 1  ? 2.141   -9.634  -35.409 1.00 105.76 ? 1   DT  C O2    1 
ATOM   538 N  N3    . DT  C 3 1  ? 0.518   -8.046  -35.421 1.00 100.58 ? 1   DT  C N3    1 
ATOM   539 C  C4    . DT  C 3 1  ? -0.793  -7.602  -35.357 1.00 100.85 ? 1   DT  C C4    1 
ATOM   540 O  O4    . DT  C 3 1  ? -1.090  -6.419  -35.437 1.00 102.22 ? 1   DT  C O4    1 
ATOM   541 C  C5    . DT  C 3 1  ? -1.789  -8.631  -35.190 1.00 97.67  ? 1   DT  C C5    1 
ATOM   542 C  C7    . DT  C 3 1  ? -3.239  -8.265  -35.112 1.00 91.64  ? 1   DT  C C7    1 
ATOM   543 C  C6    . DT  C 3 1  ? -1.377  -9.902  -35.109 1.00 105.78 ? 1   DT  C C6    1 
ATOM   544 P  P     . DC  C 3 2  ? 2.029   -15.139 -32.911 1.00 146.19 ? 2   DC  C P     1 
ATOM   545 O  OP1   . DC  C 3 2  ? 2.465   -16.485 -33.349 1.00 143.79 ? 2   DC  C OP1   1 
ATOM   546 O  OP2   . DC  C 3 2  ? 1.245   -14.964 -31.667 1.00 128.16 ? 2   DC  C OP2   1 
ATOM   547 O  "O5'" . DC  C 3 2  ? 3.308   -14.204 -32.764 1.00 131.34 ? 2   DC  C "O5'" 1 
ATOM   548 C  "C5'" . DC  C 3 2  ? 3.297   -13.160 -31.826 1.00 116.79 ? 2   DC  C "C5'" 1 
ATOM   549 C  "C4'" . DC  C 3 2  ? 4.116   -12.000 -32.325 1.00 110.31 ? 2   DC  C "C4'" 1 
ATOM   550 O  "O4'" . DC  C 3 2  ? 3.233   -10.973 -32.827 1.00 115.30 ? 2   DC  C "O4'" 1 
ATOM   551 C  "C3'" . DC  C 3 2  ? 4.987   -11.342 -31.260 1.00 116.63 ? 2   DC  C "C3'" 1 
ATOM   552 O  "O3'" . DC  C 3 2  ? 6.330   -11.297 -31.690 1.00 123.65 ? 2   DC  C "O3'" 1 
ATOM   553 C  "C2'" . DC  C 3 2  ? 4.396   -9.940  -31.097 1.00 111.80 ? 2   DC  C "C2'" 1 
ATOM   554 C  "C1'" . DC  C 3 2  ? 3.712   -9.714  -32.433 1.00 111.29 ? 2   DC  C "C1'" 1 
ATOM   555 N  N1    . DC  C 3 2  ? 2.558   -8.782  -32.336 1.00 106.29 ? 2   DC  C N1    1 
ATOM   556 C  C2    . DC  C 3 2  ? 2.760   -7.400  -32.481 1.00 103.83 ? 2   DC  C C2    1 
ATOM   557 O  O2    . DC  C 3 2  ? 3.903   -6.973  -32.704 1.00 102.64 ? 2   DC  C O2    1 
ATOM   558 N  N3    . DC  C 3 2  ? 1.695   -6.569  -32.376 1.00 99.54  ? 2   DC  C N3    1 
ATOM   559 C  C4    . DC  C 3 2  ? 0.479   -7.072  -32.140 1.00 105.50 ? 2   DC  C C4    1 
ATOM   560 N  N4    . DC  C 3 2  ? -0.544  -6.219  -32.046 1.00 106.71 ? 2   DC  C N4    1 
ATOM   561 C  C5    . DC  C 3 2  ? 0.257   -8.475  -31.988 1.00 98.22  ? 2   DC  C C5    1 
ATOM   562 C  C6    . DC  C 3 2  ? 1.313   -9.282  -32.090 1.00 96.12  ? 2   DC  C C6    1 
ATOM   563 P  P     . DT  C 3 3  ? 7.456   -10.722 -30.701 1.00 134.02 ? 3   DT  C P     1 
ATOM   564 O  OP1   . DT  C 3 3  ? 8.782   -11.175 -31.182 1.00 130.75 ? 3   DT  C OP1   1 
ATOM   565 O  OP2   . DT  C 3 3  ? 7.029   -11.036 -29.320 1.00 118.66 ? 3   DT  C OP2   1 
ATOM   566 O  "O5'" . DT  C 3 3  ? 7.340   -9.142  -30.881 1.00 106.11 ? 3   DT  C "O5'" 1 
ATOM   567 C  "C5'" . DT  C 3 3  ? 8.065   -8.302  -30.042 1.00 96.49  ? 3   DT  C "C5'" 1 
ATOM   568 C  "C4'" . DT  C 3 3  ? 7.429   -6.942  -29.987 1.00 101.37 ? 3   DT  C "C4'" 1 
ATOM   569 O  "O4'" . DT  C 3 3  ? 5.998   -7.062  -30.041 1.00 108.31 ? 3   DT  C "O4'" 1 
ATOM   570 C  "C3'" . DT  C 3 3  ? 7.704   -6.173  -28.701 1.00 120.90 ? 3   DT  C "C3'" 1 
ATOM   571 O  "O3'" . DT  C 3 3  ? 8.671   -5.182  -28.931 1.00 126.11 ? 3   DT  C "O3'" 1 
ATOM   572 C  "C2'" . DT  C 3 3  ? 6.345   -5.562  -28.319 1.00 121.20 ? 3   DT  C "C2'" 1 
ATOM   573 C  "C1'" . DT  C 3 3  ? 5.494   -5.856  -29.535 1.00 112.69 ? 3   DT  C "C1'" 1 
ATOM   574 N  N1    . DT  C 3 3  ? 4.016   -5.972  -29.257 1.00 107.93 ? 3   DT  C N1    1 
ATOM   575 C  C2    . DT  C 3 3  ? 3.265   -4.819  -29.194 1.00 105.02 ? 3   DT  C C2    1 
ATOM   576 O  O2    . DT  C 3 3  ? 3.739   -3.701  -29.334 1.00 103.11 ? 3   DT  C O2    1 
ATOM   577 N  N3    . DT  C 3 3  ? 1.931   -5.015  -28.960 1.00 102.32 ? 3   DT  C N3    1 
ATOM   578 C  C4    . DT  C 3 3  ? 1.278   -6.220  -28.786 1.00 106.42 ? 3   DT  C C4    1 
ATOM   579 O  O4    . DT  C 3 3  ? 0.069   -6.282  -28.584 1.00 106.32 ? 3   DT  C O4    1 
ATOM   580 C  C5    . DT  C 3 3  ? 2.118   -7.394  -28.867 1.00 102.87 ? 3   DT  C C5    1 
ATOM   581 C  C7    . DT  C 3 3  ? 1.519   -8.760  -28.690 1.00 90.88  ? 3   DT  C C7    1 
ATOM   582 C  C6    . DT  C 3 3  ? 3.434   -7.217  -29.097 1.00 106.82 ? 3   DT  C C6    1 
ATOM   583 P  P     . DG  C 3 4  ? 9.867   -5.005  -27.879 1.00 137.42 ? 4   DG  C P     1 
ATOM   584 O  OP1   . DG  C 3 4  ? 11.133  -4.875  -28.642 1.00 123.53 ? 4   DG  C OP1   1 
ATOM   585 O  OP2   . DG  C 3 4  ? 9.712   -6.099  -26.889 1.00 122.40 ? 4   DG  C OP2   1 
ATOM   586 O  "O5'" . DG  C 3 4  ? 9.533   -3.613  -27.164 1.00 122.81 ? 4   DG  C "O5'" 1 
ATOM   587 C  "C5'" . DG  C 3 4  ? 9.890   -2.404  -27.803 1.00 117.67 ? 4   DG  C "C5'" 1 
ATOM   588 C  "C4'" . DG  C 3 4  ? 9.012   -1.264  -27.335 1.00 115.03 ? 4   DG  C "C4'" 1 
ATOM   589 O  "O4'" . DG  C 3 4  ? 7.618   -1.660  -27.383 1.00 118.69 ? 4   DG  C "O4'" 1 
ATOM   590 C  "C3'" . DG  C 3 4  ? 9.272   -0.775  -25.918 1.00 107.94 ? 4   DG  C "C3'" 1 
ATOM   591 O  "O3'" . DG  C 3 4  ? 9.252   0.653   -25.935 1.00 118.58 ? 4   DG  C "O3'" 1 
ATOM   592 C  "C2'" . DG  C 3 4  ? 8.117   -1.389  -25.112 1.00 112.97 ? 4   DG  C "C2'" 1 
ATOM   593 C  "C1'" . DG  C 3 4  ? 6.995   -1.413  -26.139 1.00 120.09 ? 4   DG  C "C1'" 1 
ATOM   594 N  N9    . DG  C 3 4  ? 5.991   -2.470  -25.935 1.00 115.70 ? 4   DG  C N9    1 
ATOM   595 C  C8    . DG  C 3 4  ? 6.232   -3.798  -25.683 1.00 108.07 ? 4   DG  C C8    1 
ATOM   596 N  N7    . DG  C 3 4  ? 5.145   -4.520  -25.583 1.00 105.38 ? 4   DG  C N7    1 
ATOM   597 C  C5    . DG  C 3 4  ? 4.112   -3.614  -25.787 1.00 105.18 ? 4   DG  C C5    1 
ATOM   598 C  C6    . DG  C 3 4  ? 2.706   -3.818  -25.790 1.00 103.28 ? 4   DG  C C6    1 
ATOM   599 O  O6    . DG  C 3 4  ? 2.080   -4.880  -25.612 1.00 94.52  ? 4   DG  C O6    1 
ATOM   600 N  N1    . DG  C 3 4  ? 2.011   -2.627  -26.035 1.00 95.40  ? 4   DG  C N1    1 
ATOM   601 C  C2    . DG  C 3 4  ? 2.603   -1.398  -26.250 1.00 99.26  ? 4   DG  C C2    1 
ATOM   602 N  N2    . DG  C 3 4  ? 1.777   -0.359  -26.471 1.00 94.81  ? 4   DG  C N2    1 
ATOM   603 N  N3    . DG  C 3 4  ? 3.920   -1.199  -26.249 1.00 104.59 ? 4   DG  C N3    1 
ATOM   604 C  C4    . DG  C 3 4  ? 4.611   -2.347  -26.012 1.00 108.60 ? 4   DG  C C4    1 
ATOM   605 P  P     . DA  C 3 5  ? 8.982   1.516   -24.610 1.00 138.62 ? 5   DA  C P     1 
ATOM   606 O  OP1   . DA  C 3 5  ? 9.463   2.893   -24.881 1.00 119.84 ? 5   DA  C OP1   1 
ATOM   607 O  OP2   . DA  C 3 5  ? 9.507   0.766   -23.446 1.00 133.00 ? 5   DA  C OP2   1 
ATOM   608 O  "O5'" . DA  C 3 5  ? 7.386   1.564   -24.517 1.00 132.87 ? 5   DA  C "O5'" 1 
ATOM   609 C  "C5'" . DA  C 3 5  ? 6.638   2.288   -25.491 1.00 132.95 ? 5   DA  C "C5'" 1 
ATOM   610 C  "C4'" . DA  C 3 5  ? 5.557   3.144   -24.840 1.00 125.26 ? 5   DA  C "C4'" 1 
ATOM   611 O  "O4'" . DA  C 3 5  ? 4.399   2.332   -24.538 1.00 114.07 ? 5   DA  C "O4'" 1 
ATOM   612 C  "C3'" . DA  C 3 5  ? 5.937   3.783   -23.520 1.00 118.91 ? 5   DA  C "C3'" 1 
ATOM   613 O  "O3'" . DA  C 3 5  ? 5.148   4.938   -23.315 1.00 116.12 ? 5   DA  C "O3'" 1 
ATOM   614 C  "C2'" . DA  C 3 5  ? 5.584   2.688   -22.520 1.00 110.81 ? 5   DA  C "C2'" 1 
ATOM   615 C  "C1'" . DA  C 3 5  ? 4.347   2.060   -23.153 1.00 102.02 ? 5   DA  C "C1'" 1 
ATOM   616 N  N9    . DA  C 3 5  ? 4.297   0.618   -22.995 1.00 103.59 ? 5   DA  C N9    1 
ATOM   617 C  C8    . DA  C 3 5  ? 5.357   -0.240  -22.889 1.00 104.03 ? 5   DA  C C8    1 
ATOM   618 N  N7    . DA  C 3 5  ? 5.007   -1.500  -22.760 1.00 97.47  ? 5   DA  C N7    1 
ATOM   619 C  C5    . DA  C 3 5  ? 3.623   -1.460  -22.790 1.00 90.80  ? 5   DA  C C5    1 
ATOM   620 C  C6    . DA  C 3 5  ? 2.645   -2.466  -22.704 1.00 86.29  ? 5   DA  C C6    1 
ATOM   621 N  N6    . DA  C 3 5  ? 2.934   -3.763  -22.561 1.00 90.57  ? 5   DA  C N6    1 
ATOM   622 N  N1    . DA  C 3 5  ? 1.350   -2.086  -22.768 1.00 86.50  ? 5   DA  C N1    1 
ATOM   623 C  C2    . DA  C 3 5  ? 1.065   -0.784  -22.909 1.00 93.51  ? 5   DA  C C2    1 
ATOM   624 N  N3    . DA  C 3 5  ? 1.898   0.252   -23.004 1.00 93.91  ? 5   DA  C N3    1 
ATOM   625 C  C4    . DA  C 3 5  ? 3.173   -0.160  -22.936 1.00 96.99  ? 5   DA  C C4    1 
ATOM   626 P  P     . DG  C 3 6  ? 5.549   5.995   -22.177 1.00 139.40 ? 6   DG  C P     1 
ATOM   627 O  OP1   . DG  C 3 6  ? 5.692   7.321   -22.821 1.00 145.49 ? 6   DG  C OP1   1 
ATOM   628 O  OP2   . DG  C 3 6  ? 6.678   5.424   -21.408 1.00 124.35 ? 6   DG  C OP2   1 
ATOM   629 O  "O5'" . DG  C 3 6  ? 4.265   6.022   -21.225 1.00 126.48 ? 6   DG  C "O5'" 1 
ATOM   630 C  "C5'" . DG  C 3 6  ? 3.802   4.816   -20.643 1.00 118.34 ? 6   DG  C "C5'" 1 
ATOM   631 C  "C4'" . DG  C 3 6  ? 2.293   4.742   -20.677 1.00 111.79 ? 6   DG  C "C4'" 1 
ATOM   632 O  "O4'" . DG  C 3 6  ? 1.883   3.404   -21.063 1.00 100.74 ? 6   DG  C "O4'" 1 
ATOM   633 C  "C3'" . DG  C 3 6  ? 1.633   5.011   -19.339 1.00 105.52 ? 6   DG  C "C3'" 1 
ATOM   634 O  "O3'" . DG  C 3 6  ? 0.379   5.633   -19.519 1.00 109.12 ? 6   DG  C "O3'" 1 
ATOM   635 C  "C2'" . DG  C 3 6  ? 1.500   3.617   -18.738 1.00 96.17  ? 6   DG  C "C2'" 1 
ATOM   636 C  "C1'" . DG  C 3 6  ? 1.289   2.736   -19.966 1.00 87.09  ? 6   DG  C "C1'" 1 
ATOM   637 N  N9    . DG  C 3 6  ? 1.924   1.431   -19.831 1.00 79.53  ? 6   DG  C N9    1 
ATOM   638 C  C8    . DG  C 3 6  ? 3.270   1.170   -19.826 1.00 83.48  ? 6   DG  C C8    1 
ATOM   639 N  N7    . DG  C 3 6  ? 3.554   -0.092  -19.673 1.00 77.69  ? 6   DG  C N7    1 
ATOM   640 C  C5    . DG  C 3 6  ? 2.317   -0.707  -19.564 1.00 73.43  ? 6   DG  C C5    1 
ATOM   641 C  C6    . DG  C 3 6  ? 1.996   -2.071  -19.381 1.00 79.18  ? 6   DG  C C6    1 
ATOM   642 O  O6    . DG  C 3 6  ? 2.771   -3.025  -19.279 1.00 86.22  ? 6   DG  C O6    1 
ATOM   643 N  N1    . DG  C 3 6  ? 0.623   -2.279  -19.317 1.00 67.90  ? 6   DG  C N1    1 
ATOM   644 C  C2    . DG  C 3 6  ? -0.323  -1.289  -19.423 1.00 74.55  ? 6   DG  C C2    1 
ATOM   645 N  N2    . DG  C 3 6  ? -1.604  -1.676  -19.341 1.00 77.05  ? 6   DG  C N2    1 
ATOM   646 N  N3    . DG  C 3 6  ? -0.034  0.000   -19.592 1.00 76.44  ? 6   DG  C N3    1 
ATOM   647 C  C4    . DG  C 3 6  ? 1.302   0.214   -19.655 1.00 74.96  ? 6   DG  C C4    1 
ATOM   648 P  P     . DT  C 3 7  ? -0.380  6.255   -18.250 1.00 124.25 ? 7   DT  C P     1 
ATOM   649 O  OP1   . DT  C 3 7  ? -1.348  7.266   -18.731 1.00 127.71 ? 7   DT  C OP1   1 
ATOM   650 O  OP2   . DT  C 3 7  ? 0.653   6.642   -17.259 1.00 112.94 ? 7   DT  C OP2   1 
ATOM   651 O  "O5'" . DT  C 3 7  ? -1.180  5.010   -17.661 1.00 100.54 ? 7   DT  C "O5'" 1 
ATOM   652 C  "C5'" . DT  C 3 7  ? -1.885  4.148   -18.542 1.00 109.41 ? 7   DT  C "C5'" 1 
ATOM   653 C  "C4'" . DT  C 3 7  ? -2.701  3.140   -17.760 1.00 105.78 ? 7   DT  C "C4'" 1 
ATOM   654 O  "O4'" . DT  C 3 7  ? -2.008  1.860   -17.707 1.00 88.37  ? 7   DT  C "O4'" 1 
ATOM   655 C  "C3'" . DT  C 3 7  ? -2.970  3.516   -16.307 1.00 91.22  ? 7   DT  C "C3'" 1 
ATOM   656 O  "O3'" . DT  C 3 7  ? -4.238  3.020   -15.949 1.00 81.97  ? 7   DT  C "O3'" 1 
ATOM   657 C  "C2'" . DT  C 3 7  ? -1.854  2.769   -15.576 1.00 82.13  ? 7   DT  C "C2'" 1 
ATOM   658 C  "C1'" . DT  C 3 7  ? -1.875  1.471   -16.355 1.00 77.48  ? 7   DT  C "C1'" 1 
ATOM   659 N  N1    . DT  C 3 7  ? -0.662  0.635   -16.226 1.00 66.72  ? 7   DT  C N1    1 
ATOM   660 C  C2    . DT  C 3 7  ? -0.811  -0.729  -16.057 1.00 69.92  ? 7   DT  C C2    1 
ATOM   661 O  O2    . DT  C 3 7  ? -1.898  -1.281  -15.977 1.00 75.05  ? 7   DT  C O2    1 
ATOM   662 N  N3    . DT  C 3 7  ? 0.359   -1.430  -15.985 1.00 59.86  ? 7   DT  C N3    1 
ATOM   663 C  C4    . DT  C 3 7  ? 1.637   -0.921  -16.063 1.00 69.61  ? 7   DT  C C4    1 
ATOM   664 O  O4    . DT  C 3 7  ? 2.630   -1.635  -15.984 1.00 70.90  ? 7   DT  C O4    1 
ATOM   665 C  C5    . DT  C 3 7  ? 1.727   0.512   -16.246 1.00 70.47  ? 7   DT  C C5    1 
ATOM   666 C  C7    . DT  C 3 7  ? 3.071   1.171   -16.344 1.00 61.80  ? 7   DT  C C7    1 
ATOM   667 C  C6    . DT  C 3 7  ? 0.582   1.215   -16.321 1.00 65.05  ? 7   DT  C C6    1 
ATOM   668 P  P     . DG  C 3 8  ? -5.082  3.696   -14.768 1.00 98.28  ? 8   DG  C P     1 
ATOM   669 O  OP1   . DG  C 3 8  ? -6.123  4.542   -15.402 1.00 92.64  ? 8   DG  C OP1   1 
ATOM   670 O  OP2   . DG  C 3 8  ? -4.128  4.281   -13.796 1.00 101.44 ? 8   DG  C OP2   1 
ATOM   671 O  "O5'" . DG  C 3 8  ? -5.798  2.449   -14.082 1.00 73.04  ? 8   DG  C "O5'" 1 
ATOM   672 C  "C5'" . DG  C 3 8  ? -6.706  1.672   -14.831 1.00 60.89  ? 8   DG  C "C5'" 1 
ATOM   673 C  "C4'" . DG  C 3 8  ? -6.949  0.331   -14.169 1.00 68.88  ? 8   DG  C "C4'" 1 
ATOM   674 O  "O4'" . DG  C 3 8  ? -5.705  -0.408  -14.059 1.00 79.11  ? 8   DG  C "O4'" 1 
ATOM   675 C  "C3'" . DG  C 3 8  ? -7.499  0.391   -12.760 1.00 68.85  ? 8   DG  C "C3'" 1 
ATOM   676 O  "O3'" . DG  C 3 8  ? -8.251  -0.754  -12.544 1.00 62.15  ? 8   DG  C "O3'" 1 
ATOM   677 C  "C2'" . DG  C 3 8  ? -6.231  0.392   -11.902 1.00 76.86  ? 8   DG  C "C2'" 1 
ATOM   678 C  "C1'" . DG  C 3 8  ? -5.332  -0.548  -12.693 1.00 71.53  ? 8   DG  C "C1'" 1 
ATOM   679 N  N9    . DG  C 3 8  ? -3.906  -0.249  -12.611 1.00 66.75  ? 8   DG  C N9    1 
ATOM   680 C  C8    . DG  C 3 8  ? -3.307  0.990   -12.610 1.00 68.84  ? 8   DG  C C8    1 
ATOM   681 N  N7    . DG  C 3 8  ? -1.999  0.931   -12.584 1.00 68.25  ? 8   DG  C N7    1 
ATOM   682 C  C5    . DG  C 3 8  ? -1.722  -0.432  -12.586 1.00 54.25  ? 8   DG  C C5    1 
ATOM   683 C  C6    . DG  C 3 8  ? -0.485  -1.110  -12.570 1.00 59.33  ? 8   DG  C C6    1 
ATOM   684 O  O6    . DG  C 3 8  ? 0.656   -0.627  -12.548 1.00 62.55  ? 8   DG  C O6    1 
ATOM   685 N  N1    . DG  C 3 8  ? -0.655  -2.496  -12.577 1.00 54.38  ? 8   DG  C N1    1 
ATOM   686 C  C2    . DG  C 3 8  ? -1.869  -3.133  -12.608 1.00 60.59  ? 8   DG  C C2    1 
ATOM   687 N  N2    . DG  C 3 8  ? -1.845  -4.471  -12.619 1.00 69.79  ? 8   DG  C N2    1 
ATOM   688 N  N3    . DG  C 3 8  ? -3.033  -2.506  -12.626 1.00 57.94  ? 8   DG  C N3    1 
ATOM   689 C  C4    . DG  C 3 8  ? -2.883  -1.164  -12.610 1.00 57.75  ? 8   DG  C C4    1 
ATOM   690 P  P     . DG  C 3 9  ? -9.378  -0.777  -11.414 1.00 82.27  ? 9   DG  C P     1 
ATOM   691 O  OP1   . DG  C 3 9  ? -10.649 -1.222  -12.032 1.00 81.09  ? 9   DG  C OP1   1 
ATOM   692 O  OP2   . DG  C 3 9  ? -9.333  0.533   -10.720 1.00 89.35  ? 9   DG  C OP2   1 
ATOM   693 O  "O5'" . DG  C 3 9  ? -8.846  -1.909  -10.423 1.00 71.61  ? 9   DG  C "O5'" 1 
ATOM   694 C  "C5'" . DG  C 3 9  ? -8.135  -3.005  -10.941 1.00 62.51  ? 9   DG  C "C5'" 1 
ATOM   695 C  "C4'" . DG  C 3 9  ? -7.153  -3.516  -9.921  1.00 70.60  ? 9   DG  C "C4'" 1 
ATOM   696 O  "O4'" . DG  C 3 9  ? -5.842  -2.924  -10.139 1.00 78.14  ? 9   DG  C "O4'" 1 
ATOM   697 C  "C3'" . DG  C 3 9  ? -7.519  -3.187  -8.474  1.00 73.25  ? 9   DG  C "C3'" 1 
ATOM   698 O  "O3'" . DG  C 3 9  ? -7.442  -4.352  -7.709  1.00 61.98  ? 9   DG  C "O3'" 1 
ATOM   699 C  "C2'" . DG  C 3 9  ? -6.436  -2.187  -8.059  1.00 72.71  ? 9   DG  C "C2'" 1 
ATOM   700 C  "C1'" . DG  C 3 9  ? -5.279  -2.691  -8.877  1.00 61.68  ? 9   DG  C "C1'" 1 
ATOM   701 N  N9    . DG  C 3 9  ? -4.176  -1.751  -8.988  1.00 63.63  ? 9   DG  C N9    1 
ATOM   702 C  C8    . DG  C 3 9  ? -4.239  -0.380  -9.007  1.00 68.07  ? 9   DG  C C8    1 
ATOM   703 N  N7    . DG  C 3 9  ? -3.066  0.191   -9.095  1.00 60.41  ? 9   DG  C N7    1 
ATOM   704 C  C5    . DG  C 3 9  ? -2.179  -0.875  -9.126  1.00 53.93  ? 9   DG  C C5    1 
ATOM   705 C  C6    . DG  C 3 9  ? -0.773  -0.882  -9.216  1.00 60.77  ? 9   DG  C C6    1 
ATOM   706 O  O6    . DG  C 3 9  ? 0.001   0.093   -9.290  1.00 59.85  ? 9   DG  C O6    1 
ATOM   707 N  N1    . DG  C 3 9  ? -0.270  -2.187  -9.228  1.00 55.28  ? 9   DG  C N1    1 
ATOM   708 C  C2    . DG  C 3 9  ? -1.036  -3.329  -9.155  1.00 61.36  ? 9   DG  C C2    1 
ATOM   709 N  N2    . DG  C 3 9  ? -0.386  -4.501  -9.171  1.00 69.16  ? 9   DG  C N2    1 
ATOM   710 N  N3    . DG  C 3 9  ? -2.350  -3.325  -9.064  1.00 59.97  ? 9   DG  C N3    1 
ATOM   711 C  C4    . DG  C 3 9  ? -2.848  -2.070  -9.057  1.00 59.52  ? 9   DG  C C4    1 
ATOM   712 P  P     . DG  D 4 1  ? 9.901   3.280   13.252  1.00 80.26  ? 10  DG  D P     1 
ATOM   713 O  OP1   . DG  D 4 1  ? 11.204  3.920   13.522  1.00 73.68  ? 10  DG  D OP1   1 
ATOM   714 O  OP2   . DG  D 4 1  ? 9.790   1.810   13.328  1.00 64.70  ? 10  DG  D OP2   1 
ATOM   715 O  "O5'" . DG  D 4 1  ? 9.466   3.677   11.776  1.00 83.72  ? 10  DG  D "O5'" 1 
ATOM   716 C  "C5'" . DG  D 4 1  ? 9.918   4.900   11.214  1.00 85.45  ? 10  DG  D "C5'" 1 
ATOM   717 C  "C4'" . DG  D 4 1  ? 8.760   5.672   10.622  1.00 74.86  ? 10  DG  D "C4'" 1 
ATOM   718 O  "O4'" . DG  D 4 1  ? 8.107   4.852   9.633   1.00 80.35  ? 10  DG  D "O4'" 1 
ATOM   719 C  "C3'" . DG  D 4 1  ? 7.664   6.008   11.602  1.00 76.85  ? 10  DG  D "C3'" 1 
ATOM   720 O  "O3'" . DG  D 4 1  ? 7.994   7.194   12.315  1.00 93.43  ? 10  DG  D "O3'" 1 
ATOM   721 C  "C2'" . DG  D 4 1  ? 6.478   6.220   10.672  1.00 75.54  ? 10  DG  D "C2'" 1 
ATOM   722 C  "C1'" . DG  D 4 1  ? 6.732   5.168   9.589   1.00 79.34  ? 10  DG  D "C1'" 1 
ATOM   723 N  N9    . DG  D 4 1  ? 5.964   3.944   9.777   1.00 71.26  ? 10  DG  D N9    1 
ATOM   724 C  C8    . DG  D 4 1  ? 6.448   2.706   10.101  1.00 72.49  ? 10  DG  D C8    1 
ATOM   725 N  N7    . DG  D 4 1  ? 5.512   1.800   10.212  1.00 73.94  ? 10  DG  D N7    1 
ATOM   726 C  C5    . DG  D 4 1  ? 4.342   2.486   9.940   1.00 69.03  ? 10  DG  D C5    1 
ATOM   727 C  C6    . DG  D 4 1  ? 3.008   2.028   9.907   1.00 75.34  ? 10  DG  D C6    1 
ATOM   728 O  O6    . DG  D 4 1  ? 2.591   0.884   10.119  1.00 82.78  ? 10  DG  D O6    1 
ATOM   729 N  N1    . DG  D 4 1  ? 2.116   3.050   9.588   1.00 71.54  ? 10  DG  D N1    1 
ATOM   730 C  C2    . DG  D 4 1  ? 2.479   4.348   9.332   1.00 76.71  ? 10  DG  D C2    1 
ATOM   731 N  N2    . DG  D 4 1  ? 1.491   5.202   9.036   1.00 88.12  ? 10  DG  D N2    1 
ATOM   732 N  N3    . DG  D 4 1  ? 3.730   4.784   9.362   1.00 70.19  ? 10  DG  D N3    1 
ATOM   733 C  C4    . DG  D 4 1  ? 4.602   3.804   9.671   1.00 67.27  ? 10  DG  D C4    1 
ATOM   734 P  P     . DG  D 4 2  ? 7.393   7.443   13.787  1.00 97.45  ? 11  DG  D P     1 
ATOM   735 O  OP1   . DG  D 4 2  ? 7.931   8.735   14.277  1.00 81.79  ? 11  DG  D OP1   1 
ATOM   736 O  OP2   . DG  D 4 2  ? 7.580   6.200   14.578  1.00 91.92  ? 11  DG  D OP2   1 
ATOM   737 O  "O5'" . DG  D 4 2  ? 5.828   7.622   13.528  1.00 76.01  ? 11  DG  D "O5'" 1 
ATOM   738 C  "C5'" . DG  D 4 2  ? 5.352   8.798   12.887  1.00 80.71  ? 11  DG  D "C5'" 1 
ATOM   739 C  "C4'" . DG  D 4 2  ? 3.883   8.662   12.571  1.00 83.13  ? 11  DG  D "C4'" 1 
ATOM   740 O  "O4'" . DG  D 4 2  ? 3.669   7.396   11.927  1.00 79.52  ? 11  DG  D "O4'" 1 
ATOM   741 C  "C3'" . DG  D 4 2  ? 2.976   8.633   13.787  1.00 88.20  ? 11  DG  D "C3'" 1 
ATOM   742 O  "O3'" . DG  D 4 2  ? 2.609   9.961   14.141  1.00 93.56  ? 11  DG  D "O3'" 1 
ATOM   743 C  "C2'" . DG  D 4 2  ? 1.772   7.829   13.297  1.00 79.67  ? 11  DG  D "C2'" 1 
ATOM   744 C  "C1'" . DG  D 4 2  ? 2.361   6.943   12.200  1.00 74.83  ? 11  DG  D "C1'" 1 
ATOM   745 N  N9    . DG  D 4 2  ? 2.429   5.537   12.552  1.00 72.51  ? 11  DG  D N9    1 
ATOM   746 C  C8    . DG  D 4 2  ? 3.546   4.803   12.861  1.00 73.07  ? 11  DG  D C8    1 
ATOM   747 N  N7    . DG  D 4 2  ? 3.285   3.550   13.121  1.00 62.93  ? 11  DG  D N7    1 
ATOM   748 C  C5    . DG  D 4 2  ? 1.911   3.460   12.972  1.00 69.85  ? 11  DG  D C5    1 
ATOM   749 C  C6    . DG  D 4 2  ? 1.046   2.354   13.129  1.00 79.33  ? 11  DG  D C6    1 
ATOM   750 O  O6    . DG  D 4 2  ? 1.333   1.193   13.435  1.00 82.60  ? 11  DG  D O6    1 
ATOM   751 N  N1    . DG  D 4 2  ? -0.280  2.701   12.885  1.00 79.60  ? 11  DG  D N1    1 
ATOM   752 C  C2    . DG  D 4 2  ? -0.712  3.953   12.532  1.00 81.93  ? 11  DG  D C2    1 
ATOM   753 N  N2    . DG  D 4 2  ? -2.025  4.103   12.334  1.00 87.26  ? 11  DG  D N2    1 
ATOM   754 N  N3    . DG  D 4 2  ? 0.090   4.997   12.385  1.00 73.37  ? 11  DG  D N3    1 
ATOM   755 C  C4    . DG  D 4 2  ? 1.375   4.676   12.619  1.00 71.46  ? 11  DG  D C4    1 
ATOM   756 P  P     . DT  D 4 3  ? 1.906   10.263  15.554  1.00 105.42 ? 12  DT  D P     1 
ATOM   757 O  OP1   . DT  D 4 3  ? 1.851   11.739  15.671  1.00 91.21  ? 12  DT  D OP1   1 
ATOM   758 O  OP2   . DT  D 4 3  ? 2.577   9.468   16.610  1.00 96.65  ? 12  DT  D OP2   1 
ATOM   759 O  "O5'" . DT  D 4 3  ? 0.425   9.692   15.370  1.00 69.25  ? 12  DT  D "O5'" 1 
ATOM   760 C  "C5'" . DT  D 4 3  ? -0.429  10.294  14.426  1.00 77.42  ? 12  DT  D "C5'" 1 
ATOM   761 C  "C4'" . DT  D 4 3  ? -1.768  9.595   14.395  1.00 96.72  ? 12  DT  D "C4'" 1 
ATOM   762 O  "O4'" . DT  D 4 3  ? -1.565  8.169   14.209  1.00 95.72  ? 12  DT  D "O4'" 1 
ATOM   763 C  "C3'" . DT  D 4 3  ? -2.597  9.730   15.669  1.00 98.35  ? 12  DT  D "C3'" 1 
ATOM   764 O  "O3'" . DT  D 4 3  ? -3.960  9.784   15.336  1.00 101.60 ? 12  DT  D "O3'" 1 
ATOM   765 C  "C2'" . DT  D 4 3  ? -2.269  8.446   16.414  1.00 94.72  ? 12  DT  D "C2'" 1 
ATOM   766 C  "C1'" . DT  D 4 3  ? -2.190  7.465   15.257  1.00 90.37  ? 12  DT  D "C1'" 1 
ATOM   767 N  N1    . DT  D 4 3  ? -1.376  6.284   15.558  1.00 84.93  ? 12  DT  D N1    1 
ATOM   768 C  C2    . DT  D 4 3  ? -1.947  5.037   15.488  1.00 89.14  ? 12  DT  D C2    1 
ATOM   769 O  O2    . DT  D 4 3  ? -3.113  4.849   15.182  1.00 98.06  ? 12  DT  D O2    1 
ATOM   770 N  N3    . DT  D 4 3  ? -1.100  4.008   15.788  1.00 79.09  ? 12  DT  D N3    1 
ATOM   771 C  C4    . DT  D 4 3  ? 0.230   4.103   16.140  1.00 79.76  ? 12  DT  D C4    1 
ATOM   772 O  O4    . DT  D 4 3  ? 0.910   3.117   16.393  1.00 90.65  ? 12  DT  D O4    1 
ATOM   773 C  C5    . DT  D 4 3  ? 0.763   5.441   16.194  1.00 75.83  ? 12  DT  D C5    1 
ATOM   774 C  C7    . DT  D 4 3  ? 2.196   5.669   16.568  1.00 73.22  ? 12  DT  D C7    1 
ATOM   775 C  C6    . DT  D 4 3  ? -0.057  6.455   15.905  1.00 80.62  ? 12  DT  D C6    1 
ATOM   776 P  P     . DC  D 4 4  ? -5.028  10.289  16.415  1.00 106.05 ? 13  DC  D P     1 
ATOM   777 O  OP1   . DC  D 4 4  ? -5.739  11.433  15.807  1.00 113.40 ? 13  DC  D OP1   1 
ATOM   778 O  OP2   . DC  D 4 4  ? -4.314  10.455  17.700  1.00 103.85 ? 13  DC  D OP2   1 
ATOM   779 O  "O5'" . DC  D 4 4  ? -6.051  9.072   16.548  1.00 81.59  ? 13  DC  D "O5'" 1 
ATOM   780 C  "C5'" . DC  D 4 4  ? -5.749  7.837   15.950  1.00 86.64  ? 13  DC  D "C5'" 1 
ATOM   781 C  "C4'" . DC  D 4 4  ? -6.904  6.876   16.113  1.00 97.65  ? 13  DC  D "C4'" 1 
ATOM   782 O  "O4'" . DC  D 4 4  ? -6.385  5.556   16.403  1.00 100.57 ? 13  DC  D "O4'" 1 
ATOM   783 C  "C3'" . DC  D 4 4  ? -7.821  7.182   17.278  1.00 100.90 ? 13  DC  D "C3'" 1 
ATOM   784 O  "O3'" . DC  D 4 4  ? -9.077  6.536   17.084  1.00 101.24 ? 13  DC  D "O3'" 1 
ATOM   785 C  "C2'" . DC  D 4 4  ? -7.048  6.568   18.437  1.00 104.77 ? 13  DC  D "C2'" 1 
ATOM   786 C  "C1'" . DC  D 4 4  ? -6.476  5.304   17.795  1.00 95.84  ? 13  DC  D "C1'" 1 
ATOM   787 N  N1    . DC  D 4 4  ? -5.123  4.954   18.287  1.00 91.35  ? 13  DC  D N1    1 
ATOM   788 C  C2    . DC  D 4 4  ? -4.769  3.611   18.430  1.00 98.79  ? 13  DC  D C2    1 
ATOM   789 O  O2    . DC  D 4 4  ? -5.599  2.739   18.142  1.00 101.72 ? 13  DC  D O2    1 
ATOM   790 N  N3    . DC  D 4 4  ? -3.528  3.306   18.877  1.00 94.61  ? 13  DC  D N3    1 
ATOM   791 C  C4    . DC  D 4 4  ? -2.667  4.280   19.174  1.00 94.98  ? 13  DC  D C4    1 
ATOM   792 N  N4    . DC  D 4 4  ? -1.453  3.931   19.610  1.00 96.06  ? 13  DC  D N4    1 
ATOM   793 C  C5    . DC  D 4 4  ? -3.012  5.654   19.033  1.00 98.02  ? 13  DC  D C5    1 
ATOM   794 C  C6    . DC  D 4 4  ? -4.239  5.942   18.589  1.00 93.20  ? 13  DC  D C6    1 
ATOM   795 P  P     . DT  D 4 5  ? -10.136 6.422   18.288  1.00 109.48 ? 14  DT  D P     1 
ATOM   796 O  OP1   . DT  D 4 5  ? -11.474 6.215   17.691  1.00 110.17 ? 14  DT  D OP1   1 
ATOM   797 O  OP2   . DT  D 4 5  ? -9.895  7.558   19.208  1.00 106.02 ? 14  DT  D OP2   1 
ATOM   798 O  "O5'" . DT  D 4 5  ? -9.754  5.055   19.018  1.00 100.16 ? 14  DT  D "O5'" 1 
ATOM   799 C  "C5'" . DT  D 4 5  ? -9.866  3.827   18.315  1.00 95.80  ? 14  DT  D "C5'" 1 
ATOM   800 C  "C4'" . DT  D 4 5  ? -9.899  2.648   19.274  1.00 104.53 ? 14  DT  D "C4'" 1 
ATOM   801 O  "O4'" . DT  D 4 5  ? -8.553  2.320   19.727  1.00 109.83 ? 14  DT  D "O4'" 1 
ATOM   802 C  "C3'" . DT  D 4 5  ? -10.711 2.868   20.538  1.00 111.79 ? 14  DT  D "C3'" 1 
ATOM   803 O  "O3'" . DT  D 4 5  ? -11.329 1.650   20.902  1.00 107.88 ? 14  DT  D "O3'" 1 
ATOM   804 C  "C2'" . DT  D 4 5  ? -9.639  3.279   21.554  1.00 113.20 ? 14  DT  D "C2'" 1 
ATOM   805 C  "C1'" . DT  D 4 5  ? -8.507  2.358   21.144  1.00 103.22 ? 14  DT  D "C1'" 1 
ATOM   806 N  N1    . DT  D 4 5  ? -7.146  2.813   21.538  1.00 95.91  ? 14  DT  D N1    1 
ATOM   807 C  C2    . DT  D 4 5  ? -6.188  1.865   21.768  1.00 99.59  ? 14  DT  D C2    1 
ATOM   808 O  O2    . DT  D 4 5  ? -6.411  0.671   21.700  1.00 104.46 ? 14  DT  D O2    1 
ATOM   809 N  N3    . DT  D 4 5  ? -4.952  2.360   22.089  1.00 104.32 ? 14  DT  D N3    1 
ATOM   810 C  C4    . DT  D 4 5  ? -4.581  3.685   22.194  1.00 99.63  ? 14  DT  D C4    1 
ATOM   811 O  O4    . DT  D 4 5  ? -3.436  4.026   22.491  1.00 100.22 ? 14  DT  D O4    1 
ATOM   812 C  C5    . DT  D 4 5  ? -5.628  4.639   21.931  1.00 95.60  ? 14  DT  D C5    1 
ATOM   813 C  C7    . DT  D 4 5  ? -5.337  6.107   22.017  1.00 89.12  ? 14  DT  D C7    1 
ATOM   814 C  C6    . DT  D 4 5  ? -6.853  4.164   21.612  1.00 96.75  ? 14  DT  D C6    1 
ATOM   815 P  P     . DG  D 4 6  ? -12.827 1.655   21.470  1.00 118.12 ? 15  DG  D P     1 
ATOM   816 O  OP1   . DG  D 4 6  ? -13.756 1.324   20.364  1.00 116.64 ? 15  DG  D OP1   1 
ATOM   817 O  OP2   . DG  D 4 6  ? -12.977 2.917   22.234  1.00 106.41 ? 15  DG  D OP2   1 
ATOM   818 O  "O5'" . DG  D 4 6  ? -12.841 0.443   22.502  1.00 110.47 ? 15  DG  D "O5'" 1 
ATOM   819 C  "C5'" . DG  D 4 6  ? -12.197 -0.765  22.175  1.00 107.98 ? 15  DG  D "C5'" 1 
ATOM   820 C  "C4'" . DG  D 4 6  ? -11.542 -1.350  23.407  1.00 113.25 ? 15  DG  D "C4'" 1 
ATOM   821 O  "O4'" . DG  D 4 6  ? -10.276 -0.676  23.660  1.00 114.58 ? 15  DG  D "O4'" 1 
ATOM   822 C  "C3'" . DG  D 4 6  ? -12.359 -1.207  24.687  1.00 103.01 ? 15  DG  D "C3'" 1 
ATOM   823 O  "O3'" . DG  D 4 6  ? -12.285 -2.409  25.426  1.00 104.88 ? 15  DG  D "O3'" 1 
ATOM   824 C  "C2'" . DG  D 4 6  ? -11.671 -0.044  25.407  1.00 103.67 ? 15  DG  D "C2'" 1 
ATOM   825 C  "C1'" . DG  D 4 6  ? -10.226 -0.262  25.005  1.00 105.52 ? 15  DG  D "C1'" 1 
ATOM   826 N  N9    . DG  D 4 6  ? -9.405  0.941   25.087  1.00 97.44  ? 15  DG  D N9    1 
ATOM   827 C  C8    . DG  D 4 6  ? -9.845  2.238   25.067  1.00 105.07 ? 15  DG  D C8    1 
ATOM   828 N  N7    . DG  D 4 6  ? -8.882  3.116   25.149  1.00 97.77  ? 15  DG  D N7    1 
ATOM   829 C  C5    . DG  D 4 6  ? -7.730  2.352   25.225  1.00 103.22 ? 15  DG  D C5    1 
ATOM   830 C  C6    . DG  D 4 6  ? -6.377  2.754   25.328  1.00 102.60 ? 15  DG  D C6    1 
ATOM   831 O  O6    . DG  D 4 6  ? -5.920  3.904   25.375  1.00 102.21 ? 15  DG  D O6    1 
ATOM   832 N  N1    . DG  D 4 6  ? -5.518  1.662   25.381  1.00 93.56  ? 15  DG  D N1    1 
ATOM   833 C  C2    . DG  D 4 6  ? -5.915  0.350   25.338  1.00 101.50 ? 15  DG  D C2    1 
ATOM   834 N  N2    . DG  D 4 6  ? -4.939  -0.567  25.400  1.00 110.62 ? 15  DG  D N2    1 
ATOM   835 N  N3    . DG  D 4 6  ? -7.180  -0.043  25.240  1.00 108.67 ? 15  DG  D N3    1 
ATOM   836 C  C4    . DG  D 4 6  ? -8.031  1.010   25.190  1.00 103.76 ? 15  DG  D C4    1 
ATOM   837 P  P     . DC  D 4 7  ? -12.966 -2.517  26.875  1.00 126.88 ? 16  DC  D P     1 
ATOM   838 O  OP1   . DC  D 4 7  ? -13.026 -3.960  27.216  1.00 117.79 ? 16  DC  D OP1   1 
ATOM   839 O  OP2   . DC  D 4 7  ? -14.217 -1.728  26.826  1.00 115.71 ? 16  DC  D OP2   1 
ATOM   840 O  "O5'" . DC  D 4 7  ? -11.927 -1.759  27.844  1.00 126.46 ? 16  DC  D "O5'" 1 
ATOM   841 C  "C5'" . DC  D 4 7  ? -11.290 -2.454  28.925  1.00 132.07 ? 16  DC  D "C5'" 1 
ATOM   842 C  "C4'" . DC  D 4 7  ? -9.765  -2.395  28.817  1.00 131.39 ? 16  DC  D "C4'" 1 
ATOM   843 O  "O4'" . DC  D 4 7  ? -9.332  -1.093  28.355  1.00 123.52 ? 16  DC  D "O4'" 1 
ATOM   844 C  "C3'" . DC  D 4 7  ? -9.012  -2.638  30.134  1.00 126.17 ? 16  DC  D "C3'" 1 
ATOM   845 O  "O3'" . DC  D 4 7  ? -8.306  -3.874  30.079  1.00 131.89 ? 16  DC  D "O3'" 1 
ATOM   846 C  "C2'" . DC  D 4 7  ? -8.050  -1.438  30.259  1.00 119.48 ? 16  DC  D "C2'" 1 
ATOM   847 C  "C1'" . DC  D 4 7  ? -8.034  -0.877  28.844  1.00 113.77 ? 16  DC  D "C1'" 1 
ATOM   848 N  N1    . DC  D 4 7  ? -7.720  0.590   28.770  1.00 106.99 ? 16  DC  D N1    1 
ATOM   849 C  C2    . DC  D 4 7  ? -6.387  1.024   28.794  1.00 107.49 ? 16  DC  D C2    1 
ATOM   850 O  O2    . DC  D 4 7  ? -5.482  0.185   28.883  1.00 109.56 ? 16  DC  D O2    1 
ATOM   851 N  N3    . DC  D 4 7  ? -6.129  2.356   28.722  1.00 102.84 ? 16  DC  D N3    1 
ATOM   852 C  C4    . DC  D 4 7  ? -7.134  3.223   28.630  1.00 94.85  ? 16  DC  D C4    1 
ATOM   853 N  N4    . DC  D 4 7  ? -6.841  4.521   28.564  1.00 89.23  ? 16  DC  D N4    1 
ATOM   854 C  C5    . DC  D 4 7  ? -8.489  2.799   28.604  1.00 96.67  ? 16  DC  D C5    1 
ATOM   855 C  C6    . DC  D 4 7  ? -8.734  1.489   28.673  1.00 103.31 ? 16  DC  D C6    1 
HETATM 856 AS AS    . CAC E 5 .  ? -2.361  3.892   -8.357  1.00 176.24 ? 101 CAC C AS    1 
HETATM 857 AS AS    . CAC F 5 .  ? 5.594   0.359   14.250  1.00 156.43 ? 101 CAC D AS    1 
# 
loop_
_pdbx_poly_seq_scheme.asym_id 
_pdbx_poly_seq_scheme.entity_id 
_pdbx_poly_seq_scheme.seq_id 
_pdbx_poly_seq_scheme.mon_id 
_pdbx_poly_seq_scheme.ndb_seq_num 
_pdbx_poly_seq_scheme.pdb_seq_num 
_pdbx_poly_seq_scheme.auth_seq_num 
_pdbx_poly_seq_scheme.pdb_mon_id 
_pdbx_poly_seq_scheme.auth_mon_id 
_pdbx_poly_seq_scheme.pdb_strand_id 
_pdbx_poly_seq_scheme.pdb_ins_code 
_pdbx_poly_seq_scheme.hetero 
A 1 1  DG 1  1  1  DG DG A . n 
A 1 2  DA 2  2  2  DA DA A . n 
A 1 3  DG 3  3  3  DG DG A . n 
A 1 4  DC 4  4  4  DC DC A . n 
A 1 5  DA 5  5  5  DA DA A . n 
A 1 6  DG 6  6  6  DG DG A . n 
A 1 7  DA 7  7  7  DA DA A . n 
A 1 8  DC 8  8  8  DC DC A . n 
A 1 9  DC 9  9  9  DC DC A . n 
A 1 10 DT 10 10 10 DT DT A . n 
A 1 11 DG 11 11 11 DG DG A . n 
A 1 12 DA 12 12 12 DA DA A . n 
A 1 13 DC 13 13 13 DC DC A . n 
A 1 14 DA 14 14 14 DA DA A . n 
A 1 15 DC 15 15 15 DC DC A . n 
A 1 16 DC 16 16 16 DC DC A . n 
A 1 17 DA 17 17 17 DA DA A . n 
A 1 18 DC 18 18 18 DC DC A . n 
A 1 19 DT 19 19 19 DT DT A . n 
A 1 20 DC 20 20 20 DC DC A . n 
A 1 21 DA 21 21 21 DA DA A . n 
B 2 1  DT 1  1  1  DT DT B . n 
B 2 2  DG 2  2  2  DG DG B . n 
B 2 3  DT 3  3  3  DT DT B . n 
B 2 4  DC 4  4  4  DC DC B . n 
B 2 5  DA 5  5  5  DA DA B . n 
C 3 1  DT 1  1  1  DT DT C . n 
C 3 2  DC 2  2  2  DC DC C . n 
C 3 3  DT 3  3  3  DT DT C . n 
C 3 4  DG 4  4  4  DG DG C . n 
C 3 5  DA 5  5  5  DA DA C . n 
C 3 6  DG 6  6  6  DG DG C . n 
C 3 7  DT 7  7  7  DT DT C . n 
C 3 8  DG 8  8  8  DG DG C . n 
C 3 9  DG 9  9  9  DG DG C . n 
D 4 1  DG 1  10 10 DG DG D . n 
D 4 2  DG 2  11 11 DG DG D . n 
D 4 3  DT 3  12 12 DT DT D . n 
D 4 4  DC 4  13 13 DC DC D . n 
D 4 5  DT 5  14 14 DT DT D . n 
D 4 6  DG 6  15 15 DG DG D . n 
D 4 7  DC 7  16 16 DC DC D . n 
# 
loop_
_pdbx_nonpoly_scheme.asym_id 
_pdbx_nonpoly_scheme.entity_id 
_pdbx_nonpoly_scheme.mon_id 
_pdbx_nonpoly_scheme.ndb_seq_num 
_pdbx_nonpoly_scheme.pdb_seq_num 
_pdbx_nonpoly_scheme.auth_seq_num 
_pdbx_nonpoly_scheme.pdb_mon_id 
_pdbx_nonpoly_scheme.auth_mon_id 
_pdbx_nonpoly_scheme.pdb_strand_id 
_pdbx_nonpoly_scheme.pdb_ins_code 
E 5 CAC 1 101 2 CAC AS C . 
F 5 CAC 1 101 1 CAC AS D . 
# 
_pdbx_struct_assembly.id                   1 
_pdbx_struct_assembly.details              author_defined_assembly 
_pdbx_struct_assembly.method_details       ? 
_pdbx_struct_assembly.oligomeric_details   tetrameric 
_pdbx_struct_assembly.oligomeric_count     4 
# 
_pdbx_struct_assembly_gen.assembly_id       1 
_pdbx_struct_assembly_gen.oper_expression   1 
_pdbx_struct_assembly_gen.asym_id_list      A,B,C,D,E,F 
# 
_pdbx_struct_oper_list.id                   1 
_pdbx_struct_oper_list.type                 'identity operation' 
_pdbx_struct_oper_list.name                 1_555 
_pdbx_struct_oper_list.symmetry_operation   x,y,z 
_pdbx_struct_oper_list.matrix[1][1]         1.0000000000 
_pdbx_struct_oper_list.matrix[1][2]         0.0000000000 
_pdbx_struct_oper_list.matrix[1][3]         0.0000000000 
_pdbx_struct_oper_list.vector[1]            0.0000000000 
_pdbx_struct_oper_list.matrix[2][1]         0.0000000000 
_pdbx_struct_oper_list.matrix[2][2]         1.0000000000 
_pdbx_struct_oper_list.matrix[2][3]         0.0000000000 
_pdbx_struct_oper_list.vector[2]            0.0000000000 
_pdbx_struct_oper_list.matrix[3][1]         0.0000000000 
_pdbx_struct_oper_list.matrix[3][2]         0.0000000000 
_pdbx_struct_oper_list.matrix[3][3]         1.0000000000 
_pdbx_struct_oper_list.vector[3]            0.0000000000 
# 
loop_
_pdbx_audit_revision_history.ordinal 
_pdbx_audit_revision_history.data_content_type 
_pdbx_audit_revision_history.major_revision 
_pdbx_audit_revision_history.minor_revision 
_pdbx_audit_revision_history.revision_date 
1 'Structure model' 1 0 2021-07-14 
2 'Structure model' 1 1 2022-07-06 
3 'Structure model' 1 2 2023-10-18 
# 
_pdbx_audit_revision_details.ordinal             1 
_pdbx_audit_revision_details.revision_ordinal    1 
_pdbx_audit_revision_details.data_content_type   'Structure model' 
_pdbx_audit_revision_details.provider            repository 
_pdbx_audit_revision_details.type                'Initial release' 
_pdbx_audit_revision_details.description         ? 
_pdbx_audit_revision_details.details             ? 
# 
loop_
_pdbx_audit_revision_group.ordinal 
_pdbx_audit_revision_group.revision_ordinal 
_pdbx_audit_revision_group.data_content_type 
_pdbx_audit_revision_group.group 
1 2 'Structure model' 'Database references'    
2 3 'Structure model' 'Data collection'        
3 3 'Structure model' 'Refinement description' 
# 
loop_
_pdbx_audit_revision_category.ordinal 
_pdbx_audit_revision_category.revision_ordinal 
_pdbx_audit_revision_category.data_content_type 
_pdbx_audit_revision_category.category 
1 2 'Structure model' citation                      
2 2 'Structure model' citation_author               
3 2 'Structure model' database_2                    
4 3 'Structure model' chem_comp_atom                
5 3 'Structure model' chem_comp_bond                
6 3 'Structure model' pdbx_initial_refinement_model 
# 
loop_
_pdbx_audit_revision_item.ordinal 
_pdbx_audit_revision_item.revision_ordinal 
_pdbx_audit_revision_item.data_content_type 
_pdbx_audit_revision_item.item 
1  2 'Structure model' '_citation.country'                   
2  2 'Structure model' '_citation.journal_abbrev'            
3  2 'Structure model' '_citation.journal_id_CSD'            
4  2 'Structure model' '_citation.journal_id_ISSN'           
5  2 'Structure model' '_citation.journal_volume'            
6  2 'Structure model' '_citation.page_first'                
7  2 'Structure model' '_citation.page_last'                 
8  2 'Structure model' '_citation.pdbx_database_id_DOI'      
9  2 'Structure model' '_citation.pdbx_database_id_PubMed'   
10 2 'Structure model' '_citation.title'                     
11 2 'Structure model' '_citation.year'                      
12 2 'Structure model' '_database_2.pdbx_DOI'                
13 2 'Structure model' '_database_2.pdbx_database_accession' 
# 
loop_
_software.citation_id 
_software.classification 
_software.compiler_name 
_software.compiler_version 
_software.contact_author 
_software.contact_author_email 
_software.date 
_software.description 
_software.dependencies 
_software.hardware 
_software.language 
_software.location 
_software.mods 
_software.name 
_software.os 
_software.os_version 
_software.type 
_software.version 
_software.pdbx_ordinal 
? refinement        ? ? ? ? ? ? ? ? ? ? ? PHENIX      ? ? ? 1.11.1_2575 1 
? 'data reduction'  ? ? ? ? ? ? ? ? ? ? ? HKL-2000    ? ? ? .           2 
? 'data scaling'    ? ? ? ? ? ? ? ? ? ? ? HKL-2000    ? ? ? .           3 
? 'data extraction' ? ? ? ? ? ? ? ? ? ? ? PDB_EXTRACT ? ? ? 3.25        4 
? phasing           ? ? ? ? ? ? ? ? ? ? ? PHASER      ? ? ? .           5 
# 
_pdbx_entry_details.entry_id                 6WSY 
_pdbx_entry_details.nonpolymer_details       ? 
_pdbx_entry_details.sequence_details         ? 
_pdbx_entry_details.compound_details         ? 
_pdbx_entry_details.source_details           ? 
_pdbx_entry_details.has_ligand_of_interest   N 
# 
loop_
_pdbx_validate_rmsd_angle.id 
_pdbx_validate_rmsd_angle.PDB_model_num 
_pdbx_validate_rmsd_angle.auth_atom_id_1 
_pdbx_validate_rmsd_angle.auth_asym_id_1 
_pdbx_validate_rmsd_angle.auth_comp_id_1 
_pdbx_validate_rmsd_angle.auth_seq_id_1 
_pdbx_validate_rmsd_angle.PDB_ins_code_1 
_pdbx_validate_rmsd_angle.label_alt_id_1 
_pdbx_validate_rmsd_angle.auth_atom_id_2 
_pdbx_validate_rmsd_angle.auth_asym_id_2 
_pdbx_validate_rmsd_angle.auth_comp_id_2 
_pdbx_validate_rmsd_angle.auth_seq_id_2 
_pdbx_validate_rmsd_angle.PDB_ins_code_2 
_pdbx_validate_rmsd_angle.label_alt_id_2 
_pdbx_validate_rmsd_angle.auth_atom_id_3 
_pdbx_validate_rmsd_angle.auth_asym_id_3 
_pdbx_validate_rmsd_angle.auth_comp_id_3 
_pdbx_validate_rmsd_angle.auth_seq_id_3 
_pdbx_validate_rmsd_angle.PDB_ins_code_3 
_pdbx_validate_rmsd_angle.label_alt_id_3 
_pdbx_validate_rmsd_angle.angle_value 
_pdbx_validate_rmsd_angle.angle_target_value 
_pdbx_validate_rmsd_angle.angle_deviation 
_pdbx_validate_rmsd_angle.angle_standard_deviation 
_pdbx_validate_rmsd_angle.linker_flag 
1 1 "O4'" A DC 13 ? ? "C1'" A DC 13 ? ? N1 A DC 13 ? ? 110.65 108.30 2.35 0.30 N 
2 1 "O4'" C DT 3  ? ? "C1'" C DT 3  ? ? N1 C DT 3  ? ? 110.69 108.30 2.39 0.30 N 
3 1 "O4'" C DG 9  ? ? "C1'" C DG 9  ? ? N9 C DG 9  ? ? 110.10 108.30 1.80 0.30 N 
# 
loop_
_pdbx_unobs_or_zero_occ_atoms.id 
_pdbx_unobs_or_zero_occ_atoms.PDB_model_num 
_pdbx_unobs_or_zero_occ_atoms.polymer_flag 
_pdbx_unobs_or_zero_occ_atoms.occupancy_flag 
_pdbx_unobs_or_zero_occ_atoms.auth_asym_id 
_pdbx_unobs_or_zero_occ_atoms.auth_comp_id 
_pdbx_unobs_or_zero_occ_atoms.auth_seq_id 
_pdbx_unobs_or_zero_occ_atoms.PDB_ins_code 
_pdbx_unobs_or_zero_occ_atoms.auth_atom_id 
_pdbx_unobs_or_zero_occ_atoms.label_alt_id 
_pdbx_unobs_or_zero_occ_atoms.label_asym_id 
_pdbx_unobs_or_zero_occ_atoms.label_comp_id 
_pdbx_unobs_or_zero_occ_atoms.label_seq_id 
_pdbx_unobs_or_zero_occ_atoms.label_atom_id 
1 1 N 1 C CAC 101 ? O1 ? E CAC 1 O1 
2 1 N 1 C CAC 101 ? O2 ? E CAC 1 O2 
3 1 N 1 C CAC 101 ? C1 ? E CAC 1 C1 
4 1 N 1 C CAC 101 ? C2 ? E CAC 1 C2 
5 1 N 1 D CAC 101 ? O1 ? F CAC 1 O1 
6 1 N 1 D CAC 101 ? O2 ? F CAC 1 O2 
7 1 N 1 D CAC 101 ? C1 ? F CAC 1 C1 
8 1 N 1 D CAC 101 ? C2 ? F CAC 1 C2 
# 
loop_
_chem_comp_atom.comp_id 
_chem_comp_atom.atom_id 
_chem_comp_atom.type_symbol 
_chem_comp_atom.pdbx_aromatic_flag 
_chem_comp_atom.pdbx_stereo_config 
_chem_comp_atom.pdbx_ordinal 
CAC AS     AS N N 1   
CAC O1     O  N N 2   
CAC O2     O  N N 3   
CAC C1     C  N N 4   
CAC C2     C  N N 5   
CAC H11    H  N N 6   
CAC H12    H  N N 7   
CAC H13    H  N N 8   
CAC H21    H  N N 9   
CAC H22    H  N N 10  
CAC H23    H  N N 11  
DA  OP3    O  N N 12  
DA  P      P  N N 13  
DA  OP1    O  N N 14  
DA  OP2    O  N N 15  
DA  "O5'"  O  N N 16  
DA  "C5'"  C  N N 17  
DA  "C4'"  C  N R 18  
DA  "O4'"  O  N N 19  
DA  "C3'"  C  N S 20  
DA  "O3'"  O  N N 21  
DA  "C2'"  C  N N 22  
DA  "C1'"  C  N R 23  
DA  N9     N  Y N 24  
DA  C8     C  Y N 25  
DA  N7     N  Y N 26  
DA  C5     C  Y N 27  
DA  C6     C  Y N 28  
DA  N6     N  N N 29  
DA  N1     N  Y N 30  
DA  C2     C  Y N 31  
DA  N3     N  Y N 32  
DA  C4     C  Y N 33  
DA  HOP3   H  N N 34  
DA  HOP2   H  N N 35  
DA  "H5'"  H  N N 36  
DA  "H5''" H  N N 37  
DA  "H4'"  H  N N 38  
DA  "H3'"  H  N N 39  
DA  "HO3'" H  N N 40  
DA  "H2'"  H  N N 41  
DA  "H2''" H  N N 42  
DA  "H1'"  H  N N 43  
DA  H8     H  N N 44  
DA  H61    H  N N 45  
DA  H62    H  N N 46  
DA  H2     H  N N 47  
DC  OP3    O  N N 48  
DC  P      P  N N 49  
DC  OP1    O  N N 50  
DC  OP2    O  N N 51  
DC  "O5'"  O  N N 52  
DC  "C5'"  C  N N 53  
DC  "C4'"  C  N R 54  
DC  "O4'"  O  N N 55  
DC  "C3'"  C  N S 56  
DC  "O3'"  O  N N 57  
DC  "C2'"  C  N N 58  
DC  "C1'"  C  N R 59  
DC  N1     N  N N 60  
DC  C2     C  N N 61  
DC  O2     O  N N 62  
DC  N3     N  N N 63  
DC  C4     C  N N 64  
DC  N4     N  N N 65  
DC  C5     C  N N 66  
DC  C6     C  N N 67  
DC  HOP3   H  N N 68  
DC  HOP2   H  N N 69  
DC  "H5'"  H  N N 70  
DC  "H5''" H  N N 71  
DC  "H4'"  H  N N 72  
DC  "H3'"  H  N N 73  
DC  "HO3'" H  N N 74  
DC  "H2'"  H  N N 75  
DC  "H2''" H  N N 76  
DC  "H1'"  H  N N 77  
DC  H41    H  N N 78  
DC  H42    H  N N 79  
DC  H5     H  N N 80  
DC  H6     H  N N 81  
DG  OP3    O  N N 82  
DG  P      P  N N 83  
DG  OP1    O  N N 84  
DG  OP2    O  N N 85  
DG  "O5'"  O  N N 86  
DG  "C5'"  C  N N 87  
DG  "C4'"  C  N R 88  
DG  "O4'"  O  N N 89  
DG  "C3'"  C  N S 90  
DG  "O3'"  O  N N 91  
DG  "C2'"  C  N N 92  
DG  "C1'"  C  N R 93  
DG  N9     N  Y N 94  
DG  C8     C  Y N 95  
DG  N7     N  Y N 96  
DG  C5     C  Y N 97  
DG  C6     C  N N 98  
DG  O6     O  N N 99  
DG  N1     N  N N 100 
DG  C2     C  N N 101 
DG  N2     N  N N 102 
DG  N3     N  N N 103 
DG  C4     C  Y N 104 
DG  HOP3   H  N N 105 
DG  HOP2   H  N N 106 
DG  "H5'"  H  N N 107 
DG  "H5''" H  N N 108 
DG  "H4'"  H  N N 109 
DG  "H3'"  H  N N 110 
DG  "HO3'" H  N N 111 
DG  "H2'"  H  N N 112 
DG  "H2''" H  N N 113 
DG  "H1'"  H  N N 114 
DG  H8     H  N N 115 
DG  H1     H  N N 116 
DG  H21    H  N N 117 
DG  H22    H  N N 118 
DT  OP3    O  N N 119 
DT  P      P  N N 120 
DT  OP1    O  N N 121 
DT  OP2    O  N N 122 
DT  "O5'"  O  N N 123 
DT  "C5'"  C  N N 124 
DT  "C4'"  C  N R 125 
DT  "O4'"  O  N N 126 
DT  "C3'"  C  N S 127 
DT  "O3'"  O  N N 128 
DT  "C2'"  C  N N 129 
DT  "C1'"  C  N R 130 
DT  N1     N  N N 131 
DT  C2     C  N N 132 
DT  O2     O  N N 133 
DT  N3     N  N N 134 
DT  C4     C  N N 135 
DT  O4     O  N N 136 
DT  C5     C  N N 137 
DT  C7     C  N N 138 
DT  C6     C  N N 139 
DT  HOP3   H  N N 140 
DT  HOP2   H  N N 141 
DT  "H5'"  H  N N 142 
DT  "H5''" H  N N 143 
DT  "H4'"  H  N N 144 
DT  "H3'"  H  N N 145 
DT  "HO3'" H  N N 146 
DT  "H2'"  H  N N 147 
DT  "H2''" H  N N 148 
DT  "H1'"  H  N N 149 
DT  H3     H  N N 150 
DT  H71    H  N N 151 
DT  H72    H  N N 152 
DT  H73    H  N N 153 
DT  H6     H  N N 154 
# 
loop_
_chem_comp_bond.comp_id 
_chem_comp_bond.atom_id_1 
_chem_comp_bond.atom_id_2 
_chem_comp_bond.value_order 
_chem_comp_bond.pdbx_aromatic_flag 
_chem_comp_bond.pdbx_stereo_config 
_chem_comp_bond.pdbx_ordinal 
CAC AS    O1     doub N N 1   
CAC AS    O2     sing N N 2   
CAC AS    C1     sing N N 3   
CAC AS    C2     sing N N 4   
CAC C1    H11    sing N N 5   
CAC C1    H12    sing N N 6   
CAC C1    H13    sing N N 7   
CAC C2    H21    sing N N 8   
CAC C2    H22    sing N N 9   
CAC C2    H23    sing N N 10  
DA  OP3   P      sing N N 11  
DA  OP3   HOP3   sing N N 12  
DA  P     OP1    doub N N 13  
DA  P     OP2    sing N N 14  
DA  P     "O5'"  sing N N 15  
DA  OP2   HOP2   sing N N 16  
DA  "O5'" "C5'"  sing N N 17  
DA  "C5'" "C4'"  sing N N 18  
DA  "C5'" "H5'"  sing N N 19  
DA  "C5'" "H5''" sing N N 20  
DA  "C4'" "O4'"  sing N N 21  
DA  "C4'" "C3'"  sing N N 22  
DA  "C4'" "H4'"  sing N N 23  
DA  "O4'" "C1'"  sing N N 24  
DA  "C3'" "O3'"  sing N N 25  
DA  "C3'" "C2'"  sing N N 26  
DA  "C3'" "H3'"  sing N N 27  
DA  "O3'" "HO3'" sing N N 28  
DA  "C2'" "C1'"  sing N N 29  
DA  "C2'" "H2'"  sing N N 30  
DA  "C2'" "H2''" sing N N 31  
DA  "C1'" N9     sing N N 32  
DA  "C1'" "H1'"  sing N N 33  
DA  N9    C8     sing Y N 34  
DA  N9    C4     sing Y N 35  
DA  C8    N7     doub Y N 36  
DA  C8    H8     sing N N 37  
DA  N7    C5     sing Y N 38  
DA  C5    C6     sing Y N 39  
DA  C5    C4     doub Y N 40  
DA  C6    N6     sing N N 41  
DA  C6    N1     doub Y N 42  
DA  N6    H61    sing N N 43  
DA  N6    H62    sing N N 44  
DA  N1    C2     sing Y N 45  
DA  C2    N3     doub Y N 46  
DA  C2    H2     sing N N 47  
DA  N3    C4     sing Y N 48  
DC  OP3   P      sing N N 49  
DC  OP3   HOP3   sing N N 50  
DC  P     OP1    doub N N 51  
DC  P     OP2    sing N N 52  
DC  P     "O5'"  sing N N 53  
DC  OP2   HOP2   sing N N 54  
DC  "O5'" "C5'"  sing N N 55  
DC  "C5'" "C4'"  sing N N 56  
DC  "C5'" "H5'"  sing N N 57  
DC  "C5'" "H5''" sing N N 58  
DC  "C4'" "O4'"  sing N N 59  
DC  "C4'" "C3'"  sing N N 60  
DC  "C4'" "H4'"  sing N N 61  
DC  "O4'" "C1'"  sing N N 62  
DC  "C3'" "O3'"  sing N N 63  
DC  "C3'" "C2'"  sing N N 64  
DC  "C3'" "H3'"  sing N N 65  
DC  "O3'" "HO3'" sing N N 66  
DC  "C2'" "C1'"  sing N N 67  
DC  "C2'" "H2'"  sing N N 68  
DC  "C2'" "H2''" sing N N 69  
DC  "C1'" N1     sing N N 70  
DC  "C1'" "H1'"  sing N N 71  
DC  N1    C2     sing N N 72  
DC  N1    C6     sing N N 73  
DC  C2    O2     doub N N 74  
DC  C2    N3     sing N N 75  
DC  N3    C4     doub N N 76  
DC  C4    N4     sing N N 77  
DC  C4    C5     sing N N 78  
DC  N4    H41    sing N N 79  
DC  N4    H42    sing N N 80  
DC  C5    C6     doub N N 81  
DC  C5    H5     sing N N 82  
DC  C6    H6     sing N N 83  
DG  OP3   P      sing N N 84  
DG  OP3   HOP3   sing N N 85  
DG  P     OP1    doub N N 86  
DG  P     OP2    sing N N 87  
DG  P     "O5'"  sing N N 88  
DG  OP2   HOP2   sing N N 89  
DG  "O5'" "C5'"  sing N N 90  
DG  "C5'" "C4'"  sing N N 91  
DG  "C5'" "H5'"  sing N N 92  
DG  "C5'" "H5''" sing N N 93  
DG  "C4'" "O4'"  sing N N 94  
DG  "C4'" "C3'"  sing N N 95  
DG  "C4'" "H4'"  sing N N 96  
DG  "O4'" "C1'"  sing N N 97  
DG  "C3'" "O3'"  sing N N 98  
DG  "C3'" "C2'"  sing N N 99  
DG  "C3'" "H3'"  sing N N 100 
DG  "O3'" "HO3'" sing N N 101 
DG  "C2'" "C1'"  sing N N 102 
DG  "C2'" "H2'"  sing N N 103 
DG  "C2'" "H2''" sing N N 104 
DG  "C1'" N9     sing N N 105 
DG  "C1'" "H1'"  sing N N 106 
DG  N9    C8     sing Y N 107 
DG  N9    C4     sing Y N 108 
DG  C8    N7     doub Y N 109 
DG  C8    H8     sing N N 110 
DG  N7    C5     sing Y N 111 
DG  C5    C6     sing N N 112 
DG  C5    C4     doub Y N 113 
DG  C6    O6     doub N N 114 
DG  C6    N1     sing N N 115 
DG  N1    C2     sing N N 116 
DG  N1    H1     sing N N 117 
DG  C2    N2     sing N N 118 
DG  C2    N3     doub N N 119 
DG  N2    H21    sing N N 120 
DG  N2    H22    sing N N 121 
DG  N3    C4     sing N N 122 
DT  OP3   P      sing N N 123 
DT  OP3   HOP3   sing N N 124 
DT  P     OP1    doub N N 125 
DT  P     OP2    sing N N 126 
DT  P     "O5'"  sing N N 127 
DT  OP2   HOP2   sing N N 128 
DT  "O5'" "C5'"  sing N N 129 
DT  "C5'" "C4'"  sing N N 130 
DT  "C5'" "H5'"  sing N N 131 
DT  "C5'" "H5''" sing N N 132 
DT  "C4'" "O4'"  sing N N 133 
DT  "C4'" "C3'"  sing N N 134 
DT  "C4'" "H4'"  sing N N 135 
DT  "O4'" "C1'"  sing N N 136 
DT  "C3'" "O3'"  sing N N 137 
DT  "C3'" "C2'"  sing N N 138 
DT  "C3'" "H3'"  sing N N 139 
DT  "O3'" "HO3'" sing N N 140 
DT  "C2'" "C1'"  sing N N 141 
DT  "C2'" "H2'"  sing N N 142 
DT  "C2'" "H2''" sing N N 143 
DT  "C1'" N1     sing N N 144 
DT  "C1'" "H1'"  sing N N 145 
DT  N1    C2     sing N N 146 
DT  N1    C6     sing N N 147 
DT  C2    O2     doub N N 148 
DT  C2    N3     sing N N 149 
DT  N3    C4     sing N N 150 
DT  N3    H3     sing N N 151 
DT  C4    O4     doub N N 152 
DT  C4    C5     sing N N 153 
DT  C5    C7     sing N N 154 
DT  C5    C6     doub N N 155 
DT  C7    H71    sing N N 156 
DT  C7    H72    sing N N 157 
DT  C7    H73    sing N N 158 
DT  C6    H6     sing N N 159 
# 
loop_
_ndb_struct_conf_na.entry_id 
_ndb_struct_conf_na.feature 
6WSY 'double helix'        
6WSY 'a-form double helix' 
6WSY 'b-form double helix' 
# 
loop_
_ndb_struct_na_base_pair.model_number 
_ndb_struct_na_base_pair.i_label_asym_id 
_ndb_struct_na_base_pair.i_label_comp_id 
_ndb_struct_na_base_pair.i_label_seq_id 
_ndb_struct_na_base_pair.i_symmetry 
_ndb_struct_na_base_pair.j_label_asym_id 
_ndb_struct_na_base_pair.j_label_comp_id 
_ndb_struct_na_base_pair.j_label_seq_id 
_ndb_struct_na_base_pair.j_symmetry 
_ndb_struct_na_base_pair.shear 
_ndb_struct_na_base_pair.stretch 
_ndb_struct_na_base_pair.stagger 
_ndb_struct_na_base_pair.buckle 
_ndb_struct_na_base_pair.propeller 
_ndb_struct_na_base_pair.opening 
_ndb_struct_na_base_pair.pair_number 
_ndb_struct_na_base_pair.pair_name 
_ndb_struct_na_base_pair.i_auth_asym_id 
_ndb_struct_na_base_pair.i_auth_seq_id 
_ndb_struct_na_base_pair.i_PDB_ins_code 
_ndb_struct_na_base_pair.j_auth_asym_id 
_ndb_struct_na_base_pair.j_auth_seq_id 
_ndb_struct_na_base_pair.j_PDB_ins_code 
_ndb_struct_na_base_pair.hbond_type_28 
_ndb_struct_na_base_pair.hbond_type_12 
1 A DG 3  1_555 D DC 7 1_555 -0.161 -0.180 0.308  -3.621 -7.102  -1.740 1  A_DG3:DC16_D A 3  ? D 16 ? 19 1 
1 A DC 4  1_555 D DG 6 1_555 -1.240 0.984  0.240  -8.847 -7.975  -1.671 2  A_DC4:DG15_D A 4  ? D 15 ? ?  ? 
1 A DA 5  1_555 D DT 5 1_555 0.128  -0.086 0.372  1.174  -3.625  3.402  3  A_DA5:DT14_D A 5  ? D 14 ? 20 1 
1 A DG 6  1_555 D DC 4 1_555 -0.197 -0.178 0.213  2.375  -10.009 1.582  4  A_DG6:DC13_D A 6  ? D 13 ? 19 1 
1 A DA 7  1_555 D DT 3 1_555 0.052  -0.191 -0.137 -2.740 -7.215  0.426  5  A_DA7:DT12_D A 7  ? D 12 ? 20 1 
1 A DC 8  1_555 D DG 2 1_555 0.160  -0.275 0.446  1.861  -7.667  1.107  6  A_DC8:DG11_D A 8  ? D 11 ? 19 1 
1 A DC 9  1_555 D DG 1 1_555 0.143  -0.155 0.328  -4.435 -6.237  -0.328 7  A_DC9:DG10_D A 9  ? D 10 ? 19 1 
1 A DT 10 1_555 B DA 5 1_555 -0.304 -0.189 0.270  -6.743 -4.350  5.312  8  A_DT10:DA5_B A 10 ? B 5  ? 20 1 
1 A DG 11 1_555 B DC 4 1_555 -0.188 -0.148 0.207  4.474  -5.189  1.048  9  A_DG11:DC4_B A 11 ? B 4  ? 19 1 
1 A DA 12 1_555 B DT 3 1_555 0.201  -0.225 0.320  1.752  -2.887  -3.010 10 A_DA12:DT3_B A 12 ? B 3  ? 20 1 
1 A DC 13 1_555 B DG 2 1_555 0.208  -0.265 0.611  2.908  -5.022  -0.106 11 A_DC13:DG2_B A 13 ? B 2  ? 19 1 
1 A DA 14 1_555 B DT 1 1_555 0.105  -0.210 0.358  1.811  -7.395  -1.392 12 A_DA14:DT1_B A 14 ? B 1  ? 20 1 
1 A DC 15 1_555 C DG 9 1_555 0.130  -0.222 0.479  -5.901 -7.180  -0.672 13 A_DC15:DG9_C A 15 ? C 9  ? 19 1 
1 A DC 16 1_555 C DG 8 1_555 0.157  -0.147 0.520  -3.430 -4.269  0.506  14 A_DC16:DG8_C A 16 ? C 8  ? 19 1 
1 A DA 17 1_555 C DT 7 1_555 0.100  -0.219 0.550  1.516  -4.637  -2.561 15 A_DA17:DT7_C A 17 ? C 7  ? 20 1 
1 A DC 18 1_555 C DG 6 1_555 0.139  -0.263 0.459  0.274  -4.454  -2.350 16 A_DC18:DG6_C A 18 ? C 6  ? 19 1 
1 A DT 19 1_555 C DA 5 1_555 -0.136 -0.128 0.223  -0.681 -5.806  2.303  17 A_DT19:DA5_C A 19 ? C 5  ? 20 1 
1 A DC 20 1_555 C DG 4 1_555 0.196  -0.065 0.303  -0.494 -8.163  0.247  18 A_DC20:DG4_C A 20 ? C 4  ? 19 1 
1 A DA 21 1_555 C DT 3 1_555 0.258  -0.328 1.086  9.615  -9.091  1.444  19 A_DA21:DT3_C A 21 ? C 3  ? 20 1 
# 
loop_
_ndb_struct_na_base_pair_step.model_number 
_ndb_struct_na_base_pair_step.i_label_asym_id_1 
_ndb_struct_na_base_pair_step.i_label_comp_id_1 
_ndb_struct_na_base_pair_step.i_label_seq_id_1 
_ndb_struct_na_base_pair_step.i_symmetry_1 
_ndb_struct_na_base_pair_step.j_label_asym_id_1 
_ndb_struct_na_base_pair_step.j_label_comp_id_1 
_ndb_struct_na_base_pair_step.j_label_seq_id_1 
_ndb_struct_na_base_pair_step.j_symmetry_1 
_ndb_struct_na_base_pair_step.i_label_asym_id_2 
_ndb_struct_na_base_pair_step.i_label_comp_id_2 
_ndb_struct_na_base_pair_step.i_label_seq_id_2 
_ndb_struct_na_base_pair_step.i_symmetry_2 
_ndb_struct_na_base_pair_step.j_label_asym_id_2 
_ndb_struct_na_base_pair_step.j_label_comp_id_2 
_ndb_struct_na_base_pair_step.j_label_seq_id_2 
_ndb_struct_na_base_pair_step.j_symmetry_2 
_ndb_struct_na_base_pair_step.shift 
_ndb_struct_na_base_pair_step.slide 
_ndb_struct_na_base_pair_step.rise 
_ndb_struct_na_base_pair_step.tilt 
_ndb_struct_na_base_pair_step.roll 
_ndb_struct_na_base_pair_step.twist 
_ndb_struct_na_base_pair_step.x_displacement 
_ndb_struct_na_base_pair_step.y_displacement 
_ndb_struct_na_base_pair_step.helical_rise 
_ndb_struct_na_base_pair_step.inclination 
_ndb_struct_na_base_pair_step.tip 
_ndb_struct_na_base_pair_step.helical_twist 
_ndb_struct_na_base_pair_step.step_number 
_ndb_struct_na_base_pair_step.step_name 
_ndb_struct_na_base_pair_step.i_auth_asym_id_1 
_ndb_struct_na_base_pair_step.i_auth_seq_id_1 
_ndb_struct_na_base_pair_step.i_PDB_ins_code_1 
_ndb_struct_na_base_pair_step.j_auth_asym_id_1 
_ndb_struct_na_base_pair_step.j_auth_seq_id_1 
_ndb_struct_na_base_pair_step.j_PDB_ins_code_1 
_ndb_struct_na_base_pair_step.i_auth_asym_id_2 
_ndb_struct_na_base_pair_step.i_auth_seq_id_2 
_ndb_struct_na_base_pair_step.i_PDB_ins_code_2 
_ndb_struct_na_base_pair_step.j_auth_asym_id_2 
_ndb_struct_na_base_pair_step.j_auth_seq_id_2 
_ndb_struct_na_base_pair_step.j_PDB_ins_code_2 
1 A DG 3  1_555 D DC 7 1_555 A DC 4  1_555 D DG 6 1_555 -1.379 -0.933 3.231 -3.928 1.745  24.576 -2.688 2.005  3.334 4.059  9.138  
24.943 1  AA_DG3DC4:DG15DC16_DD A 3  ? D 16 ? A 4  ? D 15 ? 
1 A DC 4  1_555 D DG 6 1_555 A DA 5  1_555 D DT 5 1_555 -0.135 1.017  3.252 -2.953 3.513  41.459 1.056  -0.124 3.325 4.944  4.156  
41.701 2  AA_DC4DA5:DT14DG15_DD A 4  ? D 15 ? A 5  ? D 14 ? 
1 A DA 5  1_555 D DT 5 1_555 A DG 6  1_555 D DC 4 1_555 -0.133 -0.346 3.233 -1.805 1.005  28.573 -0.923 -0.134 3.221 2.033  3.652  
28.646 3  AA_DA5DG6:DC13DT14_DD A 5  ? D 14 ? A 6  ? D 13 ? 
1 A DG 6  1_555 D DC 4 1_555 A DA 7  1_555 D DT 3 1_555 0.162  -0.506 3.400 -2.253 -3.429 40.234 -0.330 -0.498 3.417 -4.970 3.265  
40.434 4  AA_DG6DA7:DT12DC13_DD A 6  ? D 13 ? A 7  ? D 12 ? 
1 A DA 7  1_555 D DT 3 1_555 A DC 8  1_555 D DG 2 1_555 0.469  -0.838 3.149 -7.971 -1.639 33.655 -1.168 -1.960 2.999 -2.781 13.522 
34.597 5  AA_DA7DC8:DG11DT12_DD A 7  ? D 12 ? A 8  ? D 11 ? 
1 A DC 8  1_555 D DG 2 1_555 A DC 9  1_555 D DG 1 1_555 -0.405 -1.819 3.335 -1.965 -0.688 33.356 -3.046 0.370  3.389 -1.198 3.420  
33.419 6  AA_DC8DC9:DG10DG11_DD A 8  ? D 11 ? A 9  ? D 10 ? 
1 A DC 9  1_555 D DG 1 1_555 A DT 10 1_555 B DA 5 1_555 -0.966 -1.290 3.236 1.338  3.013  26.616 -3.529 2.416  3.022 6.513  -2.893 
26.816 7  AA_DC9DT10:DA5DG10_BD A 9  ? D 10 ? A 10 ? B 5  ? 
1 A DT 10 1_555 B DA 5 1_555 A DG 11 1_555 B DC 4 1_555 -0.658 0.964  3.145 -3.877 4.793  31.843 0.888  0.499  3.306 8.635  6.984  
32.419 8  AA_DT10DG11:DC4DA5_BB A 10 ? B 5  ? A 11 ? B 4  ? 
1 A DG 11 1_555 B DC 4 1_555 A DA 12 1_555 B DT 3 1_555 -0.162 -0.186 3.381 -3.554 1.998  37.542 -0.555 -0.225 3.367 3.094  5.502  
37.755 9  AA_DG11DA12:DT3DC4_BB A 11 ? B 4  ? A 12 ? B 3  ? 
1 A DA 12 1_555 B DT 3 1_555 A DC 13 1_555 B DG 2 1_555 0.732  -0.903 3.209 -4.780 1.248  30.564 -1.923 -2.258 3.024 2.348  8.993  
30.951 10 AA_DA12DC13:DG2DT3_BB A 12 ? B 3  ? A 13 ? B 2  ? 
1 A DC 13 1_555 B DG 2 1_555 A DA 14 1_555 B DT 1 1_555 -0.851 -0.771 3.143 -2.021 1.629  41.736 -1.244 0.989  3.148 2.284  2.833  
41.813 11 AA_DC13DA14:DT1DG2_BB A 13 ? B 2  ? A 14 ? B 1  ? 
1 A DA 14 1_555 B DT 1 1_555 A DC 15 1_555 C DG 9 1_555 -0.625 -0.769 3.366 -2.232 -1.482 29.118 -1.189 0.733  3.437 -2.939 4.427  
29.238 12 AA_DA14DC15:DG9DT1_CB A 14 ? B 1  ? A 15 ? C 9  ? 
1 A DC 15 1_555 C DG 9 1_555 A DC 16 1_555 C DG 8 1_555 -0.486 0.143  3.342 -0.658 3.791  29.131 -0.554 0.813  3.343 7.495  1.301  
29.378 13 AA_DC15DC16:DG8DG9_CC A 15 ? C 9  ? A 16 ? C 8  ? 
1 A DC 16 1_555 C DG 8 1_555 A DA 17 1_555 C DT 7 1_555 -0.018 1.263  3.237 -2.161 -5.182 44.215 2.127  -0.169 3.075 -6.852 2.858  
44.553 14 AA_DC16DA17:DT7DG8_CC A 16 ? C 8  ? A 17 ? C 7  ? 
1 A DA 17 1_555 C DT 7 1_555 A DC 18 1_555 C DG 6 1_555 0.281  -1.093 3.365 0.222  -0.298 28.935 -2.120 -0.512 3.378 -0.597 -0.444 
28.938 15 AA_DA17DC18:DG6DT7_CC A 17 ? C 7  ? A 18 ? C 6  ? 
1 A DC 18 1_555 C DG 6 1_555 A DT 19 1_555 C DA 5 1_555 -0.092 -0.643 3.295 3.556  0.257  30.747 -1.255 0.864  3.259 0.482  -6.679 
30.948 16 AA_DC18DT19:DA5DG6_CC A 18 ? C 6  ? A 19 ? C 5  ? 
1 A DT 19 1_555 C DA 5 1_555 A DC 20 1_555 C DG 4 1_555 0.208  0.043  3.317 2.080  3.423  39.103 -0.350 -0.057 3.316 5.098  -3.098 
39.300 17 AA_DT19DC20:DG4DA5_CC A 19 ? C 5  ? A 20 ? C 4  ? 
1 A DC 20 1_555 C DG 4 1_555 A DA 21 1_555 C DT 3 1_555 0.524  1.046  3.213 -5.691 -0.167 43.324 1.421  -1.235 3.119 -0.225 7.669  
43.679 18 AA_DC20DA21:DT3DG4_CC A 20 ? C 4  ? A 21 ? C 3  ? 
# 
loop_
_pdbx_audit_support.funding_organization 
_pdbx_audit_support.country 
_pdbx_audit_support.grant_number 
_pdbx_audit_support.ordinal 
'National Science Foundation (NSF, United States)'                                         'United States' 1360635     1 
'National Institutes of Health/National Institute of General Medical Sciences (NIH/NIGMS)' 'United States' R01GM104960 2 
'National Science Foundation (NSF, United States)'                                         'United States' NSF2004250  3 
# 
_pdbx_entity_nonpoly.entity_id   5 
_pdbx_entity_nonpoly.name        'CACODYLATE ION' 
_pdbx_entity_nonpoly.comp_id     CAC 
# 
_pdbx_initial_refinement_model.id               1 
_pdbx_initial_refinement_model.entity_id_list   ? 
_pdbx_initial_refinement_model.type             'experimental model' 
_pdbx_initial_refinement_model.source_name      PDB 
_pdbx_initial_refinement_model.accession_code   5KEK 
_pdbx_initial_refinement_model.details          ? 
# 
_pdbx_struct_assembly_auth_evidence.id                     1 
_pdbx_struct_assembly_auth_evidence.assembly_id            1 
_pdbx_struct_assembly_auth_evidence.experimental_support   none 
_pdbx_struct_assembly_auth_evidence.details                ? 
# 
